data_3PU6
# 
_entry.id   3PU6 
# 
_audit_conform.dict_name       mmcif_pdbx.dic 
_audit_conform.dict_version    5.398 
_audit_conform.dict_location   http://mmcif.pdb.org/dictionaries/ascii/mmcif_pdbx.dic 
# 
loop_
_database_2.database_id 
_database_2.database_code 
_database_2.pdbx_database_accession 
_database_2.pdbx_DOI 
PDB   3PU6         pdb_00003pu6 10.2210/pdb3pu6/pdb 
RCSB  RCSB062815   ?            ?                   
WWPDB D_1000062815 ?            ?                   
# 
loop_
_pdbx_audit_revision_history.ordinal 
_pdbx_audit_revision_history.data_content_type 
_pdbx_audit_revision_history.major_revision 
_pdbx_audit_revision_history.minor_revision 
_pdbx_audit_revision_history.revision_date 
1 'Structure model' 1 0 2011-01-19 
2 'Structure model' 1 1 2011-07-13 
3 'Structure model' 1 2 2021-02-10 
4 'Structure model' 1 3 2024-11-06 
# 
_pdbx_audit_revision_details.ordinal             1 
_pdbx_audit_revision_details.revision_ordinal    1 
_pdbx_audit_revision_details.data_content_type   'Structure model' 
_pdbx_audit_revision_details.provider            repository 
_pdbx_audit_revision_details.type                'Initial release' 
_pdbx_audit_revision_details.description         ? 
_pdbx_audit_revision_details.details             ? 
# 
loop_
_pdbx_audit_revision_group.ordinal 
_pdbx_audit_revision_group.revision_ordinal 
_pdbx_audit_revision_group.data_content_type 
_pdbx_audit_revision_group.group 
1 2 'Structure model' 'Version format compliance' 
2 3 'Structure model' 'Database references'       
3 3 'Structure model' 'Derived calculations'      
4 3 'Structure model' 'Structure summary'         
5 4 'Structure model' 'Data collection'           
6 4 'Structure model' 'Database references'       
7 4 'Structure model' 'Structure summary'         
# 
loop_
_pdbx_audit_revision_category.ordinal 
_pdbx_audit_revision_category.revision_ordinal 
_pdbx_audit_revision_category.data_content_type 
_pdbx_audit_revision_category.category 
1 3 'Structure model' audit_author              
2 3 'Structure model' citation_author           
3 3 'Structure model' struct_conn               
4 3 'Structure model' struct_ref_seq_dif        
5 4 'Structure model' chem_comp_atom            
6 4 'Structure model' chem_comp_bond            
7 4 'Structure model' database_2                
8 4 'Structure model' pdbx_entry_details        
9 4 'Structure model' pdbx_modification_feature 
# 
loop_
_pdbx_audit_revision_item.ordinal 
_pdbx_audit_revision_item.revision_ordinal 
_pdbx_audit_revision_item.data_content_type 
_pdbx_audit_revision_item.item 
1 3 'Structure model' '_audit_author.identifier_ORCID'      
2 3 'Structure model' '_citation_author.identifier_ORCID'   
3 3 'Structure model' '_struct_conn.pdbx_leaving_atom_flag' 
4 3 'Structure model' '_struct_ref_seq_dif.details'         
5 4 'Structure model' '_database_2.pdbx_DOI'                
6 4 'Structure model' '_database_2.pdbx_database_accession' 
# 
_pdbx_database_status.status_code                     REL 
_pdbx_database_status.entry_id                        3PU6 
_pdbx_database_status.recvd_initial_deposition_date   2010-12-03 
_pdbx_database_status.deposit_site                    RCSB 
_pdbx_database_status.process_site                    RCSB 
_pdbx_database_status.status_code_sf                  REL 
_pdbx_database_status.status_code_mr                  ? 
_pdbx_database_status.SG_entry                        Y 
_pdbx_database_status.status_code_cs                  ? 
_pdbx_database_status.pdb_format_compatible           Y 
_pdbx_database_status.status_code_nmr_data            ? 
_pdbx_database_status.methods_development_category    ? 
# 
_pdbx_database_related.db_name        TargetDB 
_pdbx_database_related.db_id          NYSGXRC-11294b 
_pdbx_database_related.details        . 
_pdbx_database_related.content_type   unspecified 
# 
loop_
_audit_author.name 
_audit_author.pdbx_ordinal 
_audit_author.identifier_ORCID 
'Zhang, Z.'                                                      1 ?                   
'Burley, S.K.'                                                   2 0000-0002-2487-9713 
'Swaminathan, S.'                                                3 ?                   
'New York SGX Research Center for Structural Genomics (NYSGXRC)' 4 ?                   
# 
_citation.id                        primary 
_citation.title                     'The crystal structure of an uncharacterized protein from Wolinella succinogenes' 
_citation.journal_abbrev            'TO BE PUBLISHED' 
_citation.journal_volume            ? 
_citation.page_first                ? 
_citation.page_last                 ? 
_citation.year                      ? 
_citation.journal_id_ASTM           ? 
_citation.country                   ? 
_citation.journal_id_ISSN           ? 
_citation.journal_id_CSD            0353 
_citation.book_publisher            ? 
_citation.pdbx_database_id_PubMed   ? 
_citation.pdbx_database_id_DOI      ? 
# 
loop_
_citation_author.citation_id 
_citation_author.name 
_citation_author.ordinal 
_citation_author.identifier_ORCID 
primary 'Zhang, Z.'       1 ?                   
primary 'Burley, S.K.'    2 0000-0002-2487-9713 
primary 'Swaminathan, S.' 3 ?                   
# 
loop_
_entity.id 
_entity.type 
_entity.src_method 
_entity.pdbx_description 
_entity.formula_weight 
_entity.pdbx_number_of_molecules 
_entity.pdbx_ec 
_entity.pdbx_mutation 
_entity.pdbx_fragment 
_entity.details 
1 polymer man 'Uncharacterized protein' 17622.463 1  ? ? ? ? 
2 water   nat water                     18.015    11 ? ? ? ? 
# 
_entity_poly.entity_id                      1 
_entity_poly.type                           'polypeptide(L)' 
_entity_poly.nstd_linkage                   no 
_entity_poly.nstd_monomer                   yes 
_entity_poly.pdbx_seq_one_letter_code       
;(MSE)SLKKVLLCVGNELRGDDGVAIALGRLVEEQ(MSE)PEWSVFFGYDTPESEFGKLRELAPDVIVVADA(MSE)SGF
KEGEIEFLDLSDERTYLYSTHNLPTPILISYLRGICSKTIFLGISVLLENVLHFSEGLSQGASDSAFVALGRIKELDG
(MSE)LKEGHHHHHH
;
_entity_poly.pdbx_seq_one_letter_code_can   
;MSLKKVLLCVGNELRGDDGVAIALGRLVEEQMPEWSVFFGYDTPESEFGKLRELAPDVIVVADAMSGFKEGEIEFLDLSD
ERTYLYSTHNLPTPILISYLRGICSKTIFLGISVLLENVLHFSEGLSQGASDSAFVALGRIKELDGMLKEGHHHHHH
;
_entity_poly.pdbx_strand_id                 A 
_entity_poly.pdbx_target_identifier         NYSGXRC-11294b 
# 
_pdbx_entity_nonpoly.entity_id   2 
_pdbx_entity_nonpoly.name        water 
_pdbx_entity_nonpoly.comp_id     HOH 
# 
loop_
_entity_poly_seq.entity_id 
_entity_poly_seq.num 
_entity_poly_seq.mon_id 
_entity_poly_seq.hetero 
1 1   MSE n 
1 2   SER n 
1 3   LEU n 
1 4   LYS n 
1 5   LYS n 
1 6   VAL n 
1 7   LEU n 
1 8   LEU n 
1 9   CYS n 
1 10  VAL n 
1 11  GLY n 
1 12  ASN n 
1 13  GLU n 
1 14  LEU n 
1 15  ARG n 
1 16  GLY n 
1 17  ASP n 
1 18  ASP n 
1 19  GLY n 
1 20  VAL n 
1 21  ALA n 
1 22  ILE n 
1 23  ALA n 
1 24  LEU n 
1 25  GLY n 
1 26  ARG n 
1 27  LEU n 
1 28  VAL n 
1 29  GLU n 
1 30  GLU n 
1 31  GLN n 
1 32  MSE n 
1 33  PRO n 
1 34  GLU n 
1 35  TRP n 
1 36  SER n 
1 37  VAL n 
1 38  PHE n 
1 39  PHE n 
1 40  GLY n 
1 41  TYR n 
1 42  ASP n 
1 43  THR n 
1 44  PRO n 
1 45  GLU n 
1 46  SER n 
1 47  GLU n 
1 48  PHE n 
1 49  GLY n 
1 50  LYS n 
1 51  LEU n 
1 52  ARG n 
1 53  GLU n 
1 54  LEU n 
1 55  ALA n 
1 56  PRO n 
1 57  ASP n 
1 58  VAL n 
1 59  ILE n 
1 60  VAL n 
1 61  VAL n 
1 62  ALA n 
1 63  ASP n 
1 64  ALA n 
1 65  MSE n 
1 66  SER n 
1 67  GLY n 
1 68  PHE n 
1 69  LYS n 
1 70  GLU n 
1 71  GLY n 
1 72  GLU n 
1 73  ILE n 
1 74  GLU n 
1 75  PHE n 
1 76  LEU n 
1 77  ASP n 
1 78  LEU n 
1 79  SER n 
1 80  ASP n 
1 81  GLU n 
1 82  ARG n 
1 83  THR n 
1 84  TYR n 
1 85  LEU n 
1 86  TYR n 
1 87  SER n 
1 88  THR n 
1 89  HIS n 
1 90  ASN n 
1 91  LEU n 
1 92  PRO n 
1 93  THR n 
1 94  PRO n 
1 95  ILE n 
1 96  LEU n 
1 97  ILE n 
1 98  SER n 
1 99  TYR n 
1 100 LEU n 
1 101 ARG n 
1 102 GLY n 
1 103 ILE n 
1 104 CYS n 
1 105 SER n 
1 106 LYS n 
1 107 THR n 
1 108 ILE n 
1 109 PHE n 
1 110 LEU n 
1 111 GLY n 
1 112 ILE n 
1 113 SER n 
1 114 VAL n 
1 115 LEU n 
1 116 LEU n 
1 117 GLU n 
1 118 ASN n 
1 119 VAL n 
1 120 LEU n 
1 121 HIS n 
1 122 PHE n 
1 123 SER n 
1 124 GLU n 
1 125 GLY n 
1 126 LEU n 
1 127 SER n 
1 128 GLN n 
1 129 GLY n 
1 130 ALA n 
1 131 SER n 
1 132 ASP n 
1 133 SER n 
1 134 ALA n 
1 135 PHE n 
1 136 VAL n 
1 137 ALA n 
1 138 LEU n 
1 139 GLY n 
1 140 ARG n 
1 141 ILE n 
1 142 LYS n 
1 143 GLU n 
1 144 LEU n 
1 145 ASP n 
1 146 GLY n 
1 147 MSE n 
1 148 LEU n 
1 149 LYS n 
1 150 GLU n 
1 151 GLY n 
1 152 HIS n 
1 153 HIS n 
1 154 HIS n 
1 155 HIS n 
1 156 HIS n 
1 157 HIS n 
# 
_entity_src_gen.entity_id                          1 
_entity_src_gen.pdbx_src_id                        1 
_entity_src_gen.pdbx_alt_source_flag               sample 
_entity_src_gen.pdbx_seq_type                      ? 
_entity_src_gen.pdbx_beg_seq_num                   ? 
_entity_src_gen.pdbx_end_seq_num                   ? 
_entity_src_gen.gene_src_common_name               ? 
_entity_src_gen.gene_src_genus                     ? 
_entity_src_gen.pdbx_gene_src_gene                 WS1834 
_entity_src_gen.gene_src_species                   ? 
_entity_src_gen.gene_src_strain                    ? 
_entity_src_gen.gene_src_tissue                    ? 
_entity_src_gen.gene_src_tissue_fraction           ? 
_entity_src_gen.gene_src_details                   ? 
_entity_src_gen.pdbx_gene_src_fragment             ? 
_entity_src_gen.pdbx_gene_src_scientific_name      'Wolinella succinogenes' 
_entity_src_gen.pdbx_gene_src_ncbi_taxonomy_id     844 
_entity_src_gen.pdbx_gene_src_variant              ? 
_entity_src_gen.pdbx_gene_src_cell_line            ? 
_entity_src_gen.pdbx_gene_src_atcc                 ? 
_entity_src_gen.pdbx_gene_src_organ                ? 
_entity_src_gen.pdbx_gene_src_organelle            ? 
_entity_src_gen.pdbx_gene_src_cell                 ? 
_entity_src_gen.pdbx_gene_src_cellular_location    ? 
_entity_src_gen.host_org_common_name               ? 
_entity_src_gen.pdbx_host_org_scientific_name      'Escherichia coli' 
_entity_src_gen.pdbx_host_org_ncbi_taxonomy_id     469008 
_entity_src_gen.host_org_genus                     ? 
_entity_src_gen.pdbx_host_org_gene                 ? 
_entity_src_gen.pdbx_host_org_organ                ? 
_entity_src_gen.host_org_species                   ? 
_entity_src_gen.pdbx_host_org_tissue               ? 
_entity_src_gen.pdbx_host_org_tissue_fraction      ? 
_entity_src_gen.pdbx_host_org_strain               'BL21 (DE3) - codon+RIL (p) -Stratagene' 
_entity_src_gen.pdbx_host_org_variant              ? 
_entity_src_gen.pdbx_host_org_cell_line            ? 
_entity_src_gen.pdbx_host_org_atcc                 ? 
_entity_src_gen.pdbx_host_org_culture_collection   ? 
_entity_src_gen.pdbx_host_org_cell                 ? 
_entity_src_gen.pdbx_host_org_organelle            ? 
_entity_src_gen.pdbx_host_org_cellular_location    ? 
_entity_src_gen.pdbx_host_org_vector_type          plasmid 
_entity_src_gen.pdbx_host_org_vector               ? 
_entity_src_gen.host_org_details                   ? 
_entity_src_gen.expression_system_id               ? 
_entity_src_gen.plasmid_name                       BC-pSGX3 
_entity_src_gen.plasmid_details                    ? 
_entity_src_gen.pdbx_description                   ? 
# 
loop_
_chem_comp.id 
_chem_comp.type 
_chem_comp.mon_nstd_flag 
_chem_comp.name 
_chem_comp.pdbx_synonyms 
_chem_comp.formula 
_chem_comp.formula_weight 
ALA 'L-peptide linking' y ALANINE          ? 'C3 H7 N O2'     89.093  
ARG 'L-peptide linking' y ARGININE         ? 'C6 H15 N4 O2 1' 175.209 
ASN 'L-peptide linking' y ASPARAGINE       ? 'C4 H8 N2 O3'    132.118 
ASP 'L-peptide linking' y 'ASPARTIC ACID'  ? 'C4 H7 N O4'     133.103 
CYS 'L-peptide linking' y CYSTEINE         ? 'C3 H7 N O2 S'   121.158 
GLN 'L-peptide linking' y GLUTAMINE        ? 'C5 H10 N2 O3'   146.144 
GLU 'L-peptide linking' y 'GLUTAMIC ACID'  ? 'C5 H9 N O4'     147.129 
GLY 'peptide linking'   y GLYCINE          ? 'C2 H5 N O2'     75.067  
HIS 'L-peptide linking' y HISTIDINE        ? 'C6 H10 N3 O2 1' 156.162 
HOH non-polymer         . WATER            ? 'H2 O'           18.015  
ILE 'L-peptide linking' y ISOLEUCINE       ? 'C6 H13 N O2'    131.173 
LEU 'L-peptide linking' y LEUCINE          ? 'C6 H13 N O2'    131.173 
LYS 'L-peptide linking' y LYSINE           ? 'C6 H15 N2 O2 1' 147.195 
MSE 'L-peptide linking' n SELENOMETHIONINE ? 'C5 H11 N O2 Se' 196.106 
PHE 'L-peptide linking' y PHENYLALANINE    ? 'C9 H11 N O2'    165.189 
PRO 'L-peptide linking' y PROLINE          ? 'C5 H9 N O2'     115.130 
SER 'L-peptide linking' y SERINE           ? 'C3 H7 N O3'     105.093 
THR 'L-peptide linking' y THREONINE        ? 'C4 H9 N O3'     119.119 
TRP 'L-peptide linking' y TRYPTOPHAN       ? 'C11 H12 N2 O2'  204.225 
TYR 'L-peptide linking' y TYROSINE         ? 'C9 H11 N O3'    181.189 
VAL 'L-peptide linking' y VALINE           ? 'C5 H11 N O2'    117.146 
# 
loop_
_pdbx_poly_seq_scheme.asym_id 
_pdbx_poly_seq_scheme.entity_id 
_pdbx_poly_seq_scheme.seq_id 
_pdbx_poly_seq_scheme.mon_id 
_pdbx_poly_seq_scheme.ndb_seq_num 
_pdbx_poly_seq_scheme.pdb_seq_num 
_pdbx_poly_seq_scheme.auth_seq_num 
_pdbx_poly_seq_scheme.pdb_mon_id 
_pdbx_poly_seq_scheme.auth_mon_id 
_pdbx_poly_seq_scheme.pdb_strand_id 
_pdbx_poly_seq_scheme.pdb_ins_code 
_pdbx_poly_seq_scheme.hetero 
A 1 1   MSE 1   -1  ?   ?   ?   A . n 
A 1 2   SER 2   0   ?   ?   ?   A . n 
A 1 3   LEU 3   1   1   LEU LEU A . n 
A 1 4   LYS 4   2   2   LYS LYS A . n 
A 1 5   LYS 5   3   3   LYS LYS A . n 
A 1 6   VAL 6   4   4   VAL VAL A . n 
A 1 7   LEU 7   5   5   LEU LEU A . n 
A 1 8   LEU 8   6   6   LEU LEU A . n 
A 1 9   CYS 9   7   7   CYS CYS A . n 
A 1 10  VAL 10  8   8   VAL VAL A . n 
A 1 11  GLY 11  9   9   GLY GLY A . n 
A 1 12  ASN 12  10  10  ASN ASN A . n 
A 1 13  GLU 13  11  11  GLU GLU A . n 
A 1 14  LEU 14  12  12  LEU LEU A . n 
A 1 15  ARG 15  13  13  ARG ARG A . n 
A 1 16  GLY 16  14  14  GLY GLY A . n 
A 1 17  ASP 17  15  15  ASP ASP A . n 
A 1 18  ASP 18  16  16  ASP ASP A . n 
A 1 19  GLY 19  17  17  GLY GLY A . n 
A 1 20  VAL 20  18  18  VAL VAL A . n 
A 1 21  ALA 21  19  19  ALA ALA A . n 
A 1 22  ILE 22  20  20  ILE ILE A . n 
A 1 23  ALA 23  21  21  ALA ALA A . n 
A 1 24  LEU 24  22  22  LEU LEU A . n 
A 1 25  GLY 25  23  23  GLY GLY A . n 
A 1 26  ARG 26  24  24  ARG ARG A . n 
A 1 27  LEU 27  25  25  LEU LEU A . n 
A 1 28  VAL 28  26  26  VAL VAL A . n 
A 1 29  GLU 29  27  27  GLU GLU A . n 
A 1 30  GLU 30  28  28  GLU GLU A . n 
A 1 31  GLN 31  29  29  GLN GLN A . n 
A 1 32  MSE 32  30  30  MSE MSE A . n 
A 1 33  PRO 33  31  31  PRO PRO A . n 
A 1 34  GLU 34  32  32  GLU GLU A . n 
A 1 35  TRP 35  33  33  TRP TRP A . n 
A 1 36  SER 36  34  34  SER SER A . n 
A 1 37  VAL 37  35  35  VAL VAL A . n 
A 1 38  PHE 38  36  36  PHE PHE A . n 
A 1 39  PHE 39  37  37  PHE PHE A . n 
A 1 40  GLY 40  38  38  GLY GLY A . n 
A 1 41  TYR 41  39  39  TYR TYR A . n 
A 1 42  ASP 42  40  40  ASP ASP A . n 
A 1 43  THR 43  41  41  THR THR A . n 
A 1 44  PRO 44  42  42  PRO PRO A . n 
A 1 45  GLU 45  43  43  GLU GLU A . n 
A 1 46  SER 46  44  44  SER SER A . n 
A 1 47  GLU 47  45  45  GLU GLU A . n 
A 1 48  PHE 48  46  46  PHE PHE A . n 
A 1 49  GLY 49  47  47  GLY GLY A . n 
A 1 50  LYS 50  48  48  LYS LYS A . n 
A 1 51  LEU 51  49  49  LEU LEU A . n 
A 1 52  ARG 52  50  50  ARG ARG A . n 
A 1 53  GLU 53  51  51  GLU GLU A . n 
A 1 54  LEU 54  52  52  LEU LEU A . n 
A 1 55  ALA 55  53  53  ALA ALA A . n 
A 1 56  PRO 56  54  54  PRO PRO A . n 
A 1 57  ASP 57  55  55  ASP ASP A . n 
A 1 58  VAL 58  56  56  VAL VAL A . n 
A 1 59  ILE 59  57  57  ILE ILE A . n 
A 1 60  VAL 60  58  58  VAL VAL A . n 
A 1 61  VAL 61  59  59  VAL VAL A . n 
A 1 62  ALA 62  60  60  ALA ALA A . n 
A 1 63  ASP 63  61  61  ASP ASP A . n 
A 1 64  ALA 64  62  62  ALA ALA A . n 
A 1 65  MSE 65  63  63  MSE MSE A . n 
A 1 66  SER 66  64  64  SER SER A . n 
A 1 67  GLY 67  65  65  GLY GLY A . n 
A 1 68  PHE 68  66  ?   ?   ?   A . n 
A 1 69  LYS 69  67  ?   ?   ?   A . n 
A 1 70  GLU 70  68  ?   ?   ?   A . n 
A 1 71  GLY 71  69  ?   ?   ?   A . n 
A 1 72  GLU 72  70  70  GLU ALA A . n 
A 1 73  ILE 73  71  71  ILE ILE A . n 
A 1 74  GLU 74  72  72  GLU GLU A . n 
A 1 75  PHE 75  73  73  PHE PHE A . n 
A 1 76  LEU 76  74  74  LEU LEU A . n 
A 1 77  ASP 77  75  75  ASP ASP A . n 
A 1 78  LEU 78  76  76  LEU LEU A . n 
A 1 79  SER 79  77  77  SER SER A . n 
A 1 80  ASP 80  78  78  ASP ASP A . n 
A 1 81  GLU 81  79  79  GLU GLU A . n 
A 1 82  ARG 82  80  80  ARG ARG A . n 
A 1 83  THR 83  81  81  THR THR A . n 
A 1 84  TYR 84  82  82  TYR TYR A . n 
A 1 85  LEU 85  83  83  LEU LEU A . n 
A 1 86  TYR 86  84  84  TYR TYR A . n 
A 1 87  SER 87  85  ?   ?   ?   A . n 
A 1 88  THR 88  86  ?   ?   ?   A . n 
A 1 89  HIS 89  87  ?   ?   ?   A . n 
A 1 90  ASN 90  88  ?   ?   ?   A . n 
A 1 91  LEU 91  89  ?   ?   ?   A . n 
A 1 92  PRO 92  90  90  PRO PRO A . n 
A 1 93  THR 93  91  91  THR THR A . n 
A 1 94  PRO 94  92  92  PRO PRO A . n 
A 1 95  ILE 95  93  93  ILE ILE A . n 
A 1 96  LEU 96  94  94  LEU LEU A . n 
A 1 97  ILE 97  95  95  ILE ILE A . n 
A 1 98  SER 98  96  96  SER SER A . n 
A 1 99  TYR 99  97  97  TYR TYR A . n 
A 1 100 LEU 100 98  98  LEU LEU A . n 
A 1 101 ARG 101 99  99  ARG ARG A . n 
A 1 102 GLY 102 100 100 GLY GLY A . n 
A 1 103 ILE 103 101 101 ILE ILE A . n 
A 1 104 CYS 104 102 102 CYS CYS A . n 
A 1 105 SER 105 103 103 SER SER A . n 
A 1 106 LYS 106 104 104 LYS LYS A . n 
A 1 107 THR 107 105 105 THR THR A . n 
A 1 108 ILE 108 106 106 ILE ILE A . n 
A 1 109 PHE 109 107 107 PHE PHE A . n 
A 1 110 LEU 110 108 108 LEU LEU A . n 
A 1 111 GLY 111 109 109 GLY GLY A . n 
A 1 112 ILE 112 110 110 ILE ILE A . n 
A 1 113 SER 113 111 111 SER SER A . n 
A 1 114 VAL 114 112 112 VAL VAL A . n 
A 1 115 LEU 115 113 113 LEU LEU A . n 
A 1 116 LEU 116 114 114 LEU LEU A . n 
A 1 117 GLU 117 115 115 GLU GLU A . n 
A 1 118 ASN 118 116 116 ASN ASN A . n 
A 1 119 VAL 119 117 117 VAL VAL A . n 
A 1 120 LEU 120 118 118 LEU LEU A . n 
A 1 121 HIS 121 119 119 HIS HIS A . n 
A 1 122 PHE 122 120 120 PHE PHE A . n 
A 1 123 SER 123 121 121 SER SER A . n 
A 1 124 GLU 124 122 122 GLU GLU A . n 
A 1 125 GLY 125 123 123 GLY GLY A . n 
A 1 126 LEU 126 124 124 LEU LEU A . n 
A 1 127 SER 127 125 125 SER SER A . n 
A 1 128 GLN 128 126 126 GLN GLN A . n 
A 1 129 GLY 129 127 127 GLY GLY A . n 
A 1 130 ALA 130 128 128 ALA ALA A . n 
A 1 131 SER 131 129 129 SER SER A . n 
A 1 132 ASP 132 130 130 ASP ASP A . n 
A 1 133 SER 133 131 131 SER SER A . n 
A 1 134 ALA 134 132 132 ALA ALA A . n 
A 1 135 PHE 135 133 133 PHE PHE A . n 
A 1 136 VAL 136 134 134 VAL VAL A . n 
A 1 137 ALA 137 135 135 ALA ALA A . n 
A 1 138 LEU 138 136 136 LEU LEU A . n 
A 1 139 GLY 139 137 137 GLY GLY A . n 
A 1 140 ARG 140 138 138 ARG ARG A . n 
A 1 141 ILE 141 139 139 ILE ILE A . n 
A 1 142 LYS 142 140 140 LYS LYS A . n 
A 1 143 GLU 143 141 141 GLU GLU A . n 
A 1 144 LEU 144 142 142 LEU LEU A . n 
A 1 145 ASP 145 143 143 ASP ASP A . n 
A 1 146 GLY 146 144 144 GLY GLY A . n 
A 1 147 MSE 147 145 145 MSE MSE A . n 
A 1 148 LEU 148 146 146 LEU LEU A . n 
A 1 149 LYS 149 147 147 LYS LYS A . n 
A 1 150 GLU 150 148 ?   ?   ?   A . n 
A 1 151 GLY 151 149 ?   ?   ?   A . n 
A 1 152 HIS 152 150 ?   ?   ?   A . n 
A 1 153 HIS 153 151 ?   ?   ?   A . n 
A 1 154 HIS 154 152 ?   ?   ?   A . n 
A 1 155 HIS 155 153 ?   ?   ?   A . n 
A 1 156 HIS 156 154 ?   ?   ?   A . n 
A 1 157 HIS 157 155 ?   ?   ?   A . n 
# 
loop_
_pdbx_nonpoly_scheme.asym_id 
_pdbx_nonpoly_scheme.entity_id 
_pdbx_nonpoly_scheme.mon_id 
_pdbx_nonpoly_scheme.ndb_seq_num 
_pdbx_nonpoly_scheme.pdb_seq_num 
_pdbx_nonpoly_scheme.auth_seq_num 
_pdbx_nonpoly_scheme.pdb_mon_id 
_pdbx_nonpoly_scheme.auth_mon_id 
_pdbx_nonpoly_scheme.pdb_strand_id 
_pdbx_nonpoly_scheme.pdb_ins_code 
B 2 HOH 1  156 2  HOH HOH A . 
B 2 HOH 2  157 3  HOH HOH A . 
B 2 HOH 3  158 6  HOH HOH A . 
B 2 HOH 4  159 7  HOH HOH A . 
B 2 HOH 5  160 9  HOH HOH A . 
B 2 HOH 6  161 10 HOH HOH A . 
B 2 HOH 7  162 11 HOH HOH A . 
B 2 HOH 8  163 16 HOH HOH A . 
B 2 HOH 9  164 17 HOH HOH A . 
B 2 HOH 10 165 18 HOH HOH A . 
B 2 HOH 11 166 19 HOH HOH A . 
# 
loop_
_pdbx_unobs_or_zero_occ_atoms.id 
_pdbx_unobs_or_zero_occ_atoms.PDB_model_num 
_pdbx_unobs_or_zero_occ_atoms.polymer_flag 
_pdbx_unobs_or_zero_occ_atoms.occupancy_flag 
_pdbx_unobs_or_zero_occ_atoms.auth_asym_id 
_pdbx_unobs_or_zero_occ_atoms.auth_comp_id 
_pdbx_unobs_or_zero_occ_atoms.auth_seq_id 
_pdbx_unobs_or_zero_occ_atoms.PDB_ins_code 
_pdbx_unobs_or_zero_occ_atoms.auth_atom_id 
_pdbx_unobs_or_zero_occ_atoms.label_alt_id 
_pdbx_unobs_or_zero_occ_atoms.label_asym_id 
_pdbx_unobs_or_zero_occ_atoms.label_comp_id 
_pdbx_unobs_or_zero_occ_atoms.label_seq_id 
_pdbx_unobs_or_zero_occ_atoms.label_atom_id 
1 1 Y 1 A GLU 70 ? CG  ? A GLU 72 CG  
2 1 Y 1 A GLU 70 ? CD  ? A GLU 72 CD  
3 1 Y 1 A GLU 70 ? OE1 ? A GLU 72 OE1 
4 1 Y 1 A GLU 70 ? OE2 ? A GLU 72 OE2 
# 
loop_
_software.name 
_software.classification 
_software.version 
_software.citation_id 
_software.pdbx_ordinal 
CBASS  'data collection' .                 ? 1 
SOLVE  phasing           .                 ? 2 
PHENIX refinement        '(phenix.refine)' ? 3 
MOSFLM 'data reduction'  .                 ? 4 
SCALA  'data scaling'    .                 ? 5 
# 
_cell.entry_id           3PU6 
_cell.length_a           45.202 
_cell.length_b           50.728 
_cell.length_c           66.676 
_cell.angle_alpha        90.00 
_cell.angle_beta         90.00 
_cell.angle_gamma        90.00 
_cell.Z_PDB              4 
_cell.pdbx_unique_axis   ? 
_cell.length_a_esd       ? 
_cell.length_b_esd       ? 
_cell.length_c_esd       ? 
_cell.angle_alpha_esd    ? 
_cell.angle_beta_esd     ? 
_cell.angle_gamma_esd    ? 
# 
_symmetry.entry_id                         3PU6 
_symmetry.space_group_name_H-M             'P 21 21 21' 
_symmetry.pdbx_full_space_group_name_H-M   ? 
_symmetry.cell_setting                     ? 
_symmetry.Int_Tables_number                19 
_symmetry.space_group_name_Hall            ? 
# 
_exptl.entry_id          3PU6 
_exptl.method            'X-RAY DIFFRACTION' 
_exptl.crystals_number   1 
# 
_exptl_crystal.id                    1 
_exptl_crystal.density_meas          ? 
_exptl_crystal.density_Matthews      2.17 
_exptl_crystal.density_percent_sol   43.29 
_exptl_crystal.description           ? 
_exptl_crystal.F_000                 ? 
_exptl_crystal.preparation           ? 
# 
_exptl_crystal_grow.crystal_id      1 
_exptl_crystal_grow.method          'VAPOR DIFFUSION, SITTING DROP' 
_exptl_crystal_grow.temp            291 
_exptl_crystal_grow.temp_details    ? 
_exptl_crystal_grow.pH              7.5 
_exptl_crystal_grow.pdbx_details    
'0.2 M Sodium formate, 20% w/v PEG 3350, pH 7.5, VAPOR DIFFUSION, SITTING DROP, temperature 291K' 
_exptl_crystal_grow.pdbx_pH_range   ? 
# 
_diffrn.id                     1 
_diffrn.ambient_temp           100 
_diffrn.ambient_temp_details   ? 
_diffrn.crystal_id             1 
# 
_diffrn_detector.diffrn_id              1 
_diffrn_detector.detector               CCD 
_diffrn_detector.type                   'ADSC QUANTUM 315' 
_diffrn_detector.pdbx_collection_date   2010-12-01 
_diffrn_detector.details                mirrors 
# 
_diffrn_radiation.diffrn_id                        1 
_diffrn_radiation.wavelength_id                    1 
_diffrn_radiation.pdbx_monochromatic_or_laue_m_l   M 
_diffrn_radiation.monochromator                    'Si 111 CHANNEL' 
_diffrn_radiation.pdbx_diffrn_protocol             'SINGLE WAVELENGTH' 
_diffrn_radiation.pdbx_scattering_type             x-ray 
# 
_diffrn_radiation_wavelength.id           1 
_diffrn_radiation_wavelength.wavelength   0.9791 
_diffrn_radiation_wavelength.wt           1.0 
# 
_diffrn_source.diffrn_id                   1 
_diffrn_source.source                      SYNCHROTRON 
_diffrn_source.type                        'NSLS BEAMLINE X29A' 
_diffrn_source.pdbx_synchrotron_site       NSLS 
_diffrn_source.pdbx_synchrotron_beamline   X29A 
_diffrn_source.pdbx_wavelength             ? 
_diffrn_source.pdbx_wavelength_list        0.9791 
# 
_reflns.entry_id                     3PU6 
_reflns.observed_criterion_sigma_I   0 
_reflns.observed_criterion_sigma_F   0 
_reflns.d_resolution_low             66.68 
_reflns.d_resolution_high            2.6 
_reflns.number_obs                   5065 
_reflns.number_all                   ? 
_reflns.percent_possible_obs         99.9 
_reflns.pdbx_Rmerge_I_obs            0.069 
_reflns.pdbx_Rsym_value              ? 
_reflns.pdbx_netI_over_sigmaI        13.1 
_reflns.B_iso_Wilson_estimate        47.45 
_reflns.pdbx_redundancy              7.3 
_reflns.R_free_details               ? 
_reflns.limit_h_max                  ? 
_reflns.limit_h_min                  ? 
_reflns.limit_k_max                  ? 
_reflns.limit_k_min                  ? 
_reflns.limit_l_max                  ? 
_reflns.limit_l_min                  ? 
_reflns.observed_criterion_F_max     ? 
_reflns.observed_criterion_F_min     ? 
_reflns.pdbx_chi_squared             ? 
_reflns.pdbx_scaling_rejects         ? 
_reflns.pdbx_diffrn_id               1 
_reflns.pdbx_ordinal                 1 
# 
_reflns_shell.d_res_high             2.6 
_reflns_shell.d_res_low              2.74 
_reflns_shell.percent_possible_all   99.6 
_reflns_shell.Rmerge_I_obs           0.273 
_reflns_shell.pdbx_Rsym_value        ? 
_reflns_shell.meanI_over_sigI_obs    13.6 
_reflns_shell.pdbx_redundancy        7.3 
_reflns_shell.percent_possible_obs   ? 
_reflns_shell.number_unique_all      705 
_reflns_shell.number_measured_all    ? 
_reflns_shell.number_measured_obs    ? 
_reflns_shell.number_unique_obs      ? 
_reflns_shell.pdbx_chi_squared       ? 
_reflns_shell.pdbx_diffrn_id         ? 
_reflns_shell.pdbx_ordinal           1 
# 
_refine.entry_id                                 3PU6 
_refine.ls_number_reflns_obs                     5005 
_refine.ls_number_reflns_all                     ? 
_refine.pdbx_ls_sigma_I                          ? 
_refine.pdbx_ls_sigma_F                          0.08 
_refine.pdbx_data_cutoff_high_absF               ? 
_refine.pdbx_data_cutoff_low_absF                ? 
_refine.pdbx_data_cutoff_high_rms_absF           ? 
_refine.ls_d_res_low                             40.372 
_refine.ls_d_res_high                            2.600 
_refine.ls_percent_reflns_obs                    99.34 
_refine.ls_R_factor_obs                          0.2267 
_refine.ls_R_factor_all                          ? 
_refine.ls_R_factor_R_work                       0.2243 
_refine.ls_R_factor_R_free                       0.2750 
_refine.ls_R_factor_R_free_error                 ? 
_refine.ls_R_factor_R_free_error_details         ? 
_refine.ls_percent_reflns_R_free                 4.60 
_refine.ls_number_reflns_R_free                  230 
_refine.ls_number_parameters                     ? 
_refine.ls_number_restraints                     ? 
_refine.occupancy_min                            ? 
_refine.occupancy_max                            ? 
_refine.correlation_coeff_Fo_to_Fc               ? 
_refine.correlation_coeff_Fo_to_Fc_free          ? 
_refine.B_iso_mean                               ? 
_refine.aniso_B[1][1]                            -12.7266 
_refine.aniso_B[2][2]                            23.0507 
_refine.aniso_B[3][3]                            -10.3241 
_refine.aniso_B[1][2]                            0.0000 
_refine.aniso_B[1][3]                            -0.0000 
_refine.aniso_B[2][3]                            0.0000 
_refine.solvent_model_details                    'FLAT BULK SOLVENT MODEL' 
_refine.solvent_model_param_ksol                 0.382 
_refine.solvent_model_param_bsol                 54.539 
_refine.pdbx_solvent_vdw_probe_radii             1.11 
_refine.pdbx_solvent_ion_probe_radii             ? 
_refine.pdbx_solvent_shrinkage_radii             0.90 
_refine.pdbx_ls_cross_valid_method               ? 
_refine.details                                  ? 
_refine.pdbx_starting_model                      ? 
_refine.pdbx_method_to_determine_struct          SAD 
_refine.pdbx_isotropic_thermal_model             Isotropic 
_refine.pdbx_stereochemistry_target_values       'Engh & Huber' 
_refine.pdbx_stereochem_target_val_spec_case     ? 
_refine.pdbx_R_Free_selection_details            RANDOM 
_refine.pdbx_overall_ESU_R_Free                  ? 
_refine.overall_SU_ML                            0.49 
_refine.overall_SU_B                             ? 
_refine.overall_SU_R_Cruickshank_DPI             ? 
_refine.ls_redundancy_reflns_obs                 ? 
_refine.B_iso_min                                ? 
_refine.B_iso_max                                ? 
_refine.overall_SU_R_free                        ? 
_refine.ls_wR_factor_R_free                      ? 
_refine.ls_wR_factor_R_work                      ? 
_refine.overall_FOM_free_R_set                   ? 
_refine.overall_FOM_work_R_set                   ? 
_refine.pdbx_overall_phase_error                 29.10 
_refine.pdbx_refine_id                           'X-RAY DIFFRACTION' 
_refine.pdbx_overall_ESU_R                       ? 
_refine.pdbx_diffrn_id                           1 
_refine.pdbx_TLS_residual_ADP_flag               ? 
_refine.pdbx_overall_SU_R_free_Cruickshank_DPI   ? 
_refine.pdbx_overall_SU_R_Blow_DPI               ? 
_refine.pdbx_overall_SU_R_free_Blow_DPI          ? 
# 
_refine_hist.pdbx_refine_id                   'X-RAY DIFFRACTION' 
_refine_hist.cycle_id                         LAST 
_refine_hist.pdbx_number_atoms_protein        1062 
_refine_hist.pdbx_number_atoms_nucleic_acid   0 
_refine_hist.pdbx_number_atoms_ligand         0 
_refine_hist.number_atoms_solvent             11 
_refine_hist.number_atoms_total               1073 
_refine_hist.d_res_high                       2.600 
_refine_hist.d_res_low                        40.372 
# 
loop_
_refine_ls_restr.type 
_refine_ls_restr.dev_ideal 
_refine_ls_restr.dev_ideal_target 
_refine_ls_restr.weight 
_refine_ls_restr.number 
_refine_ls_restr.pdbx_refine_id 
_refine_ls_restr.pdbx_restraint_function 
f_bond_d           0.010  ? ? 1078 'X-RAY DIFFRACTION' ? 
f_angle_d          1.179  ? ? 1453 'X-RAY DIFFRACTION' ? 
f_dihedral_angle_d 17.018 ? ? 391  'X-RAY DIFFRACTION' ? 
f_chiral_restr     0.067  ? ? 170  'X-RAY DIFFRACTION' ? 
f_plane_restr      0.005  ? ? 183  'X-RAY DIFFRACTION' ? 
# 
loop_
_refine_ls_shell.pdbx_total_number_of_bins_used 
_refine_ls_shell.d_res_high 
_refine_ls_shell.d_res_low 
_refine_ls_shell.number_reflns_R_work 
_refine_ls_shell.R_factor_R_work 
_refine_ls_shell.percent_reflns_obs 
_refine_ls_shell.R_factor_R_free 
_refine_ls_shell.R_factor_R_free_error 
_refine_ls_shell.percent_reflns_R_free 
_refine_ls_shell.number_reflns_R_free 
_refine_ls_shell.number_reflns_all 
_refine_ls_shell.R_factor_all 
_refine_ls_shell.number_reflns_obs 
_refine_ls_shell.redundancy_reflns_obs 
_refine_ls_shell.pdbx_refine_id 
. 2.6000 3.2755  2304 0.2466 99.00  0.3220 . . 120 . . . . 'X-RAY DIFFRACTION' 
. 3.2755 40.3767 2471 0.2135 100.00 0.2519 . . 110 . . . . 'X-RAY DIFFRACTION' 
# 
_struct.entry_id                  3PU6 
_struct.title                     'The crystal structure of an uncharacterized protein from Wolinella succinogenes' 
_struct.pdbx_model_details        ? 
_struct.pdbx_CASP_flag            ? 
_struct.pdbx_model_type_details   ? 
# 
_struct_keywords.entry_id        3PU6 
_struct_keywords.pdbx_keywords   'Structural genomics, Unknown function' 
_struct_keywords.text            
;Structural Genomics, PSI-2, Protein Structure Initiative, New York SGX Research Center for Structural Genomics, NYSGXRC, PSI, Unknown function
;
# 
loop_
_struct_asym.id 
_struct_asym.pdbx_blank_PDB_chainid_flag 
_struct_asym.pdbx_modified 
_struct_asym.entity_id 
_struct_asym.details 
A N N 1 ? 
B N N 2 ? 
# 
_struct_ref.id                         1 
_struct_ref.db_name                    UNP 
_struct_ref.db_code                    Q7MR08_WOLSU 
_struct_ref.pdbx_db_accession          Q7MR08 
_struct_ref.entity_id                  1 
_struct_ref.pdbx_seq_one_letter_code   
;KKVLLCVGNELRGDDGVAIALGRLVEEQMPEWSVFFGYDTPESEFGKLRELAPDVIVVADAMSGFKEGEIEFLDLSDERT
YLYSTHNLPTPILISYLRGICSKTIFLGISVLLENVLHFSEGLSQGASDSAFVALGRIKELDGMLK
;
_struct_ref.pdbx_align_begin           2 
_struct_ref.pdbx_db_isoform            ? 
# 
_struct_ref_seq.align_id                      1 
_struct_ref_seq.ref_id                        1 
_struct_ref_seq.pdbx_PDB_id_code              3PU6 
_struct_ref_seq.pdbx_strand_id                A 
_struct_ref_seq.seq_align_beg                 4 
_struct_ref_seq.pdbx_seq_align_beg_ins_code   ? 
_struct_ref_seq.seq_align_end                 149 
_struct_ref_seq.pdbx_seq_align_end_ins_code   ? 
_struct_ref_seq.pdbx_db_accession             Q7MR08 
_struct_ref_seq.db_align_beg                  2 
_struct_ref_seq.pdbx_db_align_beg_ins_code    ? 
_struct_ref_seq.db_align_end                  147 
_struct_ref_seq.pdbx_db_align_end_ins_code    ? 
_struct_ref_seq.pdbx_auth_seq_align_beg       2 
_struct_ref_seq.pdbx_auth_seq_align_end       147 
# 
loop_
_struct_ref_seq_dif.align_id 
_struct_ref_seq_dif.pdbx_pdb_id_code 
_struct_ref_seq_dif.mon_id 
_struct_ref_seq_dif.pdbx_pdb_strand_id 
_struct_ref_seq_dif.seq_num 
_struct_ref_seq_dif.pdbx_pdb_ins_code 
_struct_ref_seq_dif.pdbx_seq_db_name 
_struct_ref_seq_dif.pdbx_seq_db_accession_code 
_struct_ref_seq_dif.db_mon_id 
_struct_ref_seq_dif.pdbx_seq_db_seq_num 
_struct_ref_seq_dif.details 
_struct_ref_seq_dif.pdbx_auth_seq_num 
_struct_ref_seq_dif.pdbx_ordinal 
1 3PU6 MSE A 1   ? UNP Q7MR08 ? ? 'expression tag' -1  1  
1 3PU6 SER A 2   ? UNP Q7MR08 ? ? 'expression tag' 0   2  
1 3PU6 LEU A 3   ? UNP Q7MR08 ? ? 'expression tag' 1   3  
1 3PU6 GLU A 150 ? UNP Q7MR08 ? ? 'expression tag' 148 4  
1 3PU6 GLY A 151 ? UNP Q7MR08 ? ? 'expression tag' 149 5  
1 3PU6 HIS A 152 ? UNP Q7MR08 ? ? 'expression tag' 150 6  
1 3PU6 HIS A 153 ? UNP Q7MR08 ? ? 'expression tag' 151 7  
1 3PU6 HIS A 154 ? UNP Q7MR08 ? ? 'expression tag' 152 8  
1 3PU6 HIS A 155 ? UNP Q7MR08 ? ? 'expression tag' 153 9  
1 3PU6 HIS A 156 ? UNP Q7MR08 ? ? 'expression tag' 154 10 
1 3PU6 HIS A 157 ? UNP Q7MR08 ? ? 'expression tag' 155 11 
# 
_pdbx_struct_assembly.id                   1 
_pdbx_struct_assembly.details              author_and_software_defined_assembly 
_pdbx_struct_assembly.method_details       PISA 
_pdbx_struct_assembly.oligomeric_details   monomeric 
_pdbx_struct_assembly.oligomeric_count     1 
# 
_pdbx_struct_assembly_gen.assembly_id       1 
_pdbx_struct_assembly_gen.oper_expression   1 
_pdbx_struct_assembly_gen.asym_id_list      A,B 
# 
_pdbx_struct_oper_list.id                   1 
_pdbx_struct_oper_list.type                 'identity operation' 
_pdbx_struct_oper_list.name                 1_555 
_pdbx_struct_oper_list.symmetry_operation   x,y,z 
_pdbx_struct_oper_list.matrix[1][1]         1.0000000000 
_pdbx_struct_oper_list.matrix[1][2]         0.0000000000 
_pdbx_struct_oper_list.matrix[1][3]         0.0000000000 
_pdbx_struct_oper_list.vector[1]            0.0000000000 
_pdbx_struct_oper_list.matrix[2][1]         0.0000000000 
_pdbx_struct_oper_list.matrix[2][2]         1.0000000000 
_pdbx_struct_oper_list.matrix[2][3]         0.0000000000 
_pdbx_struct_oper_list.vector[2]            0.0000000000 
_pdbx_struct_oper_list.matrix[3][1]         0.0000000000 
_pdbx_struct_oper_list.matrix[3][2]         0.0000000000 
_pdbx_struct_oper_list.matrix[3][3]         1.0000000000 
_pdbx_struct_oper_list.vector[3]            0.0000000000 
# 
_struct_biol.id        1 
_struct_biol.details   ? 
# 
loop_
_struct_conf.conf_type_id 
_struct_conf.id 
_struct_conf.pdbx_PDB_helix_id 
_struct_conf.beg_label_comp_id 
_struct_conf.beg_label_asym_id 
_struct_conf.beg_label_seq_id 
_struct_conf.pdbx_beg_PDB_ins_code 
_struct_conf.end_label_comp_id 
_struct_conf.end_label_asym_id 
_struct_conf.end_label_seq_id 
_struct_conf.pdbx_end_PDB_ins_code 
_struct_conf.beg_auth_comp_id 
_struct_conf.beg_auth_asym_id 
_struct_conf.beg_auth_seq_id 
_struct_conf.end_auth_comp_id 
_struct_conf.end_auth_asym_id 
_struct_conf.end_auth_seq_id 
_struct_conf.pdbx_PDB_helix_class 
_struct_conf.details 
_struct_conf.pdbx_PDB_helix_length 
HELX_P HELX_P1 1 ARG A 15  ? ASP A 18  ? ARG A 13  ASP A 16  5 ? 4  
HELX_P HELX_P2 2 GLY A 19  ? MSE A 32  ? GLY A 17  MSE A 30  1 ? 14 
HELX_P HELX_P3 3 THR A 43  ? SER A 46  ? THR A 41  SER A 44  5 ? 4  
HELX_P HELX_P4 4 GLU A 47  ? ALA A 55  ? GLU A 45  ALA A 53  1 ? 9  
HELX_P HELX_P5 5 ASP A 80  ? TYR A 86  ? ASP A 78  TYR A 84  1 ? 7  
HELX_P HELX_P6 6 THR A 93  ? CYS A 104 ? THR A 91  CYS A 102 1 ? 12 
HELX_P HELX_P7 7 GLU A 117 ? LEU A 120 ? GLU A 115 LEU A 118 5 ? 4  
HELX_P HELX_P8 8 SER A 127 ? LEU A 148 ? SER A 125 LEU A 146 1 ? 22 
# 
_struct_conf_type.id          HELX_P 
_struct_conf_type.criteria    ? 
_struct_conf_type.reference   ? 
# 
loop_
_struct_conn.id 
_struct_conn.conn_type_id 
_struct_conn.pdbx_leaving_atom_flag 
_struct_conn.pdbx_PDB_id 
_struct_conn.ptnr1_label_asym_id 
_struct_conn.ptnr1_label_comp_id 
_struct_conn.ptnr1_label_seq_id 
_struct_conn.ptnr1_label_atom_id 
_struct_conn.pdbx_ptnr1_label_alt_id 
_struct_conn.pdbx_ptnr1_PDB_ins_code 
_struct_conn.pdbx_ptnr1_standard_comp_id 
_struct_conn.ptnr1_symmetry 
_struct_conn.ptnr2_label_asym_id 
_struct_conn.ptnr2_label_comp_id 
_struct_conn.ptnr2_label_seq_id 
_struct_conn.ptnr2_label_atom_id 
_struct_conn.pdbx_ptnr2_label_alt_id 
_struct_conn.pdbx_ptnr2_PDB_ins_code 
_struct_conn.ptnr1_auth_asym_id 
_struct_conn.ptnr1_auth_comp_id 
_struct_conn.ptnr1_auth_seq_id 
_struct_conn.ptnr2_auth_asym_id 
_struct_conn.ptnr2_auth_comp_id 
_struct_conn.ptnr2_auth_seq_id 
_struct_conn.ptnr2_symmetry 
_struct_conn.pdbx_ptnr3_label_atom_id 
_struct_conn.pdbx_ptnr3_label_seq_id 
_struct_conn.pdbx_ptnr3_label_comp_id 
_struct_conn.pdbx_ptnr3_label_asym_id 
_struct_conn.pdbx_ptnr3_label_alt_id 
_struct_conn.pdbx_ptnr3_PDB_ins_code 
_struct_conn.details 
_struct_conn.pdbx_dist_value 
_struct_conn.pdbx_value_order 
_struct_conn.pdbx_role 
covale1 covale both ? A GLN 31  C ? ? ? 1_555 A MSE 32  N ? ? A GLN 29  A MSE 30  1_555 ? ? ? ? ? ? ? 1.330 ? ? 
covale2 covale both ? A MSE 32  C ? ? ? 1_555 A PRO 33  N ? ? A MSE 30  A PRO 31  1_555 ? ? ? ? ? ? ? 1.337 ? ? 
covale3 covale both ? A ALA 64  C ? ? ? 1_555 A MSE 65  N ? ? A ALA 62  A MSE 63  1_555 ? ? ? ? ? ? ? 1.325 ? ? 
covale4 covale both ? A MSE 65  C ? ? ? 1_555 A SER 66  N ? ? A MSE 63  A SER 64  1_555 ? ? ? ? ? ? ? 1.328 ? ? 
covale5 covale both ? A GLY 146 C ? ? ? 1_555 A MSE 147 N ? ? A GLY 144 A MSE 145 1_555 ? ? ? ? ? ? ? 1.322 ? ? 
covale6 covale both ? A MSE 147 C ? ? ? 1_555 A LEU 148 N ? ? A MSE 145 A LEU 146 1_555 ? ? ? ? ? ? ? 1.334 ? ? 
# 
_struct_conn_type.id          covale 
_struct_conn_type.criteria    ? 
_struct_conn_type.reference   ? 
# 
loop_
_pdbx_modification_feature.ordinal 
_pdbx_modification_feature.label_comp_id 
_pdbx_modification_feature.label_asym_id 
_pdbx_modification_feature.label_seq_id 
_pdbx_modification_feature.label_alt_id 
_pdbx_modification_feature.modified_residue_label_comp_id 
_pdbx_modification_feature.modified_residue_label_asym_id 
_pdbx_modification_feature.modified_residue_label_seq_id 
_pdbx_modification_feature.modified_residue_label_alt_id 
_pdbx_modification_feature.auth_comp_id 
_pdbx_modification_feature.auth_asym_id 
_pdbx_modification_feature.auth_seq_id 
_pdbx_modification_feature.PDB_ins_code 
_pdbx_modification_feature.symmetry 
_pdbx_modification_feature.modified_residue_auth_comp_id 
_pdbx_modification_feature.modified_residue_auth_asym_id 
_pdbx_modification_feature.modified_residue_auth_seq_id 
_pdbx_modification_feature.modified_residue_PDB_ins_code 
_pdbx_modification_feature.modified_residue_symmetry 
_pdbx_modification_feature.comp_id_linking_atom 
_pdbx_modification_feature.modified_residue_id_linking_atom 
_pdbx_modification_feature.modified_residue_id 
_pdbx_modification_feature.ref_pcm_id 
_pdbx_modification_feature.ref_comp_id 
_pdbx_modification_feature.type 
_pdbx_modification_feature.category 
1 MSE A 32  ? . . . . MSE A 30  ? 1_555 . . . . . . . MET 1 MSE Selenomethionine 'Named protein modification' 
2 MSE A 65  ? . . . . MSE A 63  ? 1_555 . . . . . . . MET 1 MSE Selenomethionine 'Named protein modification' 
3 MSE A 147 ? . . . . MSE A 145 ? 1_555 . . . . . . . MET 1 MSE Selenomethionine 'Named protein modification' 
# 
_struct_sheet.id               A 
_struct_sheet.type             ? 
_struct_sheet.number_strands   5 
_struct_sheet.details          ? 
# 
loop_
_struct_sheet_order.sheet_id 
_struct_sheet_order.range_id_1 
_struct_sheet_order.range_id_2 
_struct_sheet_order.offset 
_struct_sheet_order.sense 
A 1 2 ? parallel      
A 2 3 ? parallel      
A 3 4 ? parallel      
A 4 5 ? anti-parallel 
# 
loop_
_struct_sheet_range.sheet_id 
_struct_sheet_range.id 
_struct_sheet_range.beg_label_comp_id 
_struct_sheet_range.beg_label_asym_id 
_struct_sheet_range.beg_label_seq_id 
_struct_sheet_range.pdbx_beg_PDB_ins_code 
_struct_sheet_range.end_label_comp_id 
_struct_sheet_range.end_label_asym_id 
_struct_sheet_range.end_label_seq_id 
_struct_sheet_range.pdbx_end_PDB_ins_code 
_struct_sheet_range.beg_auth_comp_id 
_struct_sheet_range.beg_auth_asym_id 
_struct_sheet_range.beg_auth_seq_id 
_struct_sheet_range.end_auth_comp_id 
_struct_sheet_range.end_auth_asym_id 
_struct_sheet_range.end_auth_seq_id 
A 1 TRP A 35  ? TYR A 41  ? TRP A 33  TYR A 39  
A 2 LYS A 5   ? VAL A 10  ? LYS A 3   VAL A 8   
A 3 VAL A 58  ? GLY A 67  ? VAL A 56  GLY A 65  
A 4 LYS A 106 ? LEU A 115 ? LYS A 104 LEU A 113 
A 5 ILE A 73  ? ASP A 77  ? ILE A 71  ASP A 75  
# 
loop_
_pdbx_struct_sheet_hbond.sheet_id 
_pdbx_struct_sheet_hbond.range_id_1 
_pdbx_struct_sheet_hbond.range_id_2 
_pdbx_struct_sheet_hbond.range_1_label_atom_id 
_pdbx_struct_sheet_hbond.range_1_label_comp_id 
_pdbx_struct_sheet_hbond.range_1_label_asym_id 
_pdbx_struct_sheet_hbond.range_1_label_seq_id 
_pdbx_struct_sheet_hbond.range_1_PDB_ins_code 
_pdbx_struct_sheet_hbond.range_1_auth_atom_id 
_pdbx_struct_sheet_hbond.range_1_auth_comp_id 
_pdbx_struct_sheet_hbond.range_1_auth_asym_id 
_pdbx_struct_sheet_hbond.range_1_auth_seq_id 
_pdbx_struct_sheet_hbond.range_2_label_atom_id 
_pdbx_struct_sheet_hbond.range_2_label_comp_id 
_pdbx_struct_sheet_hbond.range_2_label_asym_id 
_pdbx_struct_sheet_hbond.range_2_label_seq_id 
_pdbx_struct_sheet_hbond.range_2_PDB_ins_code 
_pdbx_struct_sheet_hbond.range_2_auth_atom_id 
_pdbx_struct_sheet_hbond.range_2_auth_comp_id 
_pdbx_struct_sheet_hbond.range_2_auth_asym_id 
_pdbx_struct_sheet_hbond.range_2_auth_seq_id 
A 1 2 O GLY A 40  ? O GLY A 38  N CYS A 9   ? N CYS A 7   
A 2 3 N VAL A 6   ? N VAL A 4   O VAL A 58  ? O VAL A 56  
A 3 4 N ILE A 59  ? N ILE A 57  O ILE A 108 ? O ILE A 106 
A 4 5 O PHE A 109 ? O PHE A 107 N LEU A 76  ? N LEU A 74  
# 
_pdbx_entry_details.entry_id                   3PU6 
_pdbx_entry_details.compound_details           ? 
_pdbx_entry_details.source_details             ? 
_pdbx_entry_details.nonpolymer_details         ? 
_pdbx_entry_details.sequence_details           ? 
_pdbx_entry_details.has_ligand_of_interest     ? 
_pdbx_entry_details.has_protein_modification   Y 
# 
loop_
_pdbx_validate_torsion.id 
_pdbx_validate_torsion.PDB_model_num 
_pdbx_validate_torsion.auth_comp_id 
_pdbx_validate_torsion.auth_asym_id 
_pdbx_validate_torsion.auth_seq_id 
_pdbx_validate_torsion.PDB_ins_code 
_pdbx_validate_torsion.label_alt_id 
_pdbx_validate_torsion.phi 
_pdbx_validate_torsion.psi 
1 1 ASP A 15 ? ? -67.98 3.33    
2 1 TYR A 39 ? ? 41.21  -120.60 
# 
_pdbx_SG_project.id                    1 
_pdbx_SG_project.project_name          'PSI, Protein Structure Initiative' 
_pdbx_SG_project.full_name_of_center   'New York SGX Research Center for Structural Genomics' 
_pdbx_SG_project.initial_of_center     NYSGXRC 
# 
loop_
_pdbx_struct_mod_residue.id 
_pdbx_struct_mod_residue.label_asym_id 
_pdbx_struct_mod_residue.label_comp_id 
_pdbx_struct_mod_residue.label_seq_id 
_pdbx_struct_mod_residue.auth_asym_id 
_pdbx_struct_mod_residue.auth_comp_id 
_pdbx_struct_mod_residue.auth_seq_id 
_pdbx_struct_mod_residue.PDB_ins_code 
_pdbx_struct_mod_residue.parent_comp_id 
_pdbx_struct_mod_residue.details 
1 A MSE 32  A MSE 30  ? MET SELENOMETHIONINE 
2 A MSE 65  A MSE 63  ? MET SELENOMETHIONINE 
3 A MSE 147 A MSE 145 ? MET SELENOMETHIONINE 
# 
loop_
_pdbx_unobs_or_zero_occ_residues.id 
_pdbx_unobs_or_zero_occ_residues.PDB_model_num 
_pdbx_unobs_or_zero_occ_residues.polymer_flag 
_pdbx_unobs_or_zero_occ_residues.occupancy_flag 
_pdbx_unobs_or_zero_occ_residues.auth_asym_id 
_pdbx_unobs_or_zero_occ_residues.auth_comp_id 
_pdbx_unobs_or_zero_occ_residues.auth_seq_id 
_pdbx_unobs_or_zero_occ_residues.PDB_ins_code 
_pdbx_unobs_or_zero_occ_residues.label_asym_id 
_pdbx_unobs_or_zero_occ_residues.label_comp_id 
_pdbx_unobs_or_zero_occ_residues.label_seq_id 
1  1 Y 1 A MSE -1  ? A MSE 1   
2  1 Y 1 A SER 0   ? A SER 2   
3  1 Y 1 A PHE 66  ? A PHE 68  
4  1 Y 1 A LYS 67  ? A LYS 69  
5  1 Y 1 A GLU 68  ? A GLU 70  
6  1 Y 1 A GLY 69  ? A GLY 71  
7  1 Y 1 A SER 85  ? A SER 87  
8  1 Y 1 A THR 86  ? A THR 88  
9  1 Y 1 A HIS 87  ? A HIS 89  
10 1 Y 1 A ASN 88  ? A ASN 90  
11 1 Y 1 A LEU 89  ? A LEU 91  
12 1 Y 1 A GLU 148 ? A GLU 150 
13 1 Y 1 A GLY 149 ? A GLY 151 
14 1 Y 1 A HIS 150 ? A HIS 152 
15 1 Y 1 A HIS 151 ? A HIS 153 
16 1 Y 1 A HIS 152 ? A HIS 154 
17 1 Y 1 A HIS 153 ? A HIS 155 
18 1 Y 1 A HIS 154 ? A HIS 156 
19 1 Y 1 A HIS 155 ? A HIS 157 
# 
loop_
_chem_comp_atom.comp_id 
_chem_comp_atom.atom_id 
_chem_comp_atom.type_symbol 
_chem_comp_atom.pdbx_aromatic_flag 
_chem_comp_atom.pdbx_stereo_config 
_chem_comp_atom.pdbx_ordinal 
ALA N    N  N N 1   
ALA CA   C  N S 2   
ALA C    C  N N 3   
ALA O    O  N N 4   
ALA CB   C  N N 5   
ALA OXT  O  N N 6   
ALA H    H  N N 7   
ALA H2   H  N N 8   
ALA HA   H  N N 9   
ALA HB1  H  N N 10  
ALA HB2  H  N N 11  
ALA HB3  H  N N 12  
ALA HXT  H  N N 13  
ARG N    N  N N 14  
ARG CA   C  N S 15  
ARG C    C  N N 16  
ARG O    O  N N 17  
ARG CB   C  N N 18  
ARG CG   C  N N 19  
ARG CD   C  N N 20  
ARG NE   N  N N 21  
ARG CZ   C  N N 22  
ARG NH1  N  N N 23  
ARG NH2  N  N N 24  
ARG OXT  O  N N 25  
ARG H    H  N N 26  
ARG H2   H  N N 27  
ARG HA   H  N N 28  
ARG HB2  H  N N 29  
ARG HB3  H  N N 30  
ARG HG2  H  N N 31  
ARG HG3  H  N N 32  
ARG HD2  H  N N 33  
ARG HD3  H  N N 34  
ARG HE   H  N N 35  
ARG HH11 H  N N 36  
ARG HH12 H  N N 37  
ARG HH21 H  N N 38  
ARG HH22 H  N N 39  
ARG HXT  H  N N 40  
ASN N    N  N N 41  
ASN CA   C  N S 42  
ASN C    C  N N 43  
ASN O    O  N N 44  
ASN CB   C  N N 45  
ASN CG   C  N N 46  
ASN OD1  O  N N 47  
ASN ND2  N  N N 48  
ASN OXT  O  N N 49  
ASN H    H  N N 50  
ASN H2   H  N N 51  
ASN HA   H  N N 52  
ASN HB2  H  N N 53  
ASN HB3  H  N N 54  
ASN HD21 H  N N 55  
ASN HD22 H  N N 56  
ASN HXT  H  N N 57  
ASP N    N  N N 58  
ASP CA   C  N S 59  
ASP C    C  N N 60  
ASP O    O  N N 61  
ASP CB   C  N N 62  
ASP CG   C  N N 63  
ASP OD1  O  N N 64  
ASP OD2  O  N N 65  
ASP OXT  O  N N 66  
ASP H    H  N N 67  
ASP H2   H  N N 68  
ASP HA   H  N N 69  
ASP HB2  H  N N 70  
ASP HB3  H  N N 71  
ASP HD2  H  N N 72  
ASP HXT  H  N N 73  
CYS N    N  N N 74  
CYS CA   C  N R 75  
CYS C    C  N N 76  
CYS O    O  N N 77  
CYS CB   C  N N 78  
CYS SG   S  N N 79  
CYS OXT  O  N N 80  
CYS H    H  N N 81  
CYS H2   H  N N 82  
CYS HA   H  N N 83  
CYS HB2  H  N N 84  
CYS HB3  H  N N 85  
CYS HG   H  N N 86  
CYS HXT  H  N N 87  
GLN N    N  N N 88  
GLN CA   C  N S 89  
GLN C    C  N N 90  
GLN O    O  N N 91  
GLN CB   C  N N 92  
GLN CG   C  N N 93  
GLN CD   C  N N 94  
GLN OE1  O  N N 95  
GLN NE2  N  N N 96  
GLN OXT  O  N N 97  
GLN H    H  N N 98  
GLN H2   H  N N 99  
GLN HA   H  N N 100 
GLN HB2  H  N N 101 
GLN HB3  H  N N 102 
GLN HG2  H  N N 103 
GLN HG3  H  N N 104 
GLN HE21 H  N N 105 
GLN HE22 H  N N 106 
GLN HXT  H  N N 107 
GLU N    N  N N 108 
GLU CA   C  N S 109 
GLU C    C  N N 110 
GLU O    O  N N 111 
GLU CB   C  N N 112 
GLU CG   C  N N 113 
GLU CD   C  N N 114 
GLU OE1  O  N N 115 
GLU OE2  O  N N 116 
GLU OXT  O  N N 117 
GLU H    H  N N 118 
GLU H2   H  N N 119 
GLU HA   H  N N 120 
GLU HB2  H  N N 121 
GLU HB3  H  N N 122 
GLU HG2  H  N N 123 
GLU HG3  H  N N 124 
GLU HE2  H  N N 125 
GLU HXT  H  N N 126 
GLY N    N  N N 127 
GLY CA   C  N N 128 
GLY C    C  N N 129 
GLY O    O  N N 130 
GLY OXT  O  N N 131 
GLY H    H  N N 132 
GLY H2   H  N N 133 
GLY HA2  H  N N 134 
GLY HA3  H  N N 135 
GLY HXT  H  N N 136 
HIS N    N  N N 137 
HIS CA   C  N S 138 
HIS C    C  N N 139 
HIS O    O  N N 140 
HIS CB   C  N N 141 
HIS CG   C  Y N 142 
HIS ND1  N  Y N 143 
HIS CD2  C  Y N 144 
HIS CE1  C  Y N 145 
HIS NE2  N  Y N 146 
HIS OXT  O  N N 147 
HIS H    H  N N 148 
HIS H2   H  N N 149 
HIS HA   H  N N 150 
HIS HB2  H  N N 151 
HIS HB3  H  N N 152 
HIS HD1  H  N N 153 
HIS HD2  H  N N 154 
HIS HE1  H  N N 155 
HIS HE2  H  N N 156 
HIS HXT  H  N N 157 
HOH O    O  N N 158 
HOH H1   H  N N 159 
HOH H2   H  N N 160 
ILE N    N  N N 161 
ILE CA   C  N S 162 
ILE C    C  N N 163 
ILE O    O  N N 164 
ILE CB   C  N S 165 
ILE CG1  C  N N 166 
ILE CG2  C  N N 167 
ILE CD1  C  N N 168 
ILE OXT  O  N N 169 
ILE H    H  N N 170 
ILE H2   H  N N 171 
ILE HA   H  N N 172 
ILE HB   H  N N 173 
ILE HG12 H  N N 174 
ILE HG13 H  N N 175 
ILE HG21 H  N N 176 
ILE HG22 H  N N 177 
ILE HG23 H  N N 178 
ILE HD11 H  N N 179 
ILE HD12 H  N N 180 
ILE HD13 H  N N 181 
ILE HXT  H  N N 182 
LEU N    N  N N 183 
LEU CA   C  N S 184 
LEU C    C  N N 185 
LEU O    O  N N 186 
LEU CB   C  N N 187 
LEU CG   C  N N 188 
LEU CD1  C  N N 189 
LEU CD2  C  N N 190 
LEU OXT  O  N N 191 
LEU H    H  N N 192 
LEU H2   H  N N 193 
LEU HA   H  N N 194 
LEU HB2  H  N N 195 
LEU HB3  H  N N 196 
LEU HG   H  N N 197 
LEU HD11 H  N N 198 
LEU HD12 H  N N 199 
LEU HD13 H  N N 200 
LEU HD21 H  N N 201 
LEU HD22 H  N N 202 
LEU HD23 H  N N 203 
LEU HXT  H  N N 204 
LYS N    N  N N 205 
LYS CA   C  N S 206 
LYS C    C  N N 207 
LYS O    O  N N 208 
LYS CB   C  N N 209 
LYS CG   C  N N 210 
LYS CD   C  N N 211 
LYS CE   C  N N 212 
LYS NZ   N  N N 213 
LYS OXT  O  N N 214 
LYS H    H  N N 215 
LYS H2   H  N N 216 
LYS HA   H  N N 217 
LYS HB2  H  N N 218 
LYS HB3  H  N N 219 
LYS HG2  H  N N 220 
LYS HG3  H  N N 221 
LYS HD2  H  N N 222 
LYS HD3  H  N N 223 
LYS HE2  H  N N 224 
LYS HE3  H  N N 225 
LYS HZ1  H  N N 226 
LYS HZ2  H  N N 227 
LYS HZ3  H  N N 228 
LYS HXT  H  N N 229 
MSE N    N  N N 230 
MSE CA   C  N S 231 
MSE C    C  N N 232 
MSE O    O  N N 233 
MSE OXT  O  N N 234 
MSE CB   C  N N 235 
MSE CG   C  N N 236 
MSE SE   SE N N 237 
MSE CE   C  N N 238 
MSE H    H  N N 239 
MSE H2   H  N N 240 
MSE HA   H  N N 241 
MSE HXT  H  N N 242 
MSE HB2  H  N N 243 
MSE HB3  H  N N 244 
MSE HG2  H  N N 245 
MSE HG3  H  N N 246 
MSE HE1  H  N N 247 
MSE HE2  H  N N 248 
MSE HE3  H  N N 249 
PHE N    N  N N 250 
PHE CA   C  N S 251 
PHE C    C  N N 252 
PHE O    O  N N 253 
PHE CB   C  N N 254 
PHE CG   C  Y N 255 
PHE CD1  C  Y N 256 
PHE CD2  C  Y N 257 
PHE CE1  C  Y N 258 
PHE CE2  C  Y N 259 
PHE CZ   C  Y N 260 
PHE OXT  O  N N 261 
PHE H    H  N N 262 
PHE H2   H  N N 263 
PHE HA   H  N N 264 
PHE HB2  H  N N 265 
PHE HB3  H  N N 266 
PHE HD1  H  N N 267 
PHE HD2  H  N N 268 
PHE HE1  H  N N 269 
PHE HE2  H  N N 270 
PHE HZ   H  N N 271 
PHE HXT  H  N N 272 
PRO N    N  N N 273 
PRO CA   C  N S 274 
PRO C    C  N N 275 
PRO O    O  N N 276 
PRO CB   C  N N 277 
PRO CG   C  N N 278 
PRO CD   C  N N 279 
PRO OXT  O  N N 280 
PRO H    H  N N 281 
PRO HA   H  N N 282 
PRO HB2  H  N N 283 
PRO HB3  H  N N 284 
PRO HG2  H  N N 285 
PRO HG3  H  N N 286 
PRO HD2  H  N N 287 
PRO HD3  H  N N 288 
PRO HXT  H  N N 289 
SER N    N  N N 290 
SER CA   C  N S 291 
SER C    C  N N 292 
SER O    O  N N 293 
SER CB   C  N N 294 
SER OG   O  N N 295 
SER OXT  O  N N 296 
SER H    H  N N 297 
SER H2   H  N N 298 
SER HA   H  N N 299 
SER HB2  H  N N 300 
SER HB3  H  N N 301 
SER HG   H  N N 302 
SER HXT  H  N N 303 
THR N    N  N N 304 
THR CA   C  N S 305 
THR C    C  N N 306 
THR O    O  N N 307 
THR CB   C  N R 308 
THR OG1  O  N N 309 
THR CG2  C  N N 310 
THR OXT  O  N N 311 
THR H    H  N N 312 
THR H2   H  N N 313 
THR HA   H  N N 314 
THR HB   H  N N 315 
THR HG1  H  N N 316 
THR HG21 H  N N 317 
THR HG22 H  N N 318 
THR HG23 H  N N 319 
THR HXT  H  N N 320 
TRP N    N  N N 321 
TRP CA   C  N S 322 
TRP C    C  N N 323 
TRP O    O  N N 324 
TRP CB   C  N N 325 
TRP CG   C  Y N 326 
TRP CD1  C  Y N 327 
TRP CD2  C  Y N 328 
TRP NE1  N  Y N 329 
TRP CE2  C  Y N 330 
TRP CE3  C  Y N 331 
TRP CZ2  C  Y N 332 
TRP CZ3  C  Y N 333 
TRP CH2  C  Y N 334 
TRP OXT  O  N N 335 
TRP H    H  N N 336 
TRP H2   H  N N 337 
TRP HA   H  N N 338 
TRP HB2  H  N N 339 
TRP HB3  H  N N 340 
TRP HD1  H  N N 341 
TRP HE1  H  N N 342 
TRP HE3  H  N N 343 
TRP HZ2  H  N N 344 
TRP HZ3  H  N N 345 
TRP HH2  H  N N 346 
TRP HXT  H  N N 347 
TYR N    N  N N 348 
TYR CA   C  N S 349 
TYR C    C  N N 350 
TYR O    O  N N 351 
TYR CB   C  N N 352 
TYR CG   C  Y N 353 
TYR CD1  C  Y N 354 
TYR CD2  C  Y N 355 
TYR CE1  C  Y N 356 
TYR CE2  C  Y N 357 
TYR CZ   C  Y N 358 
TYR OH   O  N N 359 
TYR OXT  O  N N 360 
TYR H    H  N N 361 
TYR H2   H  N N 362 
TYR HA   H  N N 363 
TYR HB2  H  N N 364 
TYR HB3  H  N N 365 
TYR HD1  H  N N 366 
TYR HD2  H  N N 367 
TYR HE1  H  N N 368 
TYR HE2  H  N N 369 
TYR HH   H  N N 370 
TYR HXT  H  N N 371 
VAL N    N  N N 372 
VAL CA   C  N S 373 
VAL C    C  N N 374 
VAL O    O  N N 375 
VAL CB   C  N N 376 
VAL CG1  C  N N 377 
VAL CG2  C  N N 378 
VAL OXT  O  N N 379 
VAL H    H  N N 380 
VAL H2   H  N N 381 
VAL HA   H  N N 382 
VAL HB   H  N N 383 
VAL HG11 H  N N 384 
VAL HG12 H  N N 385 
VAL HG13 H  N N 386 
VAL HG21 H  N N 387 
VAL HG22 H  N N 388 
VAL HG23 H  N N 389 
VAL HXT  H  N N 390 
# 
loop_
_chem_comp_bond.comp_id 
_chem_comp_bond.atom_id_1 
_chem_comp_bond.atom_id_2 
_chem_comp_bond.value_order 
_chem_comp_bond.pdbx_aromatic_flag 
_chem_comp_bond.pdbx_stereo_config 
_chem_comp_bond.pdbx_ordinal 
ALA N   CA   sing N N 1   
ALA N   H    sing N N 2   
ALA N   H2   sing N N 3   
ALA CA  C    sing N N 4   
ALA CA  CB   sing N N 5   
ALA CA  HA   sing N N 6   
ALA C   O    doub N N 7   
ALA C   OXT  sing N N 8   
ALA CB  HB1  sing N N 9   
ALA CB  HB2  sing N N 10  
ALA CB  HB3  sing N N 11  
ALA OXT HXT  sing N N 12  
ARG N   CA   sing N N 13  
ARG N   H    sing N N 14  
ARG N   H2   sing N N 15  
ARG CA  C    sing N N 16  
ARG CA  CB   sing N N 17  
ARG CA  HA   sing N N 18  
ARG C   O    doub N N 19  
ARG C   OXT  sing N N 20  
ARG CB  CG   sing N N 21  
ARG CB  HB2  sing N N 22  
ARG CB  HB3  sing N N 23  
ARG CG  CD   sing N N 24  
ARG CG  HG2  sing N N 25  
ARG CG  HG3  sing N N 26  
ARG CD  NE   sing N N 27  
ARG CD  HD2  sing N N 28  
ARG CD  HD3  sing N N 29  
ARG NE  CZ   sing N N 30  
ARG NE  HE   sing N N 31  
ARG CZ  NH1  sing N N 32  
ARG CZ  NH2  doub N N 33  
ARG NH1 HH11 sing N N 34  
ARG NH1 HH12 sing N N 35  
ARG NH2 HH21 sing N N 36  
ARG NH2 HH22 sing N N 37  
ARG OXT HXT  sing N N 38  
ASN N   CA   sing N N 39  
ASN N   H    sing N N 40  
ASN N   H2   sing N N 41  
ASN CA  C    sing N N 42  
ASN CA  CB   sing N N 43  
ASN CA  HA   sing N N 44  
ASN C   O    doub N N 45  
ASN C   OXT  sing N N 46  
ASN CB  CG   sing N N 47  
ASN CB  HB2  sing N N 48  
ASN CB  HB3  sing N N 49  
ASN CG  OD1  doub N N 50  
ASN CG  ND2  sing N N 51  
ASN ND2 HD21 sing N N 52  
ASN ND2 HD22 sing N N 53  
ASN OXT HXT  sing N N 54  
ASP N   CA   sing N N 55  
ASP N   H    sing N N 56  
ASP N   H2   sing N N 57  
ASP CA  C    sing N N 58  
ASP CA  CB   sing N N 59  
ASP CA  HA   sing N N 60  
ASP C   O    doub N N 61  
ASP C   OXT  sing N N 62  
ASP CB  CG   sing N N 63  
ASP CB  HB2  sing N N 64  
ASP CB  HB3  sing N N 65  
ASP CG  OD1  doub N N 66  
ASP CG  OD2  sing N N 67  
ASP OD2 HD2  sing N N 68  
ASP OXT HXT  sing N N 69  
CYS N   CA   sing N N 70  
CYS N   H    sing N N 71  
CYS N   H2   sing N N 72  
CYS CA  C    sing N N 73  
CYS CA  CB   sing N N 74  
CYS CA  HA   sing N N 75  
CYS C   O    doub N N 76  
CYS C   OXT  sing N N 77  
CYS CB  SG   sing N N 78  
CYS CB  HB2  sing N N 79  
CYS CB  HB3  sing N N 80  
CYS SG  HG   sing N N 81  
CYS OXT HXT  sing N N 82  
GLN N   CA   sing N N 83  
GLN N   H    sing N N 84  
GLN N   H2   sing N N 85  
GLN CA  C    sing N N 86  
GLN CA  CB   sing N N 87  
GLN CA  HA   sing N N 88  
GLN C   O    doub N N 89  
GLN C   OXT  sing N N 90  
GLN CB  CG   sing N N 91  
GLN CB  HB2  sing N N 92  
GLN CB  HB3  sing N N 93  
GLN CG  CD   sing N N 94  
GLN CG  HG2  sing N N 95  
GLN CG  HG3  sing N N 96  
GLN CD  OE1  doub N N 97  
GLN CD  NE2  sing N N 98  
GLN NE2 HE21 sing N N 99  
GLN NE2 HE22 sing N N 100 
GLN OXT HXT  sing N N 101 
GLU N   CA   sing N N 102 
GLU N   H    sing N N 103 
GLU N   H2   sing N N 104 
GLU CA  C    sing N N 105 
GLU CA  CB   sing N N 106 
GLU CA  HA   sing N N 107 
GLU C   O    doub N N 108 
GLU C   OXT  sing N N 109 
GLU CB  CG   sing N N 110 
GLU CB  HB2  sing N N 111 
GLU CB  HB3  sing N N 112 
GLU CG  CD   sing N N 113 
GLU CG  HG2  sing N N 114 
GLU CG  HG3  sing N N 115 
GLU CD  OE1  doub N N 116 
GLU CD  OE2  sing N N 117 
GLU OE2 HE2  sing N N 118 
GLU OXT HXT  sing N N 119 
GLY N   CA   sing N N 120 
GLY N   H    sing N N 121 
GLY N   H2   sing N N 122 
GLY CA  C    sing N N 123 
GLY CA  HA2  sing N N 124 
GLY CA  HA3  sing N N 125 
GLY C   O    doub N N 126 
GLY C   OXT  sing N N 127 
GLY OXT HXT  sing N N 128 
HIS N   CA   sing N N 129 
HIS N   H    sing N N 130 
HIS N   H2   sing N N 131 
HIS CA  C    sing N N 132 
HIS CA  CB   sing N N 133 
HIS CA  HA   sing N N 134 
HIS C   O    doub N N 135 
HIS C   OXT  sing N N 136 
HIS CB  CG   sing N N 137 
HIS CB  HB2  sing N N 138 
HIS CB  HB3  sing N N 139 
HIS CG  ND1  sing Y N 140 
HIS CG  CD2  doub Y N 141 
HIS ND1 CE1  doub Y N 142 
HIS ND1 HD1  sing N N 143 
HIS CD2 NE2  sing Y N 144 
HIS CD2 HD2  sing N N 145 
HIS CE1 NE2  sing Y N 146 
HIS CE1 HE1  sing N N 147 
HIS NE2 HE2  sing N N 148 
HIS OXT HXT  sing N N 149 
HOH O   H1   sing N N 150 
HOH O   H2   sing N N 151 
ILE N   CA   sing N N 152 
ILE N   H    sing N N 153 
ILE N   H2   sing N N 154 
ILE CA  C    sing N N 155 
ILE CA  CB   sing N N 156 
ILE CA  HA   sing N N 157 
ILE C   O    doub N N 158 
ILE C   OXT  sing N N 159 
ILE CB  CG1  sing N N 160 
ILE CB  CG2  sing N N 161 
ILE CB  HB   sing N N 162 
ILE CG1 CD1  sing N N 163 
ILE CG1 HG12 sing N N 164 
ILE CG1 HG13 sing N N 165 
ILE CG2 HG21 sing N N 166 
ILE CG2 HG22 sing N N 167 
ILE CG2 HG23 sing N N 168 
ILE CD1 HD11 sing N N 169 
ILE CD1 HD12 sing N N 170 
ILE CD1 HD13 sing N N 171 
ILE OXT HXT  sing N N 172 
LEU N   CA   sing N N 173 
LEU N   H    sing N N 174 
LEU N   H2   sing N N 175 
LEU CA  C    sing N N 176 
LEU CA  CB   sing N N 177 
LEU CA  HA   sing N N 178 
LEU C   O    doub N N 179 
LEU C   OXT  sing N N 180 
LEU CB  CG   sing N N 181 
LEU CB  HB2  sing N N 182 
LEU CB  HB3  sing N N 183 
LEU CG  CD1  sing N N 184 
LEU CG  CD2  sing N N 185 
LEU CG  HG   sing N N 186 
LEU CD1 HD11 sing N N 187 
LEU CD1 HD12 sing N N 188 
LEU CD1 HD13 sing N N 189 
LEU CD2 HD21 sing N N 190 
LEU CD2 HD22 sing N N 191 
LEU CD2 HD23 sing N N 192 
LEU OXT HXT  sing N N 193 
LYS N   CA   sing N N 194 
LYS N   H    sing N N 195 
LYS N   H2   sing N N 196 
LYS CA  C    sing N N 197 
LYS CA  CB   sing N N 198 
LYS CA  HA   sing N N 199 
LYS C   O    doub N N 200 
LYS C   OXT  sing N N 201 
LYS CB  CG   sing N N 202 
LYS CB  HB2  sing N N 203 
LYS CB  HB3  sing N N 204 
LYS CG  CD   sing N N 205 
LYS CG  HG2  sing N N 206 
LYS CG  HG3  sing N N 207 
LYS CD  CE   sing N N 208 
LYS CD  HD2  sing N N 209 
LYS CD  HD3  sing N N 210 
LYS CE  NZ   sing N N 211 
LYS CE  HE2  sing N N 212 
LYS CE  HE3  sing N N 213 
LYS NZ  HZ1  sing N N 214 
LYS NZ  HZ2  sing N N 215 
LYS NZ  HZ3  sing N N 216 
LYS OXT HXT  sing N N 217 
MSE N   CA   sing N N 218 
MSE N   H    sing N N 219 
MSE N   H2   sing N N 220 
MSE CA  C    sing N N 221 
MSE CA  CB   sing N N 222 
MSE CA  HA   sing N N 223 
MSE C   O    doub N N 224 
MSE C   OXT  sing N N 225 
MSE OXT HXT  sing N N 226 
MSE CB  CG   sing N N 227 
MSE CB  HB2  sing N N 228 
MSE CB  HB3  sing N N 229 
MSE CG  SE   sing N N 230 
MSE CG  HG2  sing N N 231 
MSE CG  HG3  sing N N 232 
MSE SE  CE   sing N N 233 
MSE CE  HE1  sing N N 234 
MSE CE  HE2  sing N N 235 
MSE CE  HE3  sing N N 236 
PHE N   CA   sing N N 237 
PHE N   H    sing N N 238 
PHE N   H2   sing N N 239 
PHE CA  C    sing N N 240 
PHE CA  CB   sing N N 241 
PHE CA  HA   sing N N 242 
PHE C   O    doub N N 243 
PHE C   OXT  sing N N 244 
PHE CB  CG   sing N N 245 
PHE CB  HB2  sing N N 246 
PHE CB  HB3  sing N N 247 
PHE CG  CD1  doub Y N 248 
PHE CG  CD2  sing Y N 249 
PHE CD1 CE1  sing Y N 250 
PHE CD1 HD1  sing N N 251 
PHE CD2 CE2  doub Y N 252 
PHE CD2 HD2  sing N N 253 
PHE CE1 CZ   doub Y N 254 
PHE CE1 HE1  sing N N 255 
PHE CE2 CZ   sing Y N 256 
PHE CE2 HE2  sing N N 257 
PHE CZ  HZ   sing N N 258 
PHE OXT HXT  sing N N 259 
PRO N   CA   sing N N 260 
PRO N   CD   sing N N 261 
PRO N   H    sing N N 262 
PRO CA  C    sing N N 263 
PRO CA  CB   sing N N 264 
PRO CA  HA   sing N N 265 
PRO C   O    doub N N 266 
PRO C   OXT  sing N N 267 
PRO CB  CG   sing N N 268 
PRO CB  HB2  sing N N 269 
PRO CB  HB3  sing N N 270 
PRO CG  CD   sing N N 271 
PRO CG  HG2  sing N N 272 
PRO CG  HG3  sing N N 273 
PRO CD  HD2  sing N N 274 
PRO CD  HD3  sing N N 275 
PRO OXT HXT  sing N N 276 
SER N   CA   sing N N 277 
SER N   H    sing N N 278 
SER N   H2   sing N N 279 
SER CA  C    sing N N 280 
SER CA  CB   sing N N 281 
SER CA  HA   sing N N 282 
SER C   O    doub N N 283 
SER C   OXT  sing N N 284 
SER CB  OG   sing N N 285 
SER CB  HB2  sing N N 286 
SER CB  HB3  sing N N 287 
SER OG  HG   sing N N 288 
SER OXT HXT  sing N N 289 
THR N   CA   sing N N 290 
THR N   H    sing N N 291 
THR N   H2   sing N N 292 
THR CA  C    sing N N 293 
THR CA  CB   sing N N 294 
THR CA  HA   sing N N 295 
THR C   O    doub N N 296 
THR C   OXT  sing N N 297 
THR CB  OG1  sing N N 298 
THR CB  CG2  sing N N 299 
THR CB  HB   sing N N 300 
THR OG1 HG1  sing N N 301 
THR CG2 HG21 sing N N 302 
THR CG2 HG22 sing N N 303 
THR CG2 HG23 sing N N 304 
THR OXT HXT  sing N N 305 
TRP N   CA   sing N N 306 
TRP N   H    sing N N 307 
TRP N   H2   sing N N 308 
TRP CA  C    sing N N 309 
TRP CA  CB   sing N N 310 
TRP CA  HA   sing N N 311 
TRP C   O    doub N N 312 
TRP C   OXT  sing N N 313 
TRP CB  CG   sing N N 314 
TRP CB  HB2  sing N N 315 
TRP CB  HB3  sing N N 316 
TRP CG  CD1  doub Y N 317 
TRP CG  CD2  sing Y N 318 
TRP CD1 NE1  sing Y N 319 
TRP CD1 HD1  sing N N 320 
TRP CD2 CE2  doub Y N 321 
TRP CD2 CE3  sing Y N 322 
TRP NE1 CE2  sing Y N 323 
TRP NE1 HE1  sing N N 324 
TRP CE2 CZ2  sing Y N 325 
TRP CE3 CZ3  doub Y N 326 
TRP CE3 HE3  sing N N 327 
TRP CZ2 CH2  doub Y N 328 
TRP CZ2 HZ2  sing N N 329 
TRP CZ3 CH2  sing Y N 330 
TRP CZ3 HZ3  sing N N 331 
TRP CH2 HH2  sing N N 332 
TRP OXT HXT  sing N N 333 
TYR N   CA   sing N N 334 
TYR N   H    sing N N 335 
TYR N   H2   sing N N 336 
TYR CA  C    sing N N 337 
TYR CA  CB   sing N N 338 
TYR CA  HA   sing N N 339 
TYR C   O    doub N N 340 
TYR C   OXT  sing N N 341 
TYR CB  CG   sing N N 342 
TYR CB  HB2  sing N N 343 
TYR CB  HB3  sing N N 344 
TYR CG  CD1  doub Y N 345 
TYR CG  CD2  sing Y N 346 
TYR CD1 CE1  sing Y N 347 
TYR CD1 HD1  sing N N 348 
TYR CD2 CE2  doub Y N 349 
TYR CD2 HD2  sing N N 350 
TYR CE1 CZ   doub Y N 351 
TYR CE1 HE1  sing N N 352 
TYR CE2 CZ   sing Y N 353 
TYR CE2 HE2  sing N N 354 
TYR CZ  OH   sing N N 355 
TYR OH  HH   sing N N 356 
TYR OXT HXT  sing N N 357 
VAL N   CA   sing N N 358 
VAL N   H    sing N N 359 
VAL N   H2   sing N N 360 
VAL CA  C    sing N N 361 
VAL CA  CB   sing N N 362 
VAL CA  HA   sing N N 363 
VAL C   O    doub N N 364 
VAL C   OXT  sing N N 365 
VAL CB  CG1  sing N N 366 
VAL CB  CG2  sing N N 367 
VAL CB  HB   sing N N 368 
VAL CG1 HG11 sing N N 369 
VAL CG1 HG12 sing N N 370 
VAL CG1 HG13 sing N N 371 
VAL CG2 HG21 sing N N 372 
VAL CG2 HG22 sing N N 373 
VAL CG2 HG23 sing N N 374 
VAL OXT HXT  sing N N 375 
# 
_atom_sites.entry_id                    3PU6 
_atom_sites.fract_transf_matrix[1][1]   0.02021400 
_atom_sites.fract_transf_matrix[1][2]   0.00242178 
_atom_sites.fract_transf_matrix[1][3]   -0.00865773 
_atom_sites.fract_transf_matrix[2][1]   -0.00666944 
_atom_sites.fract_transf_matrix[2][2]   0.01455564 
_atom_sites.fract_transf_matrix[2][3]   -0.01150019 
_atom_sites.fract_transf_matrix[3][1]   0.00337603 
_atom_sites.fract_transf_matrix[3][2]   0.00998032 
_atom_sites.fract_transf_matrix[3][3]   0.01067406 
_atom_sites.fract_transf_vector[1]      0.233729 
_atom_sites.fract_transf_vector[2]      0.700511 
_atom_sites.fract_transf_vector[3]      0.633348 
# 
loop_
_atom_type.symbol 
C  
N  
O  
S  
SE 
# 
loop_
_atom_site.group_PDB 
_atom_site.id 
_atom_site.type_symbol 
_atom_site.label_atom_id 
_atom_site.label_alt_id 
_atom_site.label_comp_id 
_atom_site.label_asym_id 
_atom_site.label_entity_id 
_atom_site.label_seq_id 
_atom_site.pdbx_PDB_ins_code 
_atom_site.Cartn_x 
_atom_site.Cartn_y 
_atom_site.Cartn_z 
_atom_site.occupancy 
_atom_site.B_iso_or_equiv 
_atom_site.pdbx_formal_charge 
_atom_site.auth_seq_id 
_atom_site.auth_comp_id 
_atom_site.auth_asym_id 
_atom_site.auth_atom_id 
_atom_site.pdbx_PDB_model_num 
ATOM   1    N  N   . LEU A 1 3   ? -2.938  0.638   19.257  1.00 33.76 ? 1   LEU A N   1 
ATOM   2    C  CA  . LEU A 1 3   ? -2.520  -0.394  18.287  1.00 37.74 ? 1   LEU A CA  1 
ATOM   3    C  C   . LEU A 1 3   ? -1.819  0.213   17.054  1.00 36.58 ? 1   LEU A C   1 
ATOM   4    O  O   . LEU A 1 3   ? -2.403  1.002   16.318  1.00 36.56 ? 1   LEU A O   1 
ATOM   5    C  CB  . LEU A 1 3   ? -3.723  -1.236  17.861  1.00 37.65 ? 1   LEU A CB  1 
ATOM   6    C  CG  . LEU A 1 3   ? -3.520  -2.639  17.273  1.00 38.34 ? 1   LEU A CG  1 
ATOM   7    C  CD1 . LEU A 1 3   ? -3.008  -3.611  18.327  1.00 37.08 ? 1   LEU A CD1 1 
ATOM   8    C  CD2 . LEU A 1 3   ? -4.823  -3.161  16.657  1.00 35.52 ? 1   LEU A CD2 1 
ATOM   9    N  N   . LYS A 1 4   ? -0.563  -0.149  16.838  1.00 36.22 ? 2   LYS A N   1 
ATOM   10   C  CA  . LYS A 1 4   ? 0.271   0.552   15.851  1.00 37.72 ? 2   LYS A CA  1 
ATOM   11   C  C   . LYS A 1 4   ? 0.038   0.108   14.413  1.00 36.70 ? 2   LYS A C   1 
ATOM   12   O  O   . LYS A 1 4   ? 0.408   -1.000  14.029  1.00 34.98 ? 2   LYS A O   1 
ATOM   13   C  CB  . LYS A 1 4   ? 1.749   0.394   16.187  1.00 37.04 ? 2   LYS A CB  1 
ATOM   14   C  CG  . LYS A 1 4   ? 2.054   0.474   17.660  1.00 37.80 ? 2   LYS A CG  1 
ATOM   15   C  CD  . LYS A 1 4   ? 3.545   0.459   17.877  1.00 40.69 ? 2   LYS A CD  1 
ATOM   16   C  CE  . LYS A 1 4   ? 3.924   -0.590  18.889  1.00 42.29 ? 2   LYS A CE  1 
ATOM   17   N  NZ  . LYS A 1 4   ? 5.319   -1.045  18.656  1.00 41.63 ? 2   LYS A NZ  1 
ATOM   18   N  N   . LYS A 1 5   ? -0.558  1.002   13.629  1.00 36.96 ? 3   LYS A N   1 
ATOM   19   C  CA  . LYS A 1 5   ? -0.961  0.713   12.261  1.00 35.30 ? 3   LYS A CA  1 
ATOM   20   C  C   . LYS A 1 5   ? -0.203  1.542   11.219  1.00 35.26 ? 3   LYS A C   1 
ATOM   21   O  O   . LYS A 1 5   ? -0.317  2.766   11.188  1.00 35.79 ? 3   LYS A O   1 
ATOM   22   C  CB  . LYS A 1 5   ? -2.443  0.975   12.122  1.00 35.62 ? 3   LYS A CB  1 
ATOM   23   C  CG  . LYS A 1 5   ? -3.284  0.249   13.152  1.00 37.40 ? 3   LYS A CG  1 
ATOM   24   C  CD  . LYS A 1 5   ? -4.708  0.784   13.141  1.00 36.91 ? 3   LYS A CD  1 
ATOM   25   C  CE  . LYS A 1 5   ? -5.119  1.142   14.529  1.00 39.03 ? 3   LYS A CE  1 
ATOM   26   N  NZ  . LYS A 1 5   ? -5.811  2.448   14.495  1.00 45.68 ? 3   LYS A NZ  1 
ATOM   27   N  N   . VAL A 1 6   ? 0.562   0.862   10.364  1.00 34.70 ? 4   VAL A N   1 
ATOM   28   C  CA  . VAL A 1 6   ? 1.361   1.513   9.317   1.00 34.85 ? 4   VAL A CA  1 
ATOM   29   C  C   . VAL A 1 6   ? 0.855   1.207   7.914   1.00 33.68 ? 4   VAL A C   1 
ATOM   30   O  O   . VAL A 1 6   ? 0.487   0.077   7.609   1.00 33.56 ? 4   VAL A O   1 
ATOM   31   C  CB  . VAL A 1 6   ? 2.853   1.074   9.357   1.00 35.28 ? 4   VAL A CB  1 
ATOM   32   C  CG1 . VAL A 1 6   ? 3.592   1.582   8.127   1.00 34.44 ? 4   VAL A CG1 1 
ATOM   33   C  CG2 . VAL A 1 6   ? 3.527   1.556   10.612  1.00 35.77 ? 4   VAL A CG2 1 
ATOM   34   N  N   . LEU A 1 7   ? 0.852   2.224   7.065   1.00 33.90 ? 5   LEU A N   1 
ATOM   35   C  CA  . LEU A 1 7   ? 0.563   2.054   5.649   1.00 33.06 ? 5   LEU A CA  1 
ATOM   36   C  C   . LEU A 1 7   ? 1.786   2.444   4.828   1.00 32.30 ? 5   LEU A C   1 
ATOM   37   O  O   . LEU A 1 7   ? 2.137   3.624   4.771   1.00 31.64 ? 5   LEU A O   1 
ATOM   38   C  CB  . LEU A 1 7   ? -0.635  2.918   5.236   1.00 33.11 ? 5   LEU A CB  1 
ATOM   39   C  CG  . LEU A 1 7   ? -0.933  2.993   3.733   1.00 34.55 ? 5   LEU A CG  1 
ATOM   40   C  CD1 . LEU A 1 7   ? -0.988  1.588   3.111   1.00 31.45 ? 5   LEU A CD1 1 
ATOM   41   C  CD2 . LEU A 1 7   ? -2.227  3.779   3.465   1.00 34.29 ? 5   LEU A CD2 1 
ATOM   42   N  N   . LEU A 1 8   ? 2.426   1.452   4.203   1.00 31.03 ? 6   LEU A N   1 
ATOM   43   C  CA  . LEU A 1 8   ? 3.587   1.687   3.337   1.00 31.51 ? 6   LEU A CA  1 
ATOM   44   C  C   . LEU A 1 8   ? 3.187   1.850   1.874   1.00 31.93 ? 6   LEU A C   1 
ATOM   45   O  O   . LEU A 1 8   ? 2.804   0.890   1.227   1.00 31.35 ? 6   LEU A O   1 
ATOM   46   C  CB  . LEU A 1 8   ? 4.632   0.565   3.474   1.00 31.56 ? 6   LEU A CB  1 
ATOM   47   C  CG  . LEU A 1 8   ? 5.887   0.627   2.568   1.00 34.40 ? 6   LEU A CG  1 
ATOM   48   C  CD1 . LEU A 1 8   ? 6.700   1.900   2.759   1.00 32.87 ? 6   LEU A CD1 1 
ATOM   49   C  CD2 . LEU A 1 8   ? 6.795   -0.599  2.730   1.00 35.86 ? 6   LEU A CD2 1 
ATOM   50   N  N   . CYS A 1 9   ? 3.294   3.064   1.347   1.00 31.68 ? 7   CYS A N   1 
ATOM   51   C  CA  . CYS A 1 9   ? 2.877   3.315   -0.024  1.00 31.60 ? 7   CYS A CA  1 
ATOM   52   C  C   . CYS A 1 9   ? 4.039   3.215   -0.991  1.00 33.44 ? 7   CYS A C   1 
ATOM   53   O  O   . CYS A 1 9   ? 5.046   3.907   -0.837  1.00 32.59 ? 7   CYS A O   1 
ATOM   54   C  CB  . CYS A 1 9   ? 2.223   4.674   -0.170  1.00 30.95 ? 7   CYS A CB  1 
ATOM   55   S  SG  . CYS A 1 9   ? 0.987   4.941   1.041   1.00 36.58 ? 7   CYS A SG  1 
ATOM   56   N  N   . VAL A 1 10  ? 3.860   2.344   -1.989  1.00 33.52 ? 8   VAL A N   1 
ATOM   57   C  CA  . VAL A 1 10  ? 4.846   2.052   -3.022  1.00 32.75 ? 8   VAL A CA  1 
ATOM   58   C  C   . VAL A 1 10  ? 4.341   2.587   -4.372  1.00 33.15 ? 8   VAL A C   1 
ATOM   59   O  O   . VAL A 1 10  ? 3.134   2.643   -4.608  1.00 31.52 ? 8   VAL A O   1 
ATOM   60   C  CB  . VAL A 1 10  ? 5.101   0.522   -3.106  1.00 32.24 ? 8   VAL A CB  1 
ATOM   61   C  CG1 . VAL A 1 10  ? 6.085   0.177   -4.220  1.00 31.73 ? 8   VAL A CG1 1 
ATOM   62   C  CG2 . VAL A 1 10  ? 5.593   -0.007  -1.775  1.00 31.50 ? 8   VAL A CG2 1 
ATOM   63   N  N   . GLY A 1 11  ? 5.268   3.003   -5.241  1.00 34.25 ? 9   GLY A N   1 
ATOM   64   C  CA  . GLY A 1 11  ? 4.926   3.513   -6.559  1.00 32.69 ? 9   GLY A CA  1 
ATOM   65   C  C   . GLY A 1 11  ? 5.702   4.750   -6.951  1.00 32.84 ? 9   GLY A C   1 
ATOM   66   O  O   . GLY A 1 11  ? 6.413   5.336   -6.141  1.00 35.06 ? 9   GLY A O   1 
ATOM   67   N  N   . ASN A 1 12  ? 5.525   5.160   -8.198  1.00 32.51 ? 10  ASN A N   1 
ATOM   68   C  CA  . ASN A 1 12  ? 6.301   6.224   -8.822  1.00 32.64 ? 10  ASN A CA  1 
ATOM   69   C  C   . ASN A 1 12  ? 5.365   7.265   -9.406  1.00 33.39 ? 10  ASN A C   1 
ATOM   70   O  O   . ASN A 1 12  ? 4.660   7.011   -10.383 1.00 33.39 ? 10  ASN A O   1 
ATOM   71   C  CB  . ASN A 1 12  ? 7.160   5.625   -9.935  1.00 33.34 ? 10  ASN A CB  1 
ATOM   72   C  CG  . ASN A 1 12  ? 8.154   6.614   -10.532 1.00 33.91 ? 10  ASN A CG  1 
ATOM   73   O  OD1 . ASN A 1 12  ? 7.922   7.822   -10.575 1.00 33.23 ? 10  ASN A OD1 1 
ATOM   74   N  ND2 . ASN A 1 12  ? 9.255   6.084   -11.033 1.00 33.24 ? 10  ASN A ND2 1 
ATOM   75   N  N   . GLU A 1 13  ? 5.365   8.442   -8.807  1.00 33.91 ? 11  GLU A N   1 
ATOM   76   C  CA  . GLU A 1 13  ? 4.423   9.484   -9.172  1.00 33.93 ? 11  GLU A CA  1 
ATOM   77   C  C   . GLU A 1 13  ? 4.690   10.080  -10.536 1.00 34.40 ? 11  GLU A C   1 
ATOM   78   O  O   . GLU A 1 13  ? 3.850   10.795  -11.072 1.00 34.77 ? 11  GLU A O   1 
ATOM   79   C  CB  . GLU A 1 13  ? 4.460   10.597  -8.130  1.00 37.34 ? 11  GLU A CB  1 
ATOM   80   C  CG  . GLU A 1 13  ? 3.714   10.282  -6.846  1.00 36.69 ? 11  GLU A CG  1 
ATOM   81   C  CD  . GLU A 1 13  ? 3.762   11.437  -5.851  1.00 42.53 ? 11  GLU A CD  1 
ATOM   82   O  OE1 . GLU A 1 13  ? 4.834   12.089  -5.714  1.00 45.04 ? 11  GLU A OE1 1 
ATOM   83   O  OE2 . GLU A 1 13  ? 2.721   11.685  -5.203  1.00 43.15 ? 11  GLU A OE2 1 
ATOM   84   N  N   . LEU A 1 14  ? 5.869   9.798   -11.090 1.00 34.16 ? 12  LEU A N   1 
ATOM   85   C  CA  . LEU A 1 14  ? 6.235   10.302  -12.405 1.00 33.12 ? 12  LEU A CA  1 
ATOM   86   C  C   . LEU A 1 14  ? 5.841   9.342   -13.528 1.00 33.27 ? 12  LEU A C   1 
ATOM   87   O  O   . LEU A 1 14  ? 6.001   9.653   -14.692 1.00 34.07 ? 12  LEU A O   1 
ATOM   88   C  CB  . LEU A 1 14  ? 7.719   10.607  -12.434 1.00 35.56 ? 12  LEU A CB  1 
ATOM   89   C  CG  . LEU A 1 14  ? 8.191   11.597  -11.359 1.00 36.06 ? 12  LEU A CG  1 
ATOM   90   C  CD1 . LEU A 1 14  ? 9.686   11.849  -11.493 1.00 35.97 ? 12  LEU A CD1 1 
ATOM   91   C  CD2 . LEU A 1 14  ? 7.411   12.905  -11.437 1.00 34.83 ? 12  LEU A CD2 1 
ATOM   92   N  N   . ARG A 1 15  ? 5.289   8.191   -13.153 1.00 33.58 ? 13  ARG A N   1 
ATOM   93   C  CA  . ARG A 1 15  ? 4.775   7.189   -14.081 1.00 32.78 ? 13  ARG A CA  1 
ATOM   94   C  C   . ARG A 1 15  ? 3.242   7.049   -14.078 1.00 32.81 ? 13  ARG A C   1 
ATOM   95   O  O   . ARG A 1 15  ? 2.732   5.935   -14.123 1.00 32.14 ? 13  ARG A O   1 
ATOM   96   C  CB  . ARG A 1 15  ? 5.341   5.829   -13.709 1.00 32.17 ? 13  ARG A CB  1 
ATOM   97   C  CG  . ARG A 1 15  ? 6.799   5.710   -13.933 1.00 33.86 ? 13  ARG A CG  1 
ATOM   98   C  CD  . ARG A 1 15  ? 7.127   5.879   -15.392 1.00 33.83 ? 13  ARG A CD  1 
ATOM   99   N  NE  . ARG A 1 15  ? 8.564   5.974   -15.574 1.00 33.69 ? 13  ARG A NE  1 
ATOM   100  C  CZ  . ARG A 1 15  ? 9.235   7.120   -15.567 1.00 35.66 ? 13  ARG A CZ  1 
ATOM   101  N  NH1 . ARG A 1 15  ? 8.594   8.272   -15.397 1.00 35.62 ? 13  ARG A NH1 1 
ATOM   102  N  NH2 . ARG A 1 15  ? 10.544  7.115   -15.730 1.00 33.57 ? 13  ARG A NH2 1 
ATOM   103  N  N   . GLY A 1 16  ? 2.510   8.156   -14.022 1.00 32.30 ? 14  GLY A N   1 
ATOM   104  C  CA  . GLY A 1 16  ? 1.060   8.121   -14.098 1.00 31.20 ? 14  GLY A CA  1 
ATOM   105  C  C   . GLY A 1 16  ? 0.337   7.398   -12.974 1.00 29.90 ? 14  GLY A C   1 
ATOM   106  O  O   . GLY A 1 16  ? 0.544   7.667   -11.797 1.00 30.24 ? 14  GLY A O   1 
ATOM   107  N  N   . ASP A 1 17  ? -0.517  6.456   -13.354 1.00 30.83 ? 15  ASP A N   1 
ATOM   108  C  CA  . ASP A 1 17  ? -1.350  5.714   -12.407 1.00 30.63 ? 15  ASP A CA  1 
ATOM   109  C  C   . ASP A 1 17  ? -0.529  4.799   -11.519 1.00 29.94 ? 15  ASP A C   1 
ATOM   110  O  O   . ASP A 1 17  ? -1.089  4.049   -10.718 1.00 27.82 ? 15  ASP A O   1 
ATOM   111  C  CB  . ASP A 1 17  ? -2.399  4.864   -13.131 1.00 29.06 ? 15  ASP A CB  1 
ATOM   112  C  CG  . ASP A 1 17  ? -3.446  5.692   -13.855 1.00 30.30 ? 15  ASP A CG  1 
ATOM   113  O  OD1 . ASP A 1 17  ? -3.546  6.912   -13.604 1.00 29.88 ? 15  ASP A OD1 1 
ATOM   114  O  OD2 . ASP A 1 17  ? -4.188  5.102   -14.681 1.00 31.76 ? 15  ASP A OD2 1 
ATOM   115  N  N   . ASP A 1 18  ? 0.791   4.853   -11.673 1.00 29.91 ? 16  ASP A N   1 
ATOM   116  C  CA  . ASP A 1 18  ? 1.679   4.049   -10.842 1.00 31.19 ? 16  ASP A CA  1 
ATOM   117  C  C   . ASP A 1 18  ? 1.931   4.749   -9.513  1.00 30.75 ? 16  ASP A C   1 
ATOM   118  O  O   . ASP A 1 18  ? 2.565   4.208   -8.608  1.00 31.36 ? 16  ASP A O   1 
ATOM   119  C  CB  . ASP A 1 18  ? 2.986   3.734   -11.566 1.00 31.74 ? 16  ASP A CB  1 
ATOM   120  C  CG  . ASP A 1 18  ? 3.940   2.894   -10.725 1.00 34.72 ? 16  ASP A CG  1 
ATOM   121  O  OD1 . ASP A 1 18  ? 3.569   1.766   -10.302 1.00 34.64 ? 16  ASP A OD1 1 
ATOM   122  O  OD2 . ASP A 1 18  ? 5.088   3.363   -10.504 1.00 36.80 ? 16  ASP A OD2 1 
ATOM   123  N  N   . GLY A 1 19  ? 1.405   5.957   -9.397  1.00 30.05 ? 17  GLY A N   1 
ATOM   124  C  CA  . GLY A 1 19  ? 1.420   6.636   -8.123  1.00 31.20 ? 17  GLY A CA  1 
ATOM   125  C  C   . GLY A 1 19  ? 0.117   6.517   -7.351  1.00 31.26 ? 17  GLY A C   1 
ATOM   126  O  O   . GLY A 1 19  ? -0.058  7.215   -6.360  1.00 33.23 ? 17  GLY A O   1 
ATOM   127  N  N   . VAL A 1 20  ? -0.790  5.646   -7.793  1.00 28.63 ? 18  VAL A N   1 
ATOM   128  C  CA  . VAL A 1 20  ? -2.093  5.526   -7.163  1.00 30.15 ? 18  VAL A CA  1 
ATOM   129  C  C   . VAL A 1 20  ? -1.958  5.274   -5.675  1.00 30.68 ? 18  VAL A C   1 
ATOM   130  O  O   . VAL A 1 20  ? -2.683  5.885   -4.890  1.00 30.37 ? 18  VAL A O   1 
ATOM   131  C  CB  . VAL A 1 20  ? -3.017  4.431   -7.825  1.00 30.44 ? 18  VAL A CB  1 
ATOM   132  C  CG1 . VAL A 1 20  ? -2.543  3.006   -7.490  1.00 28.30 ? 18  VAL A CG1 1 
ATOM   133  C  CG2 . VAL A 1 20  ? -4.465  4.637   -7.426  1.00 26.22 ? 18  VAL A CG2 1 
ATOM   134  N  N   . ALA A 1 21  ? -1.035  4.386   -5.294  1.00 29.35 ? 19  ALA A N   1 
ATOM   135  C  CA  . ALA A 1 21  ? -0.829  4.077   -3.884  1.00 29.75 ? 19  ALA A CA  1 
ATOM   136  C  C   . ALA A 1 21  ? -0.221  5.260   -3.108  1.00 31.70 ? 19  ALA A C   1 
ATOM   137  O  O   . ALA A 1 21  ? -0.359  5.340   -1.896  1.00 32.20 ? 19  ALA A O   1 
ATOM   138  C  CB  . ALA A 1 21  ? 0.007   2.836   -3.718  1.00 29.19 ? 19  ALA A CB  1 
ATOM   139  N  N   . ILE A 1 22  ? 0.448   6.172   -3.803  1.00 31.12 ? 20  ILE A N   1 
ATOM   140  C  CA  . ILE A 1 22  ? 0.928   7.383   -3.171  1.00 32.47 ? 20  ILE A CA  1 
ATOM   141  C  C   . ILE A 1 22  ? -0.285  8.245   -2.899  1.00 33.79 ? 20  ILE A C   1 
ATOM   142  O  O   . ILE A 1 22  ? -0.417  8.853   -1.832  1.00 35.30 ? 20  ILE A O   1 
ATOM   143  C  CB  . ILE A 1 22  ? 1.930   8.186   -4.052  1.00 33.57 ? 20  ILE A CB  1 
ATOM   144  C  CG1 . ILE A 1 22  ? 3.093   7.315   -4.525  1.00 31.34 ? 20  ILE A CG1 1 
ATOM   145  C  CG2 . ILE A 1 22  ? 2.447   9.369   -3.290  1.00 33.74 ? 20  ILE A CG2 1 
ATOM   146  C  CD1 . ILE A 1 22  ? 3.707   6.531   -3.444  1.00 32.00 ? 20  ILE A CD1 1 
ATOM   147  N  N   . ALA A 1 23  ? -1.186  8.300   -3.868  1.00 32.90 ? 21  ALA A N   1 
ATOM   148  C  CA  . ALA A 1 23  ? -2.415  9.052   -3.683  1.00 32.73 ? 21  ALA A CA  1 
ATOM   149  C  C   . ALA A 1 23  ? -3.186  8.535   -2.445  1.00 34.82 ? 21  ALA A C   1 
ATOM   150  O  O   . ALA A 1 23  ? -3.570  9.300   -1.557  1.00 36.85 ? 21  ALA A O   1 
ATOM   151  C  CB  . ALA A 1 23  ? -3.249  8.983   -4.927  1.00 31.06 ? 21  ALA A CB  1 
ATOM   152  N  N   . LEU A 1 24  ? -3.381  7.224   -2.378  1.00 34.23 ? 22  LEU A N   1 
ATOM   153  C  CA  . LEU A 1 24  ? -4.067  6.624   -1.249  1.00 34.50 ? 22  LEU A CA  1 
ATOM   154  C  C   . LEU A 1 24  ? -3.417  7.022   0.064   1.00 34.27 ? 22  LEU A C   1 
ATOM   155  O  O   . LEU A 1 24  ? -4.096  7.245   1.049   1.00 34.67 ? 22  LEU A O   1 
ATOM   156  C  CB  . LEU A 1 24  ? -4.068  5.103   -1.381  1.00 32.34 ? 22  LEU A CB  1 
ATOM   157  C  CG  . LEU A 1 24  ? -4.612  4.336   -0.183  1.00 32.98 ? 22  LEU A CG  1 
ATOM   158  C  CD1 . LEU A 1 24  ? -6.113  4.542   -0.045  1.00 33.22 ? 22  LEU A CD1 1 
ATOM   159  C  CD2 . LEU A 1 24  ? -4.276  2.876   -0.321  1.00 31.75 ? 22  LEU A CD2 1 
ATOM   160  N  N   . GLY A 1 25  ? -2.096  7.100   0.062   1.00 33.90 ? 23  GLY A N   1 
ATOM   161  C  CA  . GLY A 1 25  ? -1.334  7.391   1.257   1.00 34.63 ? 23  GLY A CA  1 
ATOM   162  C  C   . GLY A 1 25  ? -1.710  8.746   1.789   1.00 37.08 ? 23  GLY A C   1 
ATOM   163  O  O   . GLY A 1 25  ? -1.874  8.929   2.982   1.00 38.09 ? 23  GLY A O   1 
ATOM   164  N  N   . ARG A 1 26  ? -1.867  9.697   0.886   1.00 37.09 ? 24  ARG A N   1 
ATOM   165  C  CA  . ARG A 1 26  ? -2.240  11.037  1.271   1.00 37.79 ? 24  ARG A CA  1 
ATOM   166  C  C   . ARG A 1 26  ? -3.637  11.086  1.853   1.00 39.77 ? 24  ARG A C   1 
ATOM   167  O  O   . ARG A 1 26  ? -3.929  11.942  2.681   1.00 41.69 ? 24  ARG A O   1 
ATOM   168  C  CB  . ARG A 1 26  ? -2.157  11.967  0.072   1.00 38.47 ? 24  ARG A CB  1 
ATOM   169  C  CG  . ARG A 1 26  ? -0.754  12.171  -0.409  1.00 38.75 ? 24  ARG A CG  1 
ATOM   170  C  CD  . ARG A 1 26  ? -0.675  13.199  -1.518  1.00 40.91 ? 24  ARG A CD  1 
ATOM   171  N  NE  . ARG A 1 26  ? 0.722   13.510  -1.819  1.00 44.57 ? 24  ARG A NE  1 
ATOM   172  C  CZ  . ARG A 1 26  ? 1.399   13.027  -2.860  1.00 43.39 ? 24  ARG A CZ  1 
ATOM   173  N  NH1 . ARG A 1 26  ? 0.802   12.217  -3.726  1.00 40.26 ? 24  ARG A NH1 1 
ATOM   174  N  NH2 . ARG A 1 26  ? 2.672   13.365  -3.039  1.00 43.60 ? 24  ARG A NH2 1 
ATOM   175  N  N   . LEU A 1 27  ? -4.509  10.184  1.408   1.00 39.39 ? 25  LEU A N   1 
ATOM   176  C  CA  . LEU A 1 27  ? -5.885  10.168  1.900   1.00 40.41 ? 25  LEU A CA  1 
ATOM   177  C  C   . LEU A 1 27  ? -5.931  9.684   3.339   1.00 40.62 ? 25  LEU A C   1 
ATOM   178  O  O   . LEU A 1 27  ? -6.601  10.280  4.178   1.00 41.24 ? 25  LEU A O   1 
ATOM   179  C  CB  . LEU A 1 27  ? -6.792  9.311   1.014   1.00 38.66 ? 25  LEU A CB  1 
ATOM   180  C  CG  . LEU A 1 27  ? -6.929  9.771   -0.438  1.00 39.43 ? 25  LEU A CG  1 
ATOM   181  C  CD1 . LEU A 1 27  ? -7.779  8.784   -1.252  1.00 35.72 ? 25  LEU A CD1 1 
ATOM   182  C  CD2 . LEU A 1 27  ? -7.496  11.173  -0.498  1.00 37.49 ? 25  LEU A CD2 1 
ATOM   183  N  N   . VAL A 1 28  ? -5.202  8.607   3.613   1.00 40.18 ? 26  VAL A N   1 
ATOM   184  C  CA  . VAL A 1 28  ? -5.163  8.020   4.947   1.00 42.07 ? 26  VAL A CA  1 
ATOM   185  C  C   . VAL A 1 28  ? -4.541  9.027   5.903   1.00 43.07 ? 26  VAL A C   1 
ATOM   186  O  O   . VAL A 1 28  ? -4.939  9.155   7.060   1.00 43.39 ? 26  VAL A O   1 
ATOM   187  C  CB  . VAL A 1 28  ? -4.366  6.679   4.953   1.00 39.30 ? 26  VAL A CB  1 
ATOM   188  C  CG1 . VAL A 1 28  ? -4.075  6.205   6.375   1.00 39.97 ? 26  VAL A CG1 1 
ATOM   189  C  CG2 . VAL A 1 28  ? -5.119  5.616   4.184   1.00 37.64 ? 26  VAL A CG2 1 
ATOM   190  N  N   . GLU A 1 29  ? -3.559  9.748   5.385   1.00 42.88 ? 27  GLU A N   1 
ATOM   191  C  CA  . GLU A 1 29  ? -2.829  10.743  6.138   1.00 41.71 ? 27  GLU A CA  1 
ATOM   192  C  C   . GLU A 1 29  ? -3.783  11.822  6.637   1.00 44.63 ? 27  GLU A C   1 
ATOM   193  O  O   . GLU A 1 29  ? -3.710  12.226  7.799   1.00 44.57 ? 27  GLU A O   1 
ATOM   194  C  CB  . GLU A 1 29  ? -1.781  11.369  5.233   1.00 40.43 ? 27  GLU A CB  1 
ATOM   195  C  CG  . GLU A 1 29  ? -0.421  11.437  5.850   1.00 41.62 ? 27  GLU A CG  1 
ATOM   196  C  CD  . GLU A 1 29  ? 0.513   12.275  5.039   1.00 44.89 ? 27  GLU A CD  1 
ATOM   197  O  OE1 . GLU A 1 29  ? 0.100   12.744  3.949   1.00 45.10 ? 27  GLU A OE1 1 
ATOM   198  O  OE2 . GLU A 1 29  ? 1.656   12.470  5.500   1.00 48.11 ? 27  GLU A OE2 1 
ATOM   199  N  N   . GLU A 1 30  ? -4.660  12.283  5.742   1.00 44.44 ? 28  GLU A N   1 
ATOM   200  C  CA  . GLU A 1 30  ? -5.695  13.264  6.054   1.00 45.61 ? 28  GLU A CA  1 
ATOM   201  C  C   . GLU A 1 30  ? -6.769  12.688  6.953   1.00 45.76 ? 28  GLU A C   1 
ATOM   202  O  O   . GLU A 1 30  ? -7.018  13.195  8.036   1.00 48.18 ? 28  GLU A O   1 
ATOM   203  C  CB  . GLU A 1 30  ? -6.375  13.765  4.783   1.00 45.24 ? 28  GLU A CB  1 
ATOM   204  C  CG  . GLU A 1 30  ? -5.574  14.784  4.021   1.00 52.23 ? 28  GLU A CG  1 
ATOM   205  C  CD  . GLU A 1 30  ? -5.925  14.802  2.536   1.00 56.67 ? 28  GLU A CD  1 
ATOM   206  O  OE1 . GLU A 1 30  ? -7.059  14.390  2.190   1.00 54.63 ? 28  GLU A OE1 1 
ATOM   207  O  OE2 . GLU A 1 30  ? -5.066  15.227  1.720   1.00 59.11 ? 28  GLU A OE2 1 
ATOM   208  N  N   . GLN A 1 31  ? -7.422  11.632  6.495   1.00 45.53 ? 29  GLN A N   1 
ATOM   209  C  CA  . GLN A 1 31  ? -8.599  11.127  7.185   1.00 45.70 ? 29  GLN A CA  1 
ATOM   210  C  C   . GLN A 1 31  ? -8.324  10.258  8.411   1.00 47.40 ? 29  GLN A C   1 
ATOM   211  O  O   . GLN A 1 31  ? -9.197  10.092  9.263   1.00 49.74 ? 29  GLN A O   1 
ATOM   212  C  CB  . GLN A 1 31  ? -9.466  10.358  6.208   1.00 44.99 ? 29  GLN A CB  1 
ATOM   213  C  CG  . GLN A 1 31  ? -9.791  11.134  4.957   1.00 45.09 ? 29  GLN A CG  1 
ATOM   214  C  CD  . GLN A 1 31  ? -10.919 10.496  4.191   1.00 46.79 ? 29  GLN A CD  1 
ATOM   215  O  OE1 . GLN A 1 31  ? -11.591 9.586   4.695   1.00 46.62 ? 29  GLN A OE1 1 
ATOM   216  N  NE2 . GLN A 1 31  ? -11.148 10.970  2.968   1.00 45.33 ? 29  GLN A NE2 1 
HETATM 217  N  N   . MSE A 1 32  ? -7.114  9.716   8.511   1.00 47.80 ? 30  MSE A N   1 
HETATM 218  C  CA  . MSE A 1 32  ? -6.861  8.630   9.450   1.00 46.52 ? 30  MSE A CA  1 
HETATM 219  C  C   . MSE A 1 32  ? -5.596  8.785   10.264  1.00 46.15 ? 30  MSE A C   1 
HETATM 220  O  O   . MSE A 1 32  ? -4.675  7.980   10.141  1.00 46.88 ? 30  MSE A O   1 
HETATM 221  C  CB  . MSE A 1 32  ? -6.839  7.308   8.695   1.00 45.96 ? 30  MSE A CB  1 
HETATM 222  C  CG  . MSE A 1 32  ? -8.056  7.174   7.782   1.00 49.40 ? 30  MSE A CG  1 
HETATM 223  SE SE  . MSE A 1 32  ? -8.522  5.356   7.274   1.00 72.54 ? 30  MSE A SE  1 
HETATM 224  C  CE  . MSE A 1 32  ? -9.045  4.637   9.010   1.00 44.07 ? 30  MSE A CE  1 
ATOM   225  N  N   . PRO A 1 33  ? -5.571  9.801   11.132  1.00 47.31 ? 31  PRO A N   1 
ATOM   226  C  CA  . PRO A 1 33  ? -4.433  10.216  11.962  1.00 46.27 ? 31  PRO A CA  1 
ATOM   227  C  C   . PRO A 1 33  ? -3.843  9.099   12.831  1.00 46.49 ? 31  PRO A C   1 
ATOM   228  O  O   . PRO A 1 33  ? -2.659  9.155   13.153  1.00 46.39 ? 31  PRO A O   1 
ATOM   229  C  CB  . PRO A 1 33  ? -5.036  11.307  12.846  1.00 47.92 ? 31  PRO A CB  1 
ATOM   230  C  CG  . PRO A 1 33  ? -6.210  11.818  12.068  1.00 47.76 ? 31  PRO A CG  1 
ATOM   231  C  CD  . PRO A 1 33  ? -6.771  10.612  11.401  1.00 47.67 ? 31  PRO A CD  1 
ATOM   232  N  N   . GLU A 1 34  ? -4.647  8.114   13.217  1.00 46.32 ? 32  GLU A N   1 
ATOM   233  C  CA  . GLU A 1 34  ? -4.132  6.992   14.001  1.00 46.93 ? 32  GLU A CA  1 
ATOM   234  C  C   . GLU A 1 34  ? -3.220  6.071   13.183  1.00 45.46 ? 32  GLU A C   1 
ATOM   235  O  O   . GLU A 1 34  ? -2.493  5.229   13.734  1.00 43.39 ? 32  GLU A O   1 
ATOM   236  C  CB  . GLU A 1 34  ? -5.280  6.192   14.595  1.00 49.43 ? 32  GLU A CB  1 
ATOM   237  C  CG  . GLU A 1 34  ? -5.942  6.870   15.763  1.00 52.33 ? 32  GLU A CG  1 
ATOM   238  C  CD  . GLU A 1 34  ? -6.894  5.945   16.488  1.00 59.92 ? 32  GLU A CD  1 
ATOM   239  O  OE1 . GLU A 1 34  ? -6.903  4.734   16.161  1.00 58.16 ? 32  GLU A OE1 1 
ATOM   240  O  OE2 . GLU A 1 34  ? -7.632  6.427   17.380  1.00 65.13 ? 32  GLU A OE2 1 
ATOM   241  N  N   . TRP A 1 35  ? -3.284  6.228   11.862  1.00 43.70 ? 33  TRP A N   1 
ATOM   242  C  CA  . TRP A 1 35  ? -2.389  5.536   10.944  1.00 40.27 ? 33  TRP A CA  1 
ATOM   243  C  C   . TRP A 1 35  ? -1.171  6.407   10.680  1.00 39.88 ? 33  TRP A C   1 
ATOM   244  O  O   . TRP A 1 35  ? -1.303  7.595   10.353  1.00 40.67 ? 33  TRP A O   1 
ATOM   245  C  CB  . TRP A 1 35  ? -3.102  5.253   9.615   1.00 40.34 ? 33  TRP A CB  1 
ATOM   246  C  CG  . TRP A 1 35  ? -4.076  4.148   9.699   1.00 40.96 ? 33  TRP A CG  1 
ATOM   247  C  CD1 . TRP A 1 35  ? -5.318  4.186   10.269  1.00 41.95 ? 33  TRP A CD1 1 
ATOM   248  C  CD2 . TRP A 1 35  ? -3.897  2.819   9.209   1.00 38.63 ? 33  TRP A CD2 1 
ATOM   249  N  NE1 . TRP A 1 35  ? -5.923  2.956   10.167  1.00 41.60 ? 33  TRP A NE1 1 
ATOM   250  C  CE2 . TRP A 1 35  ? -5.073  2.099   9.519   1.00 39.33 ? 33  TRP A CE2 1 
ATOM   251  C  CE3 . TRP A 1 35  ? -2.861  2.166   8.547   1.00 36.37 ? 33  TRP A CE3 1 
ATOM   252  C  CZ2 . TRP A 1 35  ? -5.238  0.763   9.180   1.00 37.22 ? 33  TRP A CZ2 1 
ATOM   253  C  CZ3 . TRP A 1 35  ? -3.024  0.843   8.217   1.00 35.89 ? 33  TRP A CZ3 1 
ATOM   254  C  CH2 . TRP A 1 35  ? -4.202  0.151   8.538   1.00 36.35 ? 33  TRP A CH2 1 
ATOM   255  N  N   . SER A 1 36  ? 0.015   5.836   10.824  1.00 36.29 ? 34  SER A N   1 
ATOM   256  C  CA  . SER A 1 36  ? 1.189   6.522   10.319  1.00 34.78 ? 34  SER A CA  1 
ATOM   257  C  C   . SER A 1 36  ? 1.515   5.978   8.925   1.00 35.98 ? 34  SER A C   1 
ATOM   258  O  O   . SER A 1 36  ? 1.627   4.773   8.729   1.00 35.00 ? 34  SER A O   1 
ATOM   259  C  CB  . SER A 1 36  ? 2.365   6.411   11.285  1.00 33.28 ? 34  SER A CB  1 
ATOM   260  O  OG  . SER A 1 36  ? 2.859   5.102   11.342  1.00 34.59 ? 34  SER A OG  1 
ATOM   261  N  N   . VAL A 1 37  ? 1.622   6.890   7.964   1.00 36.11 ? 35  VAL A N   1 
ATOM   262  C  CA  . VAL A 1 37  ? 1.836   6.563   6.564   1.00 33.39 ? 35  VAL A CA  1 
ATOM   263  C  C   . VAL A 1 37  ? 3.295   6.757   6.170   1.00 34.66 ? 35  VAL A C   1 
ATOM   264  O  O   . VAL A 1 37  ? 3.869   7.822   6.380   1.00 33.95 ? 35  VAL A O   1 
ATOM   265  C  CB  . VAL A 1 37  ? 0.955   7.434   5.645   1.00 33.11 ? 35  VAL A CB  1 
ATOM   266  C  CG1 . VAL A 1 37  ? 1.068   6.981   4.204   1.00 35.20 ? 35  VAL A CG1 1 
ATOM   267  C  CG2 . VAL A 1 37  ? -0.481  7.371   6.079   1.00 36.34 ? 35  VAL A CG2 1 
ATOM   268  N  N   . PHE A 1 38  ? 3.888   5.719   5.594   1.00 35.34 ? 36  PHE A N   1 
ATOM   269  C  CA  . PHE A 1 38  ? 5.256   5.786   5.107   1.00 34.63 ? 36  PHE A CA  1 
ATOM   270  C  C   . PHE A 1 38  ? 5.300   5.724   3.592   1.00 34.18 ? 36  PHE A C   1 
ATOM   271  O  O   . PHE A 1 38  ? 4.933   4.718   3.004   1.00 33.85 ? 36  PHE A O   1 
ATOM   272  C  CB  . PHE A 1 38  ? 6.068   4.635   5.678   1.00 34.79 ? 36  PHE A CB  1 
ATOM   273  C  CG  . PHE A 1 38  ? 6.307   4.743   7.138   1.00 37.17 ? 36  PHE A CG  1 
ATOM   274  C  CD1 . PHE A 1 38  ? 5.839   5.842   7.844   1.00 36.67 ? 36  PHE A CD1 1 
ATOM   275  C  CD2 . PHE A 1 38  ? 7.032   3.778   7.808   1.00 39.39 ? 36  PHE A CD2 1 
ATOM   276  C  CE1 . PHE A 1 38  ? 6.073   5.969   9.193   1.00 36.69 ? 36  PHE A CE1 1 
ATOM   277  C  CE2 . PHE A 1 38  ? 7.271   3.898   9.168   1.00 40.32 ? 36  PHE A CE2 1 
ATOM   278  C  CZ  . PHE A 1 38  ? 6.792   4.998   9.858   1.00 39.25 ? 36  PHE A CZ  1 
ATOM   279  N  N   . PHE A 1 39  ? 5.749   6.798   2.962   1.00 34.53 ? 37  PHE A N   1 
ATOM   280  C  CA  . PHE A 1 39  ? 5.927   6.809   1.515   1.00 34.06 ? 37  PHE A CA  1 
ATOM   281  C  C   . PHE A 1 39  ? 7.255   6.220   1.106   1.00 34.16 ? 37  PHE A C   1 
ATOM   282  O  O   . PHE A 1 39  ? 8.299   6.799   1.335   1.00 35.34 ? 37  PHE A O   1 
ATOM   283  C  CB  . PHE A 1 39  ? 5.785   8.221   0.973   1.00 34.18 ? 37  PHE A CB  1 
ATOM   284  C  CG  . PHE A 1 39  ? 4.452   8.822   1.254   1.00 35.89 ? 37  PHE A CG  1 
ATOM   285  C  CD1 . PHE A 1 39  ? 4.206   9.445   2.469   1.00 35.29 ? 37  PHE A CD1 1 
ATOM   286  C  CD2 . PHE A 1 39  ? 3.426   8.737   0.320   1.00 35.25 ? 37  PHE A CD2 1 
ATOM   287  C  CE1 . PHE A 1 39  ? 2.970   9.999   2.741   1.00 36.55 ? 37  PHE A CE1 1 
ATOM   288  C  CE2 . PHE A 1 39  ? 2.180   9.282   0.590   1.00 35.28 ? 37  PHE A CE2 1 
ATOM   289  C  CZ  . PHE A 1 39  ? 1.951   9.913   1.802   1.00 37.38 ? 37  PHE A CZ  1 
ATOM   290  N  N   . GLY A 1 40  ? 7.212   5.053   0.496   1.00 34.48 ? 38  GLY A N   1 
ATOM   291  C  CA  . GLY A 1 40  ? 8.436   4.402   0.108   1.00 36.37 ? 38  GLY A CA  1 
ATOM   292  C  C   . GLY A 1 40  ? 8.733   4.754   -1.327  1.00 35.90 ? 38  GLY A C   1 
ATOM   293  O  O   . GLY A 1 40  ? 9.826   4.500   -1.818  1.00 36.60 ? 38  GLY A O   1 
ATOM   294  N  N   . TYR A 1 41  ? 7.744   5.344   -1.987  1.00 35.43 ? 39  TYR A N   1 
ATOM   295  C  CA  . TYR A 1 41  ? 7.782   5.538   -3.431  1.00 35.97 ? 39  TYR A CA  1 
ATOM   296  C  C   . TYR A 1 41  ? 8.342   4.307   -4.141  1.00 37.03 ? 39  TYR A C   1 
ATOM   297  O  O   . TYR A 1 41  ? 7.802   3.204   -4.015  1.00 35.62 ? 39  TYR A O   1 
ATOM   298  C  CB  . TYR A 1 41  ? 8.572   6.798   -3.768  1.00 36.23 ? 39  TYR A CB  1 
ATOM   299  C  CG  . TYR A 1 41  ? 8.007   8.003   -3.067  1.00 35.29 ? 39  TYR A CG  1 
ATOM   300  C  CD1 . TYR A 1 41  ? 6.902   8.676   -3.585  1.00 34.71 ? 39  TYR A CD1 1 
ATOM   301  C  CD2 . TYR A 1 41  ? 8.549   8.451   -1.867  1.00 35.46 ? 39  TYR A CD2 1 
ATOM   302  C  CE1 . TYR A 1 41  ? 6.364   9.776   -2.939  1.00 34.46 ? 39  TYR A CE1 1 
ATOM   303  C  CE2 . TYR A 1 41  ? 8.014   9.553   -1.204  1.00 34.92 ? 39  TYR A CE2 1 
ATOM   304  C  CZ  . TYR A 1 41  ? 6.924   10.210  -1.746  1.00 35.74 ? 39  TYR A CZ  1 
ATOM   305  O  OH  . TYR A 1 41  ? 6.398   11.300  -1.092  1.00 37.20 ? 39  TYR A OH  1 
ATOM   306  N  N   . ASP A 1 42  ? 9.433   4.481   -4.876  1.00 38.52 ? 40  ASP A N   1 
ATOM   307  C  CA  . ASP A 1 42  ? 10.012  3.359   -5.616  1.00 38.84 ? 40  ASP A CA  1 
ATOM   308  C  C   . ASP A 1 42  ? 11.228  2.764   -4.900  1.00 39.22 ? 40  ASP A C   1 
ATOM   309  O  O   . ASP A 1 42  ? 11.931  1.909   -5.444  1.00 39.19 ? 40  ASP A O   1 
ATOM   310  C  CB  . ASP A 1 42  ? 10.327  3.751   -7.067  1.00 38.71 ? 40  ASP A CB  1 
ATOM   311  C  CG  . ASP A 1 42  ? 11.104  5.058   -7.171  1.00 43.11 ? 40  ASP A CG  1 
ATOM   312  O  OD1 . ASP A 1 42  ? 11.094  5.843   -6.194  1.00 44.65 ? 40  ASP A OD1 1 
ATOM   313  O  OD2 . ASP A 1 42  ? 11.726  5.308   -8.227  1.00 44.13 ? 40  ASP A OD2 1 
ATOM   314  N  N   . THR A 1 43  ? 11.444  3.209   -3.663  1.00 38.94 ? 41  THR A N   1 
ATOM   315  C  CA  . THR A 1 43  ? 12.502  2.669   -2.799  1.00 40.81 ? 41  THR A CA  1 
ATOM   316  C  C   . THR A 1 43  ? 12.022  2.399   -1.359  1.00 40.91 ? 41  THR A C   1 
ATOM   317  O  O   . THR A 1 43  ? 12.595  2.920   -0.391  1.00 39.70 ? 41  THR A O   1 
ATOM   318  C  CB  . THR A 1 43  ? 13.759  3.579   -2.799  1.00 40.65 ? 41  THR A CB  1 
ATOM   319  O  OG1 . THR A 1 43  ? 13.355  4.954   -2.787  1.00 39.73 ? 41  THR A OG1 1 
ATOM   320  C  CG2 . THR A 1 43  ? 14.574  3.332   -4.047  1.00 39.51 ? 41  THR A CG2 1 
ATOM   321  N  N   . PRO A 1 44  ? 10.970  1.567   -1.231  1.00 39.72 ? 42  PRO A N   1 
ATOM   322  C  CA  . PRO A 1 44  ? 10.304  1.164   0.005   1.00 39.25 ? 42  PRO A CA  1 
ATOM   323  C  C   . PRO A 1 44  ? 11.303  0.702   1.041   1.00 40.79 ? 42  PRO A C   1 
ATOM   324  O  O   . PRO A 1 44  ? 11.024  0.769   2.235   1.00 38.08 ? 42  PRO A O   1 
ATOM   325  C  CB  . PRO A 1 44  ? 9.476   -0.042  -0.440  1.00 39.23 ? 42  PRO A CB  1 
ATOM   326  C  CG  . PRO A 1 44  ? 9.205   0.194   -1.828  1.00 37.63 ? 42  PRO A CG  1 
ATOM   327  C  CD  . PRO A 1 44  ? 10.414  0.848   -2.384  1.00 39.05 ? 42  PRO A CD  1 
ATOM   328  N  N   . GLU A 1 45  ? 12.452  0.220   0.578   1.00 41.57 ? 43  GLU A N   1 
ATOM   329  C  CA  . GLU A 1 45  ? 13.455  -0.311  1.486   1.00 41.87 ? 43  GLU A CA  1 
ATOM   330  C  C   . GLU A 1 45  ? 14.059  0.841   2.269   1.00 40.05 ? 43  GLU A C   1 
ATOM   331  O  O   . GLU A 1 45  ? 14.544  0.662   3.376   1.00 39.85 ? 43  GLU A O   1 
ATOM   332  C  CB  . GLU A 1 45  ? 14.525  -1.101  0.738   1.00 42.37 ? 43  GLU A CB  1 
ATOM   333  C  CG  . GLU A 1 45  ? 15.323  -0.282  -0.271  1.00 45.85 ? 43  GLU A CG  1 
ATOM   334  C  CD  . GLU A 1 45  ? 14.648  -0.199  -1.638  1.00 48.08 ? 43  GLU A CD  1 
ATOM   335  O  OE1 . GLU A 1 45  ? 13.399  -0.251  -1.694  1.00 45.97 ? 43  GLU A OE1 1 
ATOM   336  O  OE2 . GLU A 1 45  ? 15.372  -0.082  -2.656  1.00 50.08 ? 43  GLU A OE2 1 
ATOM   337  N  N   . SER A 1 46  ? 13.986  2.032   1.701   1.00 37.99 ? 44  SER A N   1 
ATOM   338  C  CA  . SER A 1 46  ? 14.401  3.207   2.421   1.00 38.79 ? 44  SER A CA  1 
ATOM   339  C  C   . SER A 1 46  ? 13.583  3.394   3.707   1.00 40.49 ? 44  SER A C   1 
ATOM   340  O  O   . SER A 1 46  ? 13.928  4.224   4.544   1.00 41.21 ? 44  SER A O   1 
ATOM   341  C  CB  . SER A 1 46  ? 14.240  4.442   1.547   1.00 39.59 ? 44  SER A CB  1 
ATOM   342  O  OG  . SER A 1 46  ? 12.986  5.059   1.799   1.00 41.39 ? 44  SER A OG  1 
ATOM   343  N  N   . GLU A 1 47  ? 12.495  2.640   3.861   1.00 39.91 ? 45  GLU A N   1 
ATOM   344  C  CA  . GLU A 1 47  ? 11.625  2.795   5.028   1.00 39.06 ? 45  GLU A CA  1 
ATOM   345  C  C   . GLU A 1 47  ? 11.775  1.714   6.094   1.00 39.65 ? 45  GLU A C   1 
ATOM   346  O  O   . GLU A 1 47  ? 11.068  1.743   7.093   1.00 40.50 ? 45  GLU A O   1 
ATOM   347  C  CB  . GLU A 1 47  ? 10.158  2.860   4.617   1.00 38.17 ? 45  GLU A CB  1 
ATOM   348  C  CG  . GLU A 1 47  ? 9.846   3.925   3.611   1.00 38.43 ? 45  GLU A CG  1 
ATOM   349  C  CD  . GLU A 1 47  ? 10.187  5.290   4.114   1.00 39.34 ? 45  GLU A CD  1 
ATOM   350  O  OE1 . GLU A 1 47  ? 9.474   5.779   5.014   1.00 41.08 ? 45  GLU A OE1 1 
ATOM   351  O  OE2 . GLU A 1 47  ? 11.165  5.880   3.608   1.00 40.57 ? 45  GLU A OE2 1 
ATOM   352  N  N   . PHE A 1 48  ? 12.682  0.764   5.904   1.00 39.67 ? 46  PHE A N   1 
ATOM   353  C  CA  . PHE A 1 48  ? 12.780  -0.336  6.852   1.00 40.30 ? 46  PHE A CA  1 
ATOM   354  C  C   . PHE A 1 48  ? 13.267  0.115   8.215   1.00 40.61 ? 46  PHE A C   1 
ATOM   355  O  O   . PHE A 1 48  ? 12.885  -0.450  9.234   1.00 41.53 ? 46  PHE A O   1 
ATOM   356  C  CB  . PHE A 1 48  ? 13.695  -1.433  6.336   1.00 40.02 ? 46  PHE A CB  1 
ATOM   357  C  CG  . PHE A 1 48  ? 13.220  -2.058  5.088   1.00 41.90 ? 46  PHE A CG  1 
ATOM   358  C  CD1 . PHE A 1 48  ? 11.921  -1.846  4.652   1.00 40.85 ? 46  PHE A CD1 1 
ATOM   359  C  CD2 . PHE A 1 48  ? 14.054  -2.883  4.352   1.00 41.49 ? 46  PHE A CD2 1 
ATOM   360  C  CE1 . PHE A 1 48  ? 11.476  -2.419  3.502   1.00 40.55 ? 46  PHE A CE1 1 
ATOM   361  C  CE2 . PHE A 1 48  ? 13.613  -3.462  3.206   1.00 40.52 ? 46  PHE A CE2 1 
ATOM   362  C  CZ  . PHE A 1 48  ? 12.319  -3.237  2.777   1.00 41.53 ? 46  PHE A CZ  1 
ATOM   363  N  N   . GLY A 1 49  ? 14.127  1.119   8.229   1.00 38.84 ? 47  GLY A N   1 
ATOM   364  C  CA  . GLY A 1 49  ? 14.713  1.555   9.470   1.00 40.27 ? 47  GLY A CA  1 
ATOM   365  C  C   . GLY A 1 49  ? 13.631  1.993   10.421  1.00 39.20 ? 47  GLY A C   1 
ATOM   366  O  O   . GLY A 1 49  ? 13.512  1.458   11.520  1.00 38.13 ? 47  GLY A O   1 
ATOM   367  N  N   . LYS A 1 50  ? 12.848  2.972   9.975   1.00 38.54 ? 48  LYS A N   1 
ATOM   368  C  CA  . LYS A 1 50  ? 11.702  3.480   10.710  1.00 39.27 ? 48  LYS A CA  1 
ATOM   369  C  C   . LYS A 1 50  ? 10.741  2.366   11.107  1.00 40.20 ? 48  LYS A C   1 
ATOM   370  O  O   . LYS A 1 50  ? 10.122  2.406   12.178  1.00 38.39 ? 48  LYS A O   1 
ATOM   371  C  CB  . LYS A 1 50  ? 10.931  4.470   9.848   1.00 42.11 ? 48  LYS A CB  1 
ATOM   372  C  CG  . LYS A 1 50  ? 11.767  5.451   9.074   1.00 42.76 ? 48  LYS A CG  1 
ATOM   373  C  CD  . LYS A 1 50  ? 10.848  6.427   8.368   1.00 46.83 ? 48  LYS A CD  1 
ATOM   374  C  CE  . LYS A 1 50  ? 11.592  7.679   7.943   1.00 54.27 ? 48  LYS A CE  1 
ATOM   375  N  NZ  . LYS A 1 50  ? 10.659  8.778   7.540   1.00 60.54 ? 48  LYS A NZ  1 
ATOM   376  N  N   . LEU A 1 51  ? 10.595  1.398   10.210  1.00 38.32 ? 49  LEU A N   1 
ATOM   377  C  CA  . LEU A 1 51  ? 9.725   0.279   10.447  1.00 38.16 ? 49  LEU A CA  1 
ATOM   378  C  C   . LEU A 1 51  ? 10.213  -0.614  11.577  1.00 39.08 ? 49  LEU A C   1 
ATOM   379  O  O   . LEU A 1 51  ? 9.433   -0.972  12.447  1.00 38.92 ? 49  LEU A O   1 
ATOM   380  C  CB  . LEU A 1 51  ? 9.522   -0.526  9.168   1.00 40.71 ? 49  LEU A CB  1 
ATOM   381  C  CG  . LEU A 1 51  ? 8.560   0.097   8.149   1.00 41.82 ? 49  LEU A CG  1 
ATOM   382  C  CD1 . LEU A 1 51  ? 8.518   -0.732  6.860   1.00 38.47 ? 49  LEU A CD1 1 
ATOM   383  C  CD2 . LEU A 1 51  ? 7.162   0.278   8.742   1.00 38.84 ? 49  LEU A CD2 1 
ATOM   384  N  N   . ARG A 1 52  ? 11.485  -0.998  11.569  1.00 38.94 ? 50  ARG A N   1 
ATOM   385  C  CA  . ARG A 1 52  ? 11.994  -1.820  12.657  1.00 38.88 ? 50  ARG A CA  1 
ATOM   386  C  C   . ARG A 1 52  ? 11.751  -1.077  13.959  1.00 40.66 ? 50  ARG A C   1 
ATOM   387  O  O   . ARG A 1 52  ? 11.326  -1.648  14.964  1.00 40.08 ? 50  ARG A O   1 
ATOM   388  C  CB  . ARG A 1 52  ? 13.490  -2.058  12.522  1.00 40.72 ? 50  ARG A CB  1 
ATOM   389  C  CG  . ARG A 1 52  ? 13.937  -2.825  11.291  1.00 45.04 ? 50  ARG A CG  1 
ATOM   390  C  CD  . ARG A 1 52  ? 15.474  -2.783  11.145  1.00 43.90 ? 50  ARG A CD  1 
ATOM   391  N  NE  . ARG A 1 52  ? 15.890  -3.119  9.778   1.00 48.37 ? 50  ARG A NE  1 
ATOM   392  C  CZ  . ARG A 1 52  ? 16.648  -2.347  8.998   1.00 49.19 ? 50  ARG A CZ  1 
ATOM   393  N  NH1 . ARG A 1 52  ? 17.102  -1.189  9.467   1.00 49.27 ? 50  ARG A NH1 1 
ATOM   394  N  NH2 . ARG A 1 52  ? 16.970  -2.738  7.758   1.00 44.95 ? 50  ARG A NH2 1 
ATOM   395  N  N   . GLU A 1 53  ? 12.018  0.221   13.901  1.00 40.13 ? 51  GLU A N   1 
ATOM   396  C  CA  . GLU A 1 53  ? 12.121  1.074   15.063  1.00 38.22 ? 51  GLU A CA  1 
ATOM   397  C  C   . GLU A 1 53  ? 10.758  1.349   15.693  1.00 41.34 ? 51  GLU A C   1 
ATOM   398  O  O   . GLU A 1 53  ? 10.645  1.599   16.897  1.00 44.15 ? 51  GLU A O   1 
ATOM   399  C  CB  . GLU A 1 53  ? 12.786  2.380   14.637  1.00 38.33 ? 51  GLU A CB  1 
ATOM   400  C  CG  . GLU A 1 53  ? 13.167  3.295   15.785  1.00 40.15 ? 51  GLU A CG  1 
ATOM   401  C  CD  . GLU A 1 53  ? 14.076  2.624   16.805  1.00 40.63 ? 51  GLU A CD  1 
ATOM   402  O  OE1 . GLU A 1 53  ? 14.967  1.832   16.414  1.00 39.04 ? 51  GLU A OE1 1 
ATOM   403  O  OE2 . GLU A 1 53  ? 13.893  2.900   18.009  1.00 41.85 ? 51  GLU A OE2 1 
ATOM   404  N  N   . LEU A 1 54  ? 9.722   1.305   14.872  1.00 39.60 ? 52  LEU A N   1 
ATOM   405  C  CA  . LEU A 1 54  ? 8.372   1.574   15.325  1.00 39.39 ? 52  LEU A CA  1 
ATOM   406  C  C   . LEU A 1 54  ? 7.636   0.310   15.785  1.00 40.24 ? 52  LEU A C   1 
ATOM   407  O  O   . LEU A 1 54  ? 6.694   0.388   16.563  1.00 41.73 ? 52  LEU A O   1 
ATOM   408  C  CB  . LEU A 1 54  ? 7.612   2.254   14.198  1.00 40.73 ? 52  LEU A CB  1 
ATOM   409  C  CG  . LEU A 1 54  ? 6.099   2.351   14.282  1.00 40.59 ? 52  LEU A CG  1 
ATOM   410  C  CD1 . LEU A 1 54  ? 5.722   3.111   15.530  1.00 39.67 ? 52  LEU A CD1 1 
ATOM   411  C  CD2 . LEU A 1 54  ? 5.582   3.043   13.041  1.00 39.30 ? 52  LEU A CD2 1 
ATOM   412  N  N   . ALA A 1 55  ? 8.071   -0.845  15.288  1.00 41.07 ? 53  ALA A N   1 
ATOM   413  C  CA  . ALA A 1 55  ? 7.504   -2.161  15.631  1.00 40.25 ? 53  ALA A CA  1 
ATOM   414  C  C   . ALA A 1 55  ? 5.981   -2.287  15.484  1.00 42.23 ? 53  ALA A C   1 
ATOM   415  O  O   . ALA A 1 55  ? 5.300   -2.785  16.390  1.00 41.94 ? 53  ALA A O   1 
ATOM   416  C  CB  . ALA A 1 55  ? 7.950   -2.589  17.020  1.00 39.20 ? 53  ALA A CB  1 
ATOM   417  N  N   . PRO A 1 56  ? 5.448   -1.883  14.316  1.00 42.36 ? 54  PRO A N   1 
ATOM   418  C  CA  . PRO A 1 56  ? 3.994   -1.791  14.109  1.00 38.54 ? 54  PRO A CA  1 
ATOM   419  C  C   . PRO A 1 56  ? 3.282   -3.083  14.481  1.00 37.38 ? 54  PRO A C   1 
ATOM   420  O  O   . PRO A 1 56  ? 3.906   -4.141  14.455  1.00 37.75 ? 54  PRO A O   1 
ATOM   421  C  CB  . PRO A 1 56  ? 3.861   -1.551  12.597  1.00 37.32 ? 54  PRO A CB  1 
ATOM   422  C  CG  . PRO A 1 56  ? 5.203   -1.121  12.135  1.00 41.12 ? 54  PRO A CG  1 
ATOM   423  C  CD  . PRO A 1 56  ? 6.201   -1.755  13.055  1.00 41.01 ? 54  PRO A CD  1 
ATOM   424  N  N   . ASP A 1 57  ? 1.999   -2.989  14.828  1.00 36.87 ? 55  ASP A N   1 
ATOM   425  C  CA  . ASP A 1 57  ? 1.152   -4.169  15.003  1.00 37.06 ? 55  ASP A CA  1 
ATOM   426  C  C   . ASP A 1 57  ? 0.631   -4.594  13.636  1.00 37.00 ? 55  ASP A C   1 
ATOM   427  O  O   . ASP A 1 57  ? 0.513   -5.781  13.339  1.00 36.97 ? 55  ASP A O   1 
ATOM   428  C  CB  . ASP A 1 57  ? -0.042  -3.873  15.913  1.00 36.71 ? 55  ASP A CB  1 
ATOM   429  C  CG  . ASP A 1 57  ? 0.365   -3.556  17.341  1.00 39.23 ? 55  ASP A CG  1 
ATOM   430  O  OD1 . ASP A 1 57  ? 1.061   -4.385  17.963  1.00 39.92 ? 55  ASP A OD1 1 
ATOM   431  O  OD2 . ASP A 1 57  ? -0.037  -2.482  17.850  1.00 40.10 ? 55  ASP A OD2 1 
ATOM   432  N  N   . VAL A 1 58  ? 0.321   -3.600  12.813  1.00 36.15 ? 56  VAL A N   1 
ATOM   433  C  CA  . VAL A 1 58  ? -0.212  -3.820  11.483  1.00 35.54 ? 56  VAL A CA  1 
ATOM   434  C  C   . VAL A 1 58  ? 0.528   -3.027  10.398  1.00 35.38 ? 56  VAL A C   1 
ATOM   435  O  O   . VAL A 1 58  ? 0.663   -1.812  10.484  1.00 34.88 ? 56  VAL A O   1 
ATOM   436  C  CB  . VAL A 1 58  ? -1.675  -3.394  11.430  1.00 34.32 ? 56  VAL A CB  1 
ATOM   437  C  CG1 . VAL A 1 58  ? -2.228  -3.595  10.042  1.00 34.22 ? 56  VAL A CG1 1 
ATOM   438  C  CG2 . VAL A 1 58  ? -2.465  -4.164  12.445  1.00 36.81 ? 56  VAL A CG2 1 
ATOM   439  N  N   . ILE A 1 59  ? 0.979   -3.724  9.365   1.00 35.30 ? 57  ILE A N   1 
ATOM   440  C  CA  . ILE A 1 59  ? 1.510   -3.084  8.170   1.00 34.35 ? 57  ILE A CA  1 
ATOM   441  C  C   . ILE A 1 59  ? 0.641   -3.404  6.956   1.00 32.63 ? 57  ILE A C   1 
ATOM   442  O  O   . ILE A 1 59  ? 0.492   -4.551  6.559   1.00 31.19 ? 57  ILE A O   1 
ATOM   443  C  CB  . ILE A 1 59  ? 2.950   -3.545  7.838   1.00 34.57 ? 57  ILE A CB  1 
ATOM   444  C  CG1 . ILE A 1 59  ? 3.885   -3.286  9.014   1.00 35.62 ? 57  ILE A CG1 1 
ATOM   445  C  CG2 . ILE A 1 59  ? 3.441   -2.860  6.573   1.00 31.53 ? 57  ILE A CG2 1 
ATOM   446  C  CD1 . ILE A 1 59  ? 5.231   -3.932  8.861   1.00 37.75 ? 57  ILE A CD1 1 
ATOM   447  N  N   . VAL A 1 60  ? 0.067   -2.368  6.377   1.00 32.56 ? 58  VAL A N   1 
ATOM   448  C  CA  . VAL A 1 60  ? -0.529  -2.476  5.075   1.00 31.71 ? 58  VAL A CA  1 
ATOM   449  C  C   . VAL A 1 60  ? 0.454   -1.894  4.070   1.00 32.36 ? 58  VAL A C   1 
ATOM   450  O  O   . VAL A 1 60  ? 0.897   -0.748  4.207   1.00 31.52 ? 58  VAL A O   1 
ATOM   451  C  CB  . VAL A 1 60  ? -1.845  -1.710  5.001   1.00 32.17 ? 58  VAL A CB  1 
ATOM   452  C  CG1 . VAL A 1 60  ? -2.339  -1.657  3.575   1.00 30.60 ? 58  VAL A CG1 1 
ATOM   453  C  CG2 . VAL A 1 60  ? -2.873  -2.369  5.892   1.00 33.84 ? 58  VAL A CG2 1 
ATOM   454  N  N   . VAL A 1 61  ? 0.808   -2.709  3.075   1.00 31.89 ? 59  VAL A N   1 
ATOM   455  C  CA  . VAL A 1 61  ? 1.674   -2.284  1.986   1.00 31.28 ? 59  VAL A CA  1 
ATOM   456  C  C   . VAL A 1 61  ? 0.820   -2.156  0.736   1.00 29.87 ? 59  VAL A C   1 
ATOM   457  O  O   . VAL A 1 61  ? 0.289   -3.134  0.262   1.00 30.34 ? 59  VAL A O   1 
ATOM   458  C  CB  . VAL A 1 61  ? 2.886   -3.258  1.783   1.00 31.46 ? 59  VAL A CB  1 
ATOM   459  C  CG1 . VAL A 1 61  ? 2.436   -4.699  1.695   1.00 31.61 ? 59  VAL A CG1 1 
ATOM   460  C  CG2 . VAL A 1 61  ? 3.695   -2.878  0.557   1.00 30.92 ? 59  VAL A CG2 1 
ATOM   461  N  N   . ALA A 1 62  ? 0.665   -0.936  0.235   1.00 29.81 ? 60  ALA A N   1 
ATOM   462  C  CA  . ALA A 1 62  ? -0.141  -0.682  -0.949  1.00 29.77 ? 60  ALA A CA  1 
ATOM   463  C  C   . ALA A 1 62  ? 0.690   -0.367  -2.204  1.00 30.62 ? 60  ALA A C   1 
ATOM   464  O  O   . ALA A 1 62  ? 1.715   0.309   -2.130  1.00 30.51 ? 60  ALA A O   1 
ATOM   465  C  CB  . ALA A 1 62  ? -1.106  0.434   -0.679  1.00 27.82 ? 60  ALA A CB  1 
ATOM   466  N  N   . ASP A 1 63  ? 0.221   -0.849  -3.358  1.00 30.33 ? 61  ASP A N   1 
ATOM   467  C  CA  . ASP A 1 63  ? 0.944   -0.689  -4.622  1.00 31.06 ? 61  ASP A CA  1 
ATOM   468  C  C   . ASP A 1 63  ? 0.005   -0.709  -5.810  1.00 30.51 ? 61  ASP A C   1 
ATOM   469  O  O   . ASP A 1 63  ? -1.041  -1.327  -5.759  1.00 30.21 ? 61  ASP A O   1 
ATOM   470  C  CB  . ASP A 1 63  ? 1.986   -1.802  -4.808  1.00 30.00 ? 61  ASP A CB  1 
ATOM   471  C  CG  . ASP A 1 63  ? 3.108   -1.386  -5.750  1.00 34.16 ? 61  ASP A CG  1 
ATOM   472  O  OD1 . ASP A 1 63  ? 3.106   -0.203  -6.180  1.00 33.38 ? 61  ASP A OD1 1 
ATOM   473  O  OD2 . ASP A 1 63  ? 3.998   -2.224  -6.056  1.00 35.92 ? 61  ASP A OD2 1 
ATOM   474  N  N   . ALA A 1 64  ? 0.388   -0.027  -6.883  1.00 31.07 ? 62  ALA A N   1 
ATOM   475  C  CA  . ALA A 1 64  ? -0.259  -0.211  -8.172  1.00 30.79 ? 62  ALA A CA  1 
ATOM   476  C  C   . ALA A 1 64  ? 0.085   -1.602  -8.679  1.00 32.08 ? 62  ALA A C   1 
ATOM   477  O  O   . ALA A 1 64  ? 1.185   -2.103  -8.450  1.00 31.24 ? 62  ALA A O   1 
ATOM   478  C  CB  . ALA A 1 64  ? 0.218   0.832   -9.164  1.00 29.22 ? 62  ALA A CB  1 
HETATM 479  N  N   . MSE A 1 65  ? -0.855  -2.250  -9.351  1.00 32.88 ? 63  MSE A N   1 
HETATM 480  C  CA  . MSE A 1 65  ? -0.488  -3.449  -10.101 1.00 35.93 ? 63  MSE A CA  1 
HETATM 481  C  C   . MSE A 1 65  ? -1.120  -3.417  -11.478 1.00 33.81 ? 63  MSE A C   1 
HETATM 482  O  O   . MSE A 1 65  ? -2.334  -3.306  -11.618 1.00 32.91 ? 63  MSE A O   1 
HETATM 483  C  CB  . MSE A 1 65  ? -0.801  -4.730  -9.339  1.00 36.24 ? 63  MSE A CB  1 
HETATM 484  C  CG  . MSE A 1 65  ? -2.111  -4.697  -8.614  1.00 36.89 ? 63  MSE A CG  1 
HETATM 485  SE SE  . MSE A 1 65  ? -2.340  -6.305  -7.547  1.00 72.37 ? 63  MSE A SE  1 
HETATM 486  C  CE  . MSE A 1 65  ? -4.320  -6.410  -7.526  1.00 35.41 ? 63  MSE A CE  1 
ATOM   487  N  N   . SER A 1 66  ? -0.268  -3.462  -12.494 1.00 36.00 ? 64  SER A N   1 
ATOM   488  C  CA  . SER A 1 66  ? -0.700  -3.173  -13.863 1.00 36.76 ? 64  SER A CA  1 
ATOM   489  C  C   . SER A 1 66  ? -1.016  -4.428  -14.673 1.00 37.93 ? 64  SER A C   1 
ATOM   490  O  O   . SER A 1 66  ? -0.728  -5.549  -14.242 1.00 36.82 ? 64  SER A O   1 
ATOM   491  C  CB  . SER A 1 66  ? 0.300   -2.265  -14.600 1.00 35.27 ? 64  SER A CB  1 
ATOM   492  O  OG  . SER A 1 66  ? 1.645   -2.622  -14.318 1.00 38.11 ? 64  SER A OG  1 
ATOM   493  N  N   . GLY A 1 67  ? -1.628  -4.202  -15.838 1.00 38.61 ? 65  GLY A N   1 
ATOM   494  C  CA  . GLY A 1 67  ? -2.130  -5.256  -16.708 1.00 40.38 ? 65  GLY A CA  1 
ATOM   495  C  C   . GLY A 1 67  ? -3.030  -4.726  -17.817 1.00 39.80 ? 65  GLY A C   1 
ATOM   496  O  O   . GLY A 1 67  ? -3.340  -3.534  -17.861 1.00 37.42 ? 65  GLY A O   1 
ATOM   497  N  N   . GLU A 1 72  ? -10.537 -2.645  -9.615  1.00 38.55 ? 70  GLU A N   1 
ATOM   498  C  CA  . GLU A 1 72  ? -10.256 -3.890  -8.895  1.00 36.33 ? 70  GLU A CA  1 
ATOM   499  C  C   . GLU A 1 72  ? -9.156  -3.698  -7.844  1.00 35.54 ? 70  GLU A C   1 
ATOM   500  O  O   . GLU A 1 72  ? -8.317  -2.801  -7.959  1.00 32.92 ? 70  GLU A O   1 
ATOM   501  C  CB  . GLU A 1 72  ? -9.898  -5.019  -9.869  1.00 31.95 ? 70  GLU A CB  1 
ATOM   502  N  N   . ILE A 1 73  ? -9.168  -4.554  -6.826  1.00 34.94 ? 71  ILE A N   1 
ATOM   503  C  CA  . ILE A 1 73  ? -8.329  -4.360  -5.658  1.00 32.86 ? 71  ILE A CA  1 
ATOM   504  C  C   . ILE A 1 73  ? -8.065  -5.673  -4.942  1.00 32.18 ? 71  ILE A C   1 
ATOM   505  O  O   . ILE A 1 73  ? -8.983  -6.325  -4.492  1.00 34.12 ? 71  ILE A O   1 
ATOM   506  C  CB  . ILE A 1 73  ? -8.996  -3.368  -4.686  1.00 32.71 ? 71  ILE A CB  1 
ATOM   507  C  CG1 . ILE A 1 73  ? -8.724  -1.931  -5.135  1.00 32.15 ? 71  ILE A CG1 1 
ATOM   508  C  CG2 . ILE A 1 73  ? -8.519  -3.589  -3.255  1.00 32.53 ? 71  ILE A CG2 1 
ATOM   509  C  CD1 . ILE A 1 73  ? -9.660  -0.930  -4.570  1.00 31.29 ? 71  ILE A CD1 1 
ATOM   510  N  N   . GLU A 1 74  ? -6.807  -6.071  -4.848  1.00 32.08 ? 72  GLU A N   1 
ATOM   511  C  CA  . GLU A 1 74  ? -6.462  -7.246  -4.075  1.00 31.53 ? 72  GLU A CA  1 
ATOM   512  C  C   . GLU A 1 74  ? -6.195  -6.864  -2.624  1.00 32.40 ? 72  GLU A C   1 
ATOM   513  O  O   . GLU A 1 74  ? -5.438  -5.937  -2.356  1.00 32.32 ? 72  GLU A O   1 
ATOM   514  C  CB  . GLU A 1 74  ? -5.242  -7.937  -4.668  1.00 32.32 ? 72  GLU A CB  1 
ATOM   515  C  CG  . GLU A 1 74  ? -4.992  -9.319  -4.080  1.00 34.06 ? 72  GLU A CG  1 
ATOM   516  C  CD  . GLU A 1 74  ? -6.236  -10.214 -4.139  1.00 36.20 ? 72  GLU A CD  1 
ATOM   517  O  OE1 . GLU A 1 74  ? -6.697  -10.474 -5.267  1.00 37.79 ? 72  GLU A OE1 1 
ATOM   518  O  OE2 . GLU A 1 74  ? -6.763  -10.648 -3.078  1.00 36.15 ? 72  GLU A OE2 1 
ATOM   519  N  N   . PHE A 1 75  ? -6.806  -7.577  -1.686  1.00 32.15 ? 73  PHE A N   1 
ATOM   520  C  CA  . PHE A 1 75  ? -6.643  -7.244  -0.279  1.00 30.72 ? 73  PHE A CA  1 
ATOM   521  C  C   . PHE A 1 75  ? -6.429  -8.484  0.591   1.00 30.16 ? 73  PHE A C   1 
ATOM   522  O  O   . PHE A 1 75  ? -7.372  -9.179  0.903   1.00 32.62 ? 73  PHE A O   1 
ATOM   523  C  CB  . PHE A 1 75  ? -7.863  -6.443  0.174   1.00 32.55 ? 73  PHE A CB  1 
ATOM   524  C  CG  . PHE A 1 75  ? -7.616  -5.585  1.379   1.00 32.22 ? 73  PHE A CG  1 
ATOM   525  C  CD1 . PHE A 1 75  ? -6.355  -5.078  1.639   1.00 31.11 ? 73  PHE A CD1 1 
ATOM   526  C  CD2 . PHE A 1 75  ? -8.653  -5.270  2.242   1.00 32.04 ? 73  PHE A CD2 1 
ATOM   527  C  CE1 . PHE A 1 75  ? -6.134  -4.284  2.749   1.00 32.60 ? 73  PHE A CE1 1 
ATOM   528  C  CE2 . PHE A 1 75  ? -8.438  -4.481  3.354   1.00 32.42 ? 73  PHE A CE2 1 
ATOM   529  C  CZ  . PHE A 1 75  ? -7.182  -3.992  3.615   1.00 32.64 ? 73  PHE A CZ  1 
ATOM   530  N  N   . LEU A 1 76  ? -5.190  -8.763  0.989   1.00 30.03 ? 74  LEU A N   1 
ATOM   531  C  CA  . LEU A 1 76  ? -4.876  -10.046 1.619   1.00 30.82 ? 74  LEU A CA  1 
ATOM   532  C  C   . LEU A 1 76  ? -4.027  -9.969  2.881   1.00 32.28 ? 74  LEU A C   1 
ATOM   533  O  O   . LEU A 1 76  ? -3.132  -9.148  2.982   1.00 32.17 ? 74  LEU A O   1 
ATOM   534  C  CB  . LEU A 1 76  ? -4.141  -10.930 0.624   1.00 32.52 ? 74  LEU A CB  1 
ATOM   535  C  CG  . LEU A 1 76  ? -4.767  -11.205 -0.739  1.00 31.70 ? 74  LEU A CG  1 
ATOM   536  C  CD1 . LEU A 1 76  ? -3.681  -11.223 -1.742  1.00 31.62 ? 74  LEU A CD1 1 
ATOM   537  C  CD2 . LEU A 1 76  ? -5.479  -12.526 -0.740  1.00 32.50 ? 74  LEU A CD2 1 
ATOM   538  N  N   . ASP A 1 77  ? -4.284  -10.865 3.825   1.00 33.09 ? 75  ASP A N   1 
ATOM   539  C  CA  . ASP A 1 77  ? -3.512  -10.936 5.053   1.00 34.46 ? 75  ASP A CA  1 
ATOM   540  C  C   . ASP A 1 77  ? -2.407  -11.959 4.916   1.00 36.42 ? 75  ASP A C   1 
ATOM   541  O  O   . ASP A 1 77  ? -2.663  -13.159 5.030   1.00 37.46 ? 75  ASP A O   1 
ATOM   542  C  CB  . ASP A 1 77  ? -4.416  -11.346 6.214   1.00 37.12 ? 75  ASP A CB  1 
ATOM   543  C  CG  . ASP A 1 77  ? -3.636  -11.710 7.475   1.00 40.43 ? 75  ASP A CG  1 
ATOM   544  O  OD1 . ASP A 1 77  ? -2.449  -11.310 7.602   1.00 37.97 ? 75  ASP A OD1 1 
ATOM   545  O  OD2 . ASP A 1 77  ? -4.230  -12.394 8.341   1.00 41.06 ? 75  ASP A OD2 1 
ATOM   546  N  N   . LEU A 1 78  ? -1.177  -11.487 4.693   1.00 37.31 ? 76  LEU A N   1 
ATOM   547  C  CA  . LEU A 1 78  ? -0.037  -12.383 4.429   1.00 37.63 ? 76  LEU A CA  1 
ATOM   548  C  C   . LEU A 1 78  ? 0.526   -13.042 5.685   1.00 38.80 ? 76  LEU A C   1 
ATOM   549  O  O   . LEU A 1 78  ? 1.464   -13.822 5.618   1.00 39.80 ? 76  LEU A O   1 
ATOM   550  C  CB  . LEU A 1 78  ? 1.041   -11.687 3.601   1.00 36.63 ? 76  LEU A CB  1 
ATOM   551  C  CG  . LEU A 1 78  ? 0.447   -11.183 2.282   1.00 35.83 ? 76  LEU A CG  1 
ATOM   552  C  CD1 . LEU A 1 78  ? 1.499   -10.568 1.407   1.00 36.37 ? 76  LEU A CD1 1 
ATOM   553  C  CD2 . LEU A 1 78  ? -0.284  -12.289 1.530   1.00 34.69 ? 76  LEU A CD2 1 
ATOM   554  N  N   . SER A 1 79  ? -0.083  -12.730 6.821   1.00 39.93 ? 77  SER A N   1 
ATOM   555  C  CA  . SER A 1 79  ? 0.090   -13.486 8.051   1.00 40.86 ? 77  SER A CA  1 
ATOM   556  C  C   . SER A 1 79  ? -0.424  -14.914 7.869   1.00 41.52 ? 77  SER A C   1 
ATOM   557  O  O   . SER A 1 79  ? 0.132   -15.870 8.413   1.00 44.50 ? 77  SER A O   1 
ATOM   558  C  CB  . SER A 1 79  ? -0.672  -12.797 9.192   1.00 42.45 ? 77  SER A CB  1 
ATOM   559  O  OG  . SER A 1 79  ? -1.309  -13.737 10.041  1.00 44.18 ? 77  SER A OG  1 
ATOM   560  N  N   . ASP A 1 80  ? -1.496  -15.060 7.106   1.00 39.94 ? 78  ASP A N   1 
ATOM   561  C  CA  . ASP A 1 80  ? -1.983  -16.382 6.769   1.00 40.22 ? 78  ASP A CA  1 
ATOM   562  C  C   . ASP A 1 80  ? -0.970  -17.089 5.870   1.00 40.79 ? 78  ASP A C   1 
ATOM   563  O  O   . ASP A 1 80  ? -0.689  -16.631 4.770   1.00 39.79 ? 78  ASP A O   1 
ATOM   564  C  CB  . ASP A 1 80  ? -3.324  -16.288 6.055   1.00 38.80 ? 78  ASP A CB  1 
ATOM   565  C  CG  . ASP A 1 80  ? -3.946  -17.641 5.839   1.00 39.27 ? 78  ASP A CG  1 
ATOM   566  O  OD1 . ASP A 1 80  ? -4.189  -18.313 6.855   1.00 37.94 ? 78  ASP A OD1 1 
ATOM   567  O  OD2 . ASP A 1 80  ? -4.184  -18.040 4.674   1.00 37.85 ? 78  ASP A OD2 1 
ATOM   568  N  N   . GLU A 1 81  ? -0.432  -18.208 6.337   1.00 42.29 ? 79  GLU A N   1 
ATOM   569  C  CA  . GLU A 1 81  ? 0.643   -18.896 5.617   1.00 44.19 ? 79  GLU A CA  1 
ATOM   570  C  C   . GLU A 1 81  ? 0.232   -19.447 4.254   1.00 43.19 ? 79  GLU A C   1 
ATOM   571  O  O   . GLU A 1 81  ? 0.925   -19.268 3.258   1.00 44.09 ? 79  GLU A O   1 
ATOM   572  C  CB  . GLU A 1 81  ? 1.212   -20.031 6.464   1.00 46.00 ? 79  GLU A CB  1 
ATOM   573  C  CG  . GLU A 1 81  ? 2.695   -20.264 6.235   1.00 47.64 ? 79  GLU A CG  1 
ATOM   574  C  CD  . GLU A 1 81  ? 3.533   -19.060 6.640   1.00 49.65 ? 79  GLU A CD  1 
ATOM   575  O  OE1 . GLU A 1 81  ? 3.188   -18.397 7.656   1.00 49.67 ? 79  GLU A OE1 1 
ATOM   576  O  OE2 . GLU A 1 81  ? 4.537   -18.782 5.943   1.00 52.43 ? 79  GLU A OE2 1 
ATOM   577  N  N   . ARG A 1 82  ? -0.890  -20.147 4.233   1.00 42.91 ? 80  ARG A N   1 
ATOM   578  C  CA  . ARG A 1 82  ? -1.455  -20.645 3.001   1.00 43.63 ? 80  ARG A CA  1 
ATOM   579  C  C   . ARG A 1 82  ? -1.539  -19.513 1.979   1.00 43.23 ? 80  ARG A C   1 
ATOM   580  O  O   . ARG A 1 82  ? -1.115  -19.657 0.829   1.00 43.36 ? 80  ARG A O   1 
ATOM   581  C  CB  . ARG A 1 82  ? -2.837  -21.197 3.302   1.00 43.16 ? 80  ARG A CB  1 
ATOM   582  C  CG  . ARG A 1 82  ? -3.319  -22.190 2.311   1.00 45.30 ? 80  ARG A CG  1 
ATOM   583  C  CD  . ARG A 1 82  ? -4.429  -23.035 2.898   1.00 47.67 ? 80  ARG A CD  1 
ATOM   584  N  NE  . ARG A 1 82  ? -5.167  -23.706 1.830   1.00 51.31 ? 80  ARG A NE  1 
ATOM   585  C  CZ  . ARG A 1 82  ? -6.420  -23.421 1.485   1.00 49.25 ? 80  ARG A CZ  1 
ATOM   586  N  NH1 . ARG A 1 82  ? -7.105  -22.497 2.144   1.00 44.95 ? 80  ARG A NH1 1 
ATOM   587  N  NH2 . ARG A 1 82  ? -6.996  -24.080 0.484   1.00 52.38 ? 80  ARG A NH2 1 
ATOM   588  N  N   . THR A 1 83  ? -2.075  -18.380 2.425   1.00 40.92 ? 81  THR A N   1 
ATOM   589  C  CA  . THR A 1 83  ? -2.219  -17.184 1.604   1.00 39.05 ? 81  THR A CA  1 
ATOM   590  C  C   . THR A 1 83  ? -0.869  -16.649 1.128   1.00 40.33 ? 81  THR A C   1 
ATOM   591  O  O   . THR A 1 83  ? -0.684  -16.359 -0.050  1.00 41.37 ? 81  THR A O   1 
ATOM   592  C  CB  . THR A 1 83  ? -2.967  -16.086 2.375   1.00 37.46 ? 81  THR A CB  1 
ATOM   593  O  OG1 . THR A 1 83  ? -4.214  -16.604 2.838   1.00 37.51 ? 81  THR A OG1 1 
ATOM   594  C  CG2 . THR A 1 83  ? -3.231  -14.889 1.502   1.00 35.06 ? 81  THR A CG2 1 
ATOM   595  N  N   . TYR A 1 84  ? 0.078   -16.517 2.041   1.00 40.27 ? 82  TYR A N   1 
ATOM   596  C  CA  . TYR A 1 84  ? 1.407   -16.088 1.643   1.00 42.21 ? 82  TYR A CA  1 
ATOM   597  C  C   . TYR A 1 84  ? 1.930   -17.002 0.535   1.00 43.98 ? 82  TYR A C   1 
ATOM   598  O  O   . TYR A 1 84  ? 2.425   -16.535 -0.505  1.00 44.20 ? 82  TYR A O   1 
ATOM   599  C  CB  . TYR A 1 84  ? 2.359   -16.119 2.833   1.00 41.95 ? 82  TYR A CB  1 
ATOM   600  C  CG  . TYR A 1 84  ? 3.759   -15.723 2.462   1.00 43.48 ? 82  TYR A CG  1 
ATOM   601  C  CD1 . TYR A 1 84  ? 4.048   -14.417 2.091   1.00 44.03 ? 82  TYR A CD1 1 
ATOM   602  C  CD2 . TYR A 1 84  ? 4.795   -16.652 2.473   1.00 44.96 ? 82  TYR A CD2 1 
ATOM   603  C  CE1 . TYR A 1 84  ? 5.333   -14.042 1.738   1.00 47.61 ? 82  TYR A CE1 1 
ATOM   604  C  CE2 . TYR A 1 84  ? 6.087   -16.292 2.122   1.00 45.44 ? 82  TYR A CE2 1 
ATOM   605  C  CZ  . TYR A 1 84  ? 6.355   -14.980 1.752   1.00 48.09 ? 82  TYR A CZ  1 
ATOM   606  O  OH  . TYR A 1 84  ? 7.639   -14.593 1.403   1.00 46.82 ? 82  TYR A OH  1 
ATOM   607  N  N   . LEU A 1 85  ? 1.799   -18.307 0.769   1.00 43.05 ? 83  LEU A N   1 
ATOM   608  C  CA  . LEU A 1 85  ? 2.299   -19.324 -0.149  1.00 45.95 ? 83  LEU A CA  1 
ATOM   609  C  C   . LEU A 1 85  ? 1.772   -19.188 -1.580  1.00 46.52 ? 83  LEU A C   1 
ATOM   610  O  O   . LEU A 1 85  ? 2.536   -19.327 -2.533  1.00 46.04 ? 83  LEU A O   1 
ATOM   611  C  CB  . LEU A 1 85  ? 2.008   -20.733 0.385   1.00 47.79 ? 83  LEU A CB  1 
ATOM   612  C  CG  . LEU A 1 85  ? 2.699   -21.143 1.692   1.00 50.49 ? 83  LEU A CG  1 
ATOM   613  C  CD1 . LEU A 1 85  ? 2.269   -22.549 2.119   1.00 50.36 ? 83  LEU A CD1 1 
ATOM   614  C  CD2 . LEU A 1 85  ? 4.225   -21.031 1.591   1.00 47.26 ? 83  LEU A CD2 1 
ATOM   615  N  N   . TYR A 1 86  ? 0.480   -18.908 -1.739  1.00 46.43 ? 84  TYR A N   1 
ATOM   616  C  CA  . TYR A 1 86  ? -0.089  -18.825 -3.079  1.00 44.98 ? 84  TYR A CA  1 
ATOM   617  C  C   . TYR A 1 86  ? -0.201  -17.422 -3.616  1.00 45.20 ? 84  TYR A C   1 
ATOM   618  O  O   . TYR A 1 86  ? -0.794  -17.245 -4.675  1.00 45.77 ? 84  TYR A O   1 
ATOM   619  C  CB  . TYR A 1 86  ? -1.461  -19.468 -3.118  1.00 46.12 ? 84  TYR A CB  1 
ATOM   620  C  CG  . TYR A 1 86  ? -1.452  -20.877 -2.608  1.00 46.62 ? 84  TYR A CG  1 
ATOM   621  C  CD1 . TYR A 1 86  ? -1.216  -21.942 -3.459  1.00 45.00 ? 84  TYR A CD1 1 
ATOM   622  C  CD2 . TYR A 1 86  ? -1.660  -21.141 -1.270  1.00 46.88 ? 84  TYR A CD2 1 
ATOM   623  C  CE1 . TYR A 1 86  ? -1.195  -23.234 -2.984  1.00 46.52 ? 84  TYR A CE1 1 
ATOM   624  C  CE2 . TYR A 1 86  ? -1.647  -22.427 -0.784  1.00 47.63 ? 84  TYR A CE2 1 
ATOM   625  C  CZ  . TYR A 1 86  ? -1.413  -23.474 -1.641  1.00 48.21 ? 84  TYR A CZ  1 
ATOM   626  O  OH  . TYR A 1 86  ? -1.406  -24.764 -1.145  1.00 51.13 ? 84  TYR A OH  1 
ATOM   627  N  N   . PRO A 1 92  ? 3.614   -8.371  -6.276  1.00 43.37 ? 90  PRO A N   1 
ATOM   628  C  CA  . PRO A 1 92  ? 4.509   -7.410  -6.912  1.00 44.66 ? 90  PRO A CA  1 
ATOM   629  C  C   . PRO A 1 92  ? 5.795   -7.146  -6.142  1.00 46.62 ? 90  PRO A C   1 
ATOM   630  O  O   . PRO A 1 92  ? 6.779   -6.745  -6.748  1.00 46.83 ? 90  PRO A O   1 
ATOM   631  C  CB  . PRO A 1 92  ? 3.664   -6.133  -6.955  1.00 42.86 ? 90  PRO A CB  1 
ATOM   632  C  CG  . PRO A 1 92  ? 2.294   -6.614  -7.157  1.00 41.07 ? 90  PRO A CG  1 
ATOM   633  C  CD  . PRO A 1 92  ? 2.208   -7.965  -6.429  1.00 42.84 ? 90  PRO A CD  1 
ATOM   634  N  N   . THR A 1 93  ? 5.814   -7.350  -4.835  1.00 46.91 ? 91  THR A N   1 
ATOM   635  C  CA  . THR A 1 93  ? 6.969   -6.878  -4.080  1.00 46.58 ? 91  THR A CA  1 
ATOM   636  C  C   . THR A 1 93  ? 7.608   -7.960  -3.228  1.00 47.30 ? 91  THR A C   1 
ATOM   637  O  O   . THR A 1 93  ? 7.930   -7.734  -2.066  1.00 48.23 ? 91  THR A O   1 
ATOM   638  C  CB  . THR A 1 93  ? 6.567   -5.697  -3.195  1.00 47.82 ? 91  THR A CB  1 
ATOM   639  O  OG1 . THR A 1 93  ? 5.361   -6.028  -2.491  1.00 46.45 ? 91  THR A OG1 1 
ATOM   640  C  CG2 . THR A 1 93  ? 6.327   -4.444  -4.050  1.00 45.13 ? 91  THR A CG2 1 
ATOM   641  N  N   . PRO A 1 94  ? 7.833   -9.131  -3.825  1.00 48.13 ? 92  PRO A N   1 
ATOM   642  C  CA  . PRO A 1 94  ? 8.102   -10.361 -3.077  1.00 47.08 ? 92  PRO A CA  1 
ATOM   643  C  C   . PRO A 1 94  ? 9.112   -10.181 -1.957  1.00 46.73 ? 92  PRO A C   1 
ATOM   644  O  O   . PRO A 1 94  ? 8.808   -10.523 -0.817  1.00 47.23 ? 92  PRO A O   1 
ATOM   645  C  CB  . PRO A 1 94  ? 8.646   -11.302 -4.150  1.00 47.98 ? 92  PRO A CB  1 
ATOM   646  C  CG  . PRO A 1 94  ? 8.031   -10.806 -5.407  1.00 47.94 ? 92  PRO A CG  1 
ATOM   647  C  CD  . PRO A 1 94  ? 7.999   -9.322  -5.274  1.00 48.05 ? 92  PRO A CD  1 
ATOM   648  N  N   . ILE A 1 95  ? 10.288  -9.655  -2.276  1.00 46.55 ? 93  ILE A N   1 
ATOM   649  C  CA  . ILE A 1 95  ? 11.370  -9.535  -1.301  1.00 47.46 ? 93  ILE A CA  1 
ATOM   650  C  C   . ILE A 1 95  ? 11.032  -8.479  -0.247  1.00 47.39 ? 93  ILE A C   1 
ATOM   651  O  O   . ILE A 1 95  ? 11.459  -8.549  0.916   1.00 45.08 ? 93  ILE A O   1 
ATOM   652  C  CB  . ILE A 1 95  ? 12.691  -9.167  -2.007  1.00 50.55 ? 93  ILE A CB  1 
ATOM   653  C  CG1 . ILE A 1 95  ? 12.702  -9.755  -3.429  1.00 50.49 ? 93  ILE A CG1 1 
ATOM   654  C  CG2 . ILE A 1 95  ? 13.906  -9.605  -1.166  1.00 48.81 ? 93  ILE A CG2 1 
ATOM   655  C  CD1 . ILE A 1 95  ? 13.993  -9.555  -4.190  1.00 48.00 ? 93  ILE A CD1 1 
ATOM   656  N  N   . LEU A 1 96  ? 10.253  -7.497  -0.673  1.00 45.98 ? 94  LEU A N   1 
ATOM   657  C  CA  . LEU A 1 96  ? 9.730   -6.504  0.230   1.00 44.71 ? 94  LEU A CA  1 
ATOM   658  C  C   . LEU A 1 96  ? 8.763   -7.151  1.220   1.00 45.75 ? 94  LEU A C   1 
ATOM   659  O  O   . LEU A 1 96  ? 8.906   -7.037  2.448   1.00 44.89 ? 94  LEU A O   1 
ATOM   660  C  CB  . LEU A 1 96  ? 8.998   -5.443  -0.569  1.00 43.83 ? 94  LEU A CB  1 
ATOM   661  C  CG  . LEU A 1 96  ? 8.482   -4.364  0.362   1.00 44.77 ? 94  LEU A CG  1 
ATOM   662  C  CD1 . LEU A 1 96  ? 9.644   -3.826  1.171   1.00 42.00 ? 94  LEU A CD1 1 
ATOM   663  C  CD2 . LEU A 1 96  ? 7.823   -3.272  -0.434  1.00 44.48 ? 94  LEU A CD2 1 
ATOM   664  N  N   . ILE A 1 97  ? 7.779   -7.843  0.665   1.00 44.89 ? 95  ILE A N   1 
ATOM   665  C  CA  . ILE A 1 97  ? 6.744   -8.472  1.459   1.00 44.61 ? 95  ILE A CA  1 
ATOM   666  C  C   . ILE A 1 97  ? 7.287   -9.452  2.494   1.00 44.16 ? 95  ILE A C   1 
ATOM   667  O  O   . ILE A 1 97  ? 6.758   -9.535  3.596   1.00 44.55 ? 95  ILE A O   1 
ATOM   668  C  CB  . ILE A 1 97  ? 5.751   -9.206  0.563   1.00 43.67 ? 95  ILE A CB  1 
ATOM   669  C  CG1 . ILE A 1 97  ? 4.854   -8.202  -0.157  1.00 42.69 ? 95  ILE A CG1 1 
ATOM   670  C  CG2 . ILE A 1 97  ? 4.940   -10.177 1.378   1.00 42.24 ? 95  ILE A CG2 1 
ATOM   671  C  CD1 . ILE A 1 97  ? 4.048   -8.825  -1.281  1.00 42.98 ? 95  ILE A CD1 1 
ATOM   672  N  N   . SER A 1 98  ? 8.317   -10.216 2.143   1.00 44.33 ? 96  SER A N   1 
ATOM   673  C  CA  . SER A 1 98  ? 8.839   -11.215 3.077   1.00 44.07 ? 96  SER A CA  1 
ATOM   674  C  C   . SER A 1 98  ? 9.697   -10.556 4.138   1.00 43.68 ? 96  SER A C   1 
ATOM   675  O  O   . SER A 1 98  ? 9.905   -11.106 5.214   1.00 43.44 ? 96  SER A O   1 
ATOM   676  C  CB  . SER A 1 98  ? 9.606   -12.334 2.366   1.00 44.48 ? 96  SER A CB  1 
ATOM   677  O  OG  . SER A 1 98  ? 10.543  -11.815 1.445   1.00 47.45 ? 96  SER A OG  1 
ATOM   678  N  N   . TYR A 1 99  ? 10.180  -9.360  3.842   1.00 43.78 ? 97  TYR A N   1 
ATOM   679  C  CA  . TYR A 1 99  ? 10.891  -8.620  4.851   1.00 42.76 ? 97  TYR A CA  1 
ATOM   680  C  C   . TYR A 1 99  ? 9.896   -8.127  5.887   1.00 42.80 ? 97  TYR A C   1 
ATOM   681  O  O   . TYR A 1 99  ? 10.119  -8.263  7.091   1.00 41.57 ? 97  TYR A O   1 
ATOM   682  C  CB  . TYR A 1 99  ? 11.635  -7.435  4.262   1.00 41.60 ? 97  TYR A CB  1 
ATOM   683  C  CG  . TYR A 1 99  ? 12.230  -6.606  5.357   1.00 42.18 ? 97  TYR A CG  1 
ATOM   684  C  CD1 . TYR A 1 99  ? 11.682  -5.374  5.697   1.00 43.54 ? 97  TYR A CD1 1 
ATOM   685  C  CD2 . TYR A 1 99  ? 13.310  -7.082  6.104   1.00 42.23 ? 97  TYR A CD2 1 
ATOM   686  C  CE1 . TYR A 1 99  ? 12.219  -4.610  6.739   1.00 43.13 ? 97  TYR A CE1 1 
ATOM   687  C  CE2 . TYR A 1 99  ? 13.857  -6.331  7.143   1.00 42.55 ? 97  TYR A CE2 1 
ATOM   688  C  CZ  . TYR A 1 99  ? 13.304  -5.097  7.457   1.00 44.35 ? 97  TYR A CZ  1 
ATOM   689  O  OH  . TYR A 1 99  ? 13.824  -4.347  8.485   1.00 46.90 ? 97  TYR A OH  1 
ATOM   690  N  N   . LEU A 1 100 ? 8.798   -7.554  5.403   1.00 42.41 ? 98  LEU A N   1 
ATOM   691  C  CA  . LEU A 1 100 ? 7.785   -6.976  6.280   1.00 41.09 ? 98  LEU A CA  1 
ATOM   692  C  C   . LEU A 1 100 ? 7.176   -8.028  7.206   1.00 40.56 ? 98  LEU A C   1 
ATOM   693  O  O   . LEU A 1 100 ? 6.970   -7.773  8.392   1.00 40.18 ? 98  LEU A O   1 
ATOM   694  C  CB  . LEU A 1 100 ? 6.694   -6.293  5.460   1.00 39.71 ? 98  LEU A CB  1 
ATOM   695  C  CG  . LEU A 1 100 ? 7.176   -5.241  4.465   1.00 40.85 ? 98  LEU A CG  1 
ATOM   696  C  CD1 . LEU A 1 100 ? 6.029   -4.810  3.571   1.00 39.62 ? 98  LEU A CD1 1 
ATOM   697  C  CD2 . LEU A 1 100 ? 7.811   -4.046  5.176   1.00 39.34 ? 98  LEU A CD2 1 
ATOM   698  N  N   . ARG A 1 101 ? 6.913   -9.211  6.664   1.00 40.21 ? 99  ARG A N   1 
ATOM   699  C  CA  . ARG A 1 101 ? 6.362   -10.298 7.451   1.00 40.41 ? 99  ARG A CA  1 
ATOM   700  C  C   . ARG A 1 101 ? 7.291   -10.625 8.598   1.00 40.73 ? 99  ARG A C   1 
ATOM   701  O  O   . ARG A 1 101 ? 6.862   -11.159 9.620   1.00 41.00 ? 99  ARG A O   1 
ATOM   702  C  CB  . ARG A 1 101 ? 6.173   -11.547 6.602   1.00 41.16 ? 99  ARG A CB  1 
ATOM   703  C  CG  . ARG A 1 101 ? 5.212   -11.398 5.464   1.00 41.71 ? 99  ARG A CG  1 
ATOM   704  C  CD  . ARG A 1 101 ? 5.241   -12.651 4.578   1.00 44.94 ? 99  ARG A CD  1 
ATOM   705  N  NE  . ARG A 1 101 ? 4.312   -13.698 4.997   1.00 42.70 ? 99  ARG A NE  1 
ATOM   706  C  CZ  . ARG A 1 101 ? 4.646   -14.767 5.713   1.00 43.99 ? 99  ARG A CZ  1 
ATOM   707  N  NH1 . ARG A 1 101 ? 5.896   -14.947 6.108   1.00 44.12 ? 99  ARG A NH1 1 
ATOM   708  N  NH2 . ARG A 1 101 ? 3.723   -15.662 6.038   1.00 44.15 ? 99  ARG A NH2 1 
ATOM   709  N  N   . GLY A 1 102 ? 8.570   -10.318 8.412   1.00 40.71 ? 100 GLY A N   1 
ATOM   710  C  CA  . GLY A 1 102 ? 9.572   -10.584 9.422   1.00 39.78 ? 100 GLY A CA  1 
ATOM   711  C  C   . GLY A 1 102 ? 9.581   -9.522  10.496  1.00 40.60 ? 100 GLY A C   1 
ATOM   712  O  O   . GLY A 1 102 ? 9.874   -9.802  11.647  1.00 41.17 ? 100 GLY A O   1 
ATOM   713  N  N   . ILE A 1 103 ? 9.271   -8.291  10.114  1.00 40.88 ? 101 ILE A N   1 
ATOM   714  C  CA  . ILE A 1 103 ? 9.070   -7.240  11.092  1.00 41.70 ? 101 ILE A CA  1 
ATOM   715  C  C   . ILE A 1 103 ? 7.742   -7.450  11.822  1.00 41.41 ? 101 ILE A C   1 
ATOM   716  O  O   . ILE A 1 103 ? 7.642   -7.231  13.029  1.00 41.18 ? 101 ILE A O   1 
ATOM   717  C  CB  . ILE A 1 103 ? 8.960   -5.853  10.434  1.00 42.76 ? 101 ILE A CB  1 
ATOM   718  C  CG1 . ILE A 1 103 ? 10.190  -5.478  9.641   1.00 39.90 ? 101 ILE A CG1 1 
ATOM   719  C  CG2 . ILE A 1 103 ? 8.712   -4.756  11.488  1.00 42.40 ? 101 ILE A CG2 1 
ATOM   720  C  CD1 . ILE A 1 103 ? 10.105  -4.029  9.253   1.00 40.90 ? 101 ILE A CD1 1 
ATOM   721  N  N   . CYS A 1 104 ? 6.728   -7.867  11.067  1.00 41.54 ? 102 CYS A N   1 
ATOM   722  C  CA  . CYS A 1 104 ? 5.339   -7.821  11.516  1.00 40.33 ? 102 CYS A CA  1 
ATOM   723  C  C   . CYS A 1 104 ? 4.523   -9.016  11.052  1.00 41.86 ? 102 CYS A C   1 
ATOM   724  O  O   . CYS A 1 104 ? 4.563   -9.375  9.881   1.00 41.61 ? 102 CYS A O   1 
ATOM   725  C  CB  . CYS A 1 104 ? 4.692   -6.576  10.943  1.00 38.28 ? 102 CYS A CB  1 
ATOM   726  S  SG  . CYS A 1 104 ? 3.115   -6.251  11.621  1.00 37.74 ? 102 CYS A SG  1 
ATOM   727  N  N   . SER A 1 105 ? 3.759   -9.613  11.959  1.00 43.98 ? 103 SER A N   1 
ATOM   728  C  CA  . SER A 1 105 ? 2.891   -10.745 11.611  1.00 44.01 ? 103 SER A CA  1 
ATOM   729  C  C   . SER A 1 105 ? 1.675   -10.319 10.770  1.00 44.13 ? 103 SER A C   1 
ATOM   730  O  O   . SER A 1 105 ? 1.386   -10.921 9.722   1.00 43.20 ? 103 SER A O   1 
ATOM   731  C  CB  . SER A 1 105 ? 2.418   -11.453 12.878  1.00 46.90 ? 103 SER A CB  1 
ATOM   732  O  OG  . SER A 1 105 ? 1.673   -10.566 13.695  1.00 49.00 ? 103 SER A OG  1 
ATOM   733  N  N   . LYS A 1 106 ? 0.965   -9.291  11.236  1.00 40.45 ? 104 LYS A N   1 
ATOM   734  C  CA  . LYS A 1 106 ? -0.085  -8.677  10.439  1.00 39.13 ? 104 LYS A CA  1 
ATOM   735  C  C   . LYS A 1 106 ? 0.447   -7.841  9.280   1.00 38.17 ? 104 LYS A C   1 
ATOM   736  O  O   . LYS A 1 106 ? 0.287   -6.622  9.279   1.00 35.76 ? 104 LYS A O   1 
ATOM   737  C  CB  . LYS A 1 106 ? -0.966  -7.781  11.285  1.00 39.23 ? 104 LYS A CB  1 
ATOM   738  C  CG  . LYS A 1 106 ? -2.194  -8.454  11.829  1.00 44.78 ? 104 LYS A CG  1 
ATOM   739  C  CD  . LYS A 1 106 ? -2.885  -9.308  10.778  1.00 44.07 ? 104 LYS A CD  1 
ATOM   740  C  CE  . LYS A 1 106 ? -4.109  -9.977  11.385  1.00 44.49 ? 104 LYS A CE  1 
ATOM   741  N  NZ  . LYS A 1 106 ? -4.592  -11.096 10.540  1.00 47.46 ? 104 LYS A NZ  1 
ATOM   742  N  N   . THR A 1 107 ? 1.058   -8.494  8.292   1.00 36.48 ? 105 THR A N   1 
ATOM   743  C  CA  . THR A 1 107 ? 1.365   -7.834  7.037   1.00 34.80 ? 105 THR A CA  1 
ATOM   744  C  C   . THR A 1 107 ? 0.268   -8.066  6.012   1.00 34.43 ? 105 THR A C   1 
ATOM   745  O  O   . THR A 1 107 ? 0.066   -9.177  5.528   1.00 34.82 ? 105 THR A O   1 
ATOM   746  C  CB  . THR A 1 107 ? 2.687   -8.307  6.414   1.00 36.76 ? 105 THR A CB  1 
ATOM   747  O  OG1 . THR A 1 107 ? 3.759   -8.081  7.336   1.00 39.51 ? 105 THR A OG1 1 
ATOM   748  C  CG2 . THR A 1 107 ? 2.956   -7.534  5.118   1.00 33.71 ? 105 THR A CG2 1 
ATOM   749  N  N   . ILE A 1 108 ? -0.414  -6.993  5.658   1.00 32.04 ? 106 ILE A N   1 
ATOM   750  C  CA  . ILE A 1 108 ? -1.489  -7.061  4.706   1.00 30.92 ? 106 ILE A CA  1 
ATOM   751  C  C   . ILE A 1 108 ? -1.092  -6.409  3.395   1.00 29.82 ? 106 ILE A C   1 
ATOM   752  O  O   . ILE A 1 108 ? -0.601  -5.290  3.394   1.00 30.19 ? 106 ILE A O   1 
ATOM   753  C  CB  . ILE A 1 108 ? -2.746  -6.377  5.286   1.00 31.22 ? 106 ILE A CB  1 
ATOM   754  C  CG1 . ILE A 1 108 ? -3.293  -7.212  6.451   1.00 31.74 ? 106 ILE A CG1 1 
ATOM   755  C  CG2 . ILE A 1 108 ? -3.793  -6.163  4.205   1.00 30.03 ? 106 ILE A CG2 1 
ATOM   756  C  CD1 . ILE A 1 108 ? -3.891  -6.398  7.540   1.00 32.88 ? 106 ILE A CD1 1 
ATOM   757  N  N   . PHE A 1 109 ? -1.306  -7.112  2.279   1.00 30.80 ? 107 PHE A N   1 
ATOM   758  C  CA  . PHE A 1 109 ? -1.113  -6.525  0.947   1.00 30.07 ? 107 PHE A CA  1 
ATOM   759  C  C   . PHE A 1 109 ? -2.394  -5.904  0.399   1.00 29.47 ? 107 PHE A C   1 
ATOM   760  O  O   . PHE A 1 109 ? -3.462  -6.474  0.529   1.00 30.60 ? 107 PHE A O   1 
ATOM   761  C  CB  . PHE A 1 109 ? -0.532  -7.537  -0.068  1.00 30.16 ? 107 PHE A CB  1 
ATOM   762  C  CG  . PHE A 1 109 ? -0.285  -6.941  -1.442  1.00 30.48 ? 107 PHE A CG  1 
ATOM   763  C  CD1 . PHE A 1 109 ? 0.807   -6.119  -1.679  1.00 31.56 ? 107 PHE A CD1 1 
ATOM   764  C  CD2 . PHE A 1 109 ? -1.177  -7.158  -2.481  1.00 30.09 ? 107 PHE A CD2 1 
ATOM   765  C  CE1 . PHE A 1 109 ? 1.002   -5.533  -2.939  1.00 32.38 ? 107 PHE A CE1 1 
ATOM   766  C  CE2 . PHE A 1 109 ? -0.981  -6.580  -3.738  1.00 30.29 ? 107 PHE A CE2 1 
ATOM   767  C  CZ  . PHE A 1 109 ? 0.100   -5.769  -3.964  1.00 32.03 ? 107 PHE A CZ  1 
ATOM   768  N  N   . LEU A 1 110 ? -2.272  -4.727  -0.206  1.00 29.11 ? 108 LEU A N   1 
ATOM   769  C  CA  . LEU A 1 110 ? -3.377  -4.072  -0.896  1.00 29.67 ? 108 LEU A CA  1 
ATOM   770  C  C   . LEU A 1 110 ? -2.995  -3.657  -2.316  1.00 30.01 ? 108 LEU A C   1 
ATOM   771  O  O   . LEU A 1 110 ? -2.352  -2.627  -2.504  1.00 30.09 ? 108 LEU A O   1 
ATOM   772  C  CB  . LEU A 1 110 ? -3.814  -2.833  -0.123  1.00 30.27 ? 108 LEU A CB  1 
ATOM   773  C  CG  . LEU A 1 110 ? -5.139  -2.149  -0.505  1.00 31.08 ? 108 LEU A CG  1 
ATOM   774  C  CD1 . LEU A 1 110 ? -5.523  -1.148  0.557   1.00 30.93 ? 108 LEU A CD1 1 
ATOM   775  C  CD2 . LEU A 1 110 ? -5.091  -1.472  -1.862  1.00 30.99 ? 108 LEU A CD2 1 
ATOM   776  N  N   . GLY A 1 111 ? -3.397  -4.452  -3.309  1.00 30.32 ? 109 GLY A N   1 
ATOM   777  C  CA  . GLY A 1 111 ? -3.076  -4.178  -4.699  1.00 30.28 ? 109 GLY A CA  1 
ATOM   778  C  C   . GLY A 1 111 ? -4.180  -3.429  -5.410  1.00 30.43 ? 109 GLY A C   1 
ATOM   779  O  O   . GLY A 1 111 ? -5.343  -3.798  -5.314  1.00 31.78 ? 109 GLY A O   1 
ATOM   780  N  N   . ILE A 1 112 ? -3.818  -2.366  -6.116  1.00 29.72 ? 110 ILE A N   1 
ATOM   781  C  CA  . ILE A 1 112 ? -4.771  -1.546  -6.840  1.00 28.99 ? 110 ILE A CA  1 
ATOM   782  C  C   . ILE A 1 112 ? -4.407  -1.686  -8.288  1.00 29.32 ? 110 ILE A C   1 
ATOM   783  O  O   . ILE A 1 112 ? -3.337  -1.272  -8.711  1.00 30.83 ? 110 ILE A O   1 
ATOM   784  C  CB  . ILE A 1 112 ? -4.696  -0.070  -6.414  1.00 28.24 ? 110 ILE A CB  1 
ATOM   785  C  CG1 . ILE A 1 112 ? -4.878  0.049   -4.903  1.00 28.90 ? 110 ILE A CG1 1 
ATOM   786  C  CG2 . ILE A 1 112 ? -5.726  0.791   -7.142  1.00 27.37 ? 110 ILE A CG2 1 
ATOM   787  C  CD1 . ILE A 1 112 ? -4.363  1.369   -4.326  1.00 30.24 ? 110 ILE A CD1 1 
ATOM   788  N  N   . SER A 1 113 ? -5.286  -2.305  -9.053  1.00 29.45 ? 111 SER A N   1 
ATOM   789  C  CA  . SER A 1 113 ? -4.943  -2.621  -10.421 1.00 30.39 ? 111 SER A CA  1 
ATOM   790  C  C   . SER A 1 113 ? -5.055  -1.363  -11.263 1.00 29.42 ? 111 SER A C   1 
ATOM   791  O  O   . SER A 1 113 ? -5.983  -0.567  -11.073 1.00 26.87 ? 111 SER A O   1 
ATOM   792  C  CB  . SER A 1 113 ? -5.788  -3.778  -10.968 1.00 30.20 ? 111 SER A CB  1 
ATOM   793  O  OG  . SER A 1 113 ? -7.162  -3.456  -11.030 1.00 35.00 ? 111 SER A OG  1 
ATOM   794  N  N   . VAL A 1 114 ? -4.071  -1.169  -12.149 1.00 28.45 ? 112 VAL A N   1 
ATOM   795  C  CA  . VAL A 1 114 ? -4.052  -0.020  -13.050 1.00 28.35 ? 112 VAL A CA  1 
ATOM   796  C  C   . VAL A 1 114 ? -3.857  -0.497  -14.471 1.00 27.98 ? 112 VAL A C   1 
ATOM   797  O  O   . VAL A 1 114 ? -3.330  -1.558  -14.685 1.00 29.89 ? 112 VAL A O   1 
ATOM   798  C  CB  . VAL A 1 114 ? -2.980  1.049   -12.656 1.00 29.08 ? 112 VAL A CB  1 
ATOM   799  C  CG1 . VAL A 1 114 ? -3.393  1.799   -11.390 1.00 28.27 ? 112 VAL A CG1 1 
ATOM   800  C  CG2 . VAL A 1 114 ? -1.629  0.426   -12.451 1.00 29.01 ? 112 VAL A CG2 1 
ATOM   801  N  N   . LEU A 1 115 ? -4.320  0.283   -15.436 1.00 28.95 ? 113 LEU A N   1 
ATOM   802  C  CA  . LEU A 1 115 ? -4.046  0.026   -16.845 1.00 30.50 ? 113 LEU A CA  1 
ATOM   803  C  C   . LEU A 1 115 ? -2.579  0.307   -17.191 1.00 31.80 ? 113 LEU A C   1 
ATOM   804  O  O   . LEU A 1 115 ? -2.061  1.402   -16.955 1.00 30.60 ? 113 LEU A O   1 
ATOM   805  C  CB  . LEU A 1 115 ? -4.973  0.867   -17.728 1.00 31.86 ? 113 LEU A CB  1 
ATOM   806  C  CG  . LEU A 1 115 ? -6.466  0.523   -17.602 1.00 32.29 ? 113 LEU A CG  1 
ATOM   807  C  CD1 . LEU A 1 115 ? -7.331  1.402   -18.469 1.00 33.19 ? 113 LEU A CD1 1 
ATOM   808  C  CD2 . LEU A 1 115 ? -6.715  -0.910  -17.963 1.00 30.33 ? 113 LEU A CD2 1 
ATOM   809  N  N   . LEU A 1 116 ? -1.932  -0.697  -17.770 1.00 33.86 ? 114 LEU A N   1 
ATOM   810  C  CA  . LEU A 1 116 ? -0.539  -0.625  -18.194 1.00 32.56 ? 114 LEU A CA  1 
ATOM   811  C  C   . LEU A 1 116 ? -0.230  0.558   -19.120 1.00 32.52 ? 114 LEU A C   1 
ATOM   812  O  O   . LEU A 1 116 ? 0.854   1.128   -19.071 1.00 32.22 ? 114 LEU A O   1 
ATOM   813  C  CB  . LEU A 1 116 ? -0.153  -1.934  -18.875 1.00 34.17 ? 114 LEU A CB  1 
ATOM   814  C  CG  . LEU A 1 116 ? 1.219   -1.989  -19.554 1.00 33.99 ? 114 LEU A CG  1 
ATOM   815  C  CD1 . LEU A 1 116 ? 2.358   -2.164  -18.564 1.00 30.60 ? 114 LEU A CD1 1 
ATOM   816  C  CD2 . LEU A 1 116 ? 1.231   -3.106  -20.586 1.00 36.07 ? 114 LEU A CD2 1 
ATOM   817  N  N   . GLU A 1 117 ? -1.179  0.927   -19.968 1.00 33.72 ? 115 GLU A N   1 
ATOM   818  C  CA  . GLU A 1 117 ? -0.981  2.062   -20.859 1.00 33.65 ? 115 GLU A CA  1 
ATOM   819  C  C   . GLU A 1 117 ? -0.805  3.334   -20.047 1.00 34.65 ? 115 GLU A C   1 
ATOM   820  O  O   . GLU A 1 117 ? -0.156  4.289   -20.497 1.00 36.85 ? 115 GLU A O   1 
ATOM   821  C  CB  . GLU A 1 117 ? -2.181  2.219   -21.780 1.00 34.54 ? 115 GLU A CB  1 
ATOM   822  C  CG  . GLU A 1 117 ? -3.386  2.754   -21.066 1.00 36.10 ? 115 GLU A CG  1 
ATOM   823  C  CD  . GLU A 1 117 ? -4.703  2.293   -21.661 1.00 39.16 ? 115 GLU A CD  1 
ATOM   824  O  OE1 . GLU A 1 117 ? -4.864  1.074   -21.919 1.00 39.71 ? 115 GLU A OE1 1 
ATOM   825  O  OE2 . GLU A 1 117 ? -5.589  3.158   -21.836 1.00 40.75 ? 115 GLU A OE2 1 
ATOM   826  N  N   . ASN A 1 118 ? -1.377  3.342   -18.845 1.00 33.17 ? 116 ASN A N   1 
ATOM   827  C  CA  . ASN A 1 118 ? -1.302  4.506   -17.970 1.00 32.67 ? 116 ASN A CA  1 
ATOM   828  C  C   . ASN A 1 118 ? -0.034  4.595   -17.100 1.00 31.35 ? 116 ASN A C   1 
ATOM   829  O  O   . ASN A 1 118 ? 0.163   5.583   -16.387 1.00 29.78 ? 116 ASN A O   1 
ATOM   830  C  CB  . ASN A 1 118 ? -2.557  4.595   -17.108 1.00 32.06 ? 116 ASN A CB  1 
ATOM   831  C  CG  . ASN A 1 118 ? -3.790  4.990   -17.905 1.00 32.54 ? 116 ASN A CG  1 
ATOM   832  O  OD1 . ASN A 1 118 ? -4.883  4.499   -17.647 1.00 33.39 ? 116 ASN A OD1 1 
ATOM   833  N  ND2 . ASN A 1 118 ? -3.619  5.869   -18.877 1.00 32.52 ? 116 ASN A ND2 1 
ATOM   834  N  N   . VAL A 1 119 ? 0.825   3.583   -17.166 1.00 29.94 ? 117 VAL A N   1 
ATOM   835  C  CA  . VAL A 1 119 ? 2.071   3.628   -16.410 1.00 30.95 ? 117 VAL A CA  1 
ATOM   836  C  C   . VAL A 1 119 ? 3.344   3.656   -17.280 1.00 31.37 ? 117 VAL A C   1 
ATOM   837  O  O   . VAL A 1 119 ? 4.458   3.598   -16.755 1.00 30.80 ? 117 VAL A O   1 
ATOM   838  C  CB  . VAL A 1 119 ? 2.163   2.456   -15.429 1.00 29.73 ? 117 VAL A CB  1 
ATOM   839  C  CG1 . VAL A 1 119 ? 0.891   2.332   -14.675 1.00 30.11 ? 117 VAL A CG1 1 
ATOM   840  C  CG2 . VAL A 1 119 ? 2.444   1.167   -16.166 1.00 31.18 ? 117 VAL A CG2 1 
ATOM   841  N  N   . LEU A 1 120 ? 3.173   3.754   -18.599 1.00 31.87 ? 118 LEU A N   1 
ATOM   842  C  CA  . LEU A 1 120 ? 4.284   3.602   -19.541 1.00 31.03 ? 118 LEU A CA  1 
ATOM   843  C  C   . LEU A 1 120 ? 4.913   4.917   -19.935 1.00 32.75 ? 118 LEU A C   1 
ATOM   844  O  O   . LEU A 1 120 ? 5.885   4.941   -20.659 1.00 33.88 ? 118 LEU A O   1 
ATOM   845  C  CB  . LEU A 1 120 ? 3.815   2.941   -20.825 1.00 32.70 ? 118 LEU A CB  1 
ATOM   846  C  CG  . LEU A 1 120 ? 3.479   1.455   -20.892 1.00 32.98 ? 118 LEU A CG  1 
ATOM   847  C  CD1 . LEU A 1 120 ? 2.735   1.216   -22.186 1.00 32.24 ? 118 LEU A CD1 1 
ATOM   848  C  CD2 . LEU A 1 120 ? 4.740   0.592   -20.813 1.00 31.48 ? 118 LEU A CD2 1 
ATOM   849  N  N   . HIS A 1 121 ? 4.342   6.021   -19.494 1.00 34.21 ? 119 HIS A N   1 
ATOM   850  C  CA  . HIS A 1 121 ? 4.826   7.313   -19.930 1.00 33.61 ? 119 HIS A CA  1 
ATOM   851  C  C   . HIS A 1 121 ? 5.319   8.132   -18.764 1.00 34.21 ? 119 HIS A C   1 
ATOM   852  O  O   . HIS A 1 121 ? 4.924   7.918   -17.610 1.00 33.75 ? 119 HIS A O   1 
ATOM   853  C  CB  . HIS A 1 121 ? 3.715   8.083   -20.631 1.00 35.28 ? 119 HIS A CB  1 
ATOM   854  C  CG  . HIS A 1 121 ? 3.101   7.351   -21.778 1.00 35.89 ? 119 HIS A CG  1 
ATOM   855  N  ND1 . HIS A 1 121 ? 1.782   6.942   -21.783 1.00 37.45 ? 119 HIS A ND1 1 
ATOM   856  C  CD2 . HIS A 1 121 ? 3.624   6.937   -22.958 1.00 36.90 ? 119 HIS A CD2 1 
ATOM   857  C  CE1 . HIS A 1 121 ? 1.518   6.321   -22.915 1.00 37.63 ? 119 HIS A CE1 1 
ATOM   858  N  NE2 . HIS A 1 121 ? 2.621   6.306   -23.649 1.00 39.06 ? 119 HIS A NE2 1 
ATOM   859  N  N   . PHE A 1 122 ? 6.192   9.080   -19.059 1.00 35.03 ? 120 PHE A N   1 
ATOM   860  C  CA  . PHE A 1 122 ? 6.455   10.092  -18.073 1.00 36.01 ? 120 PHE A CA  1 
ATOM   861  C  C   . PHE A 1 122 ? 5.166   10.904  -17.979 1.00 36.70 ? 120 PHE A C   1 
ATOM   862  O  O   . PHE A 1 122 ? 4.768   11.596  -18.922 1.00 36.74 ? 120 PHE A O   1 
ATOM   863  C  CB  . PHE A 1 122 ? 7.625   10.992  -18.440 1.00 35.66 ? 120 PHE A CB  1 
ATOM   864  C  CG  . PHE A 1 122 ? 7.743   12.174  -17.535 1.00 37.60 ? 120 PHE A CG  1 
ATOM   865  C  CD1 . PHE A 1 122 ? 7.937   11.994  -16.182 1.00 36.49 ? 120 PHE A CD1 1 
ATOM   866  C  CD2 . PHE A 1 122 ? 7.614   13.458  -18.019 1.00 41.70 ? 120 PHE A CD2 1 
ATOM   867  C  CE1 . PHE A 1 122 ? 8.026   13.064  -15.338 1.00 37.00 ? 120 PHE A CE1 1 
ATOM   868  C  CE2 . PHE A 1 122 ? 7.704   14.538  -17.170 1.00 41.10 ? 120 PHE A CE2 1 
ATOM   869  C  CZ  . PHE A 1 122 ? 7.910   14.335  -15.829 1.00 39.65 ? 120 PHE A CZ  1 
ATOM   870  N  N   . SER A 1 123 ? 4.496   10.793  -16.847 1.00 34.29 ? 121 SER A N   1 
ATOM   871  C  CA  . SER A 1 123 ? 3.243   11.473  -16.697 1.00 34.90 ? 121 SER A CA  1 
ATOM   872  C  C   . SER A 1 123 ? 2.960   11.677  -15.220 1.00 35.23 ? 121 SER A C   1 
ATOM   873  O  O   . SER A 1 123 ? 3.165   10.782  -14.408 1.00 34.14 ? 121 SER A O   1 
ATOM   874  C  CB  . SER A 1 123 ? 2.141   10.670  -17.366 1.00 35.33 ? 121 SER A CB  1 
ATOM   875  O  OG  . SER A 1 123 ? 0.872   11.080  -16.904 1.00 38.25 ? 121 SER A OG  1 
ATOM   876  N  N   . GLU A 1 124 ? 2.513   12.874  -14.877 1.00 34.28 ? 122 GLU A N   1 
ATOM   877  C  CA  . GLU A 1 124 ? 2.241   13.188  -13.493 1.00 36.19 ? 122 GLU A CA  1 
ATOM   878  C  C   . GLU A 1 124 ? 0.752   13.325  -13.269 1.00 36.13 ? 122 GLU A C   1 
ATOM   879  O  O   . GLU A 1 124 ? 0.090   14.163  -13.899 1.00 37.37 ? 122 GLU A O   1 
ATOM   880  C  CB  . GLU A 1 124 ? 2.931   14.488  -13.097 1.00 36.92 ? 122 GLU A CB  1 
ATOM   881  C  CG  . GLU A 1 124 ? 4.377   14.336  -12.764 1.00 37.18 ? 122 GLU A CG  1 
ATOM   882  C  CD  . GLU A 1 124 ? 5.038   15.674  -12.552 1.00 40.81 ? 122 GLU A CD  1 
ATOM   883  O  OE1 . GLU A 1 124 ? 5.124   16.447  -13.540 1.00 40.62 ? 122 GLU A OE1 1 
ATOM   884  O  OE2 . GLU A 1 124 ? 5.462   15.951  -11.400 1.00 42.46 ? 122 GLU A OE2 1 
ATOM   885  N  N   . GLY A 1 125 ? 0.227   12.510  -12.359 1.00 33.80 ? 123 GLY A N   1 
ATOM   886  C  CA  . GLY A 1 125 ? -1.197  12.522  -12.067 1.00 33.60 ? 123 GLY A CA  1 
ATOM   887  C  C   . GLY A 1 125 ? -1.950  11.268  -12.486 1.00 32.00 ? 123 GLY A C   1 
ATOM   888  O  O   . GLY A 1 125 ? -1.490  10.497  -13.331 1.00 32.35 ? 123 GLY A O   1 
ATOM   889  N  N   . LEU A 1 126 ? -3.117  11.086  -11.881 1.00 30.73 ? 124 LEU A N   1 
ATOM   890  C  CA  . LEU A 1 126 ? -3.930  9.892   -12.031 1.00 30.69 ? 124 LEU A CA  1 
ATOM   891  C  C   . LEU A 1 126 ? -4.978  10.059  -13.113 1.00 31.24 ? 124 LEU A C   1 
ATOM   892  O  O   . LEU A 1 126 ? -5.379  11.176  -13.430 1.00 31.94 ? 124 LEU A O   1 
ATOM   893  C  CB  . LEU A 1 126 ? -4.632  9.584   -10.712 1.00 30.72 ? 124 LEU A CB  1 
ATOM   894  C  CG  . LEU A 1 126 ? -3.721  9.388   -9.503  1.00 29.59 ? 124 LEU A CG  1 
ATOM   895  C  CD1 . LEU A 1 126 ? -4.513  8.868   -8.328  1.00 27.00 ? 124 LEU A CD1 1 
ATOM   896  C  CD2 . LEU A 1 126 ? -2.555  8.449   -9.855  1.00 29.73 ? 124 LEU A CD2 1 
ATOM   897  N  N   . SER A 1 127 ? -5.401  8.938   -13.688 1.00 31.44 ? 125 SER A N   1 
ATOM   898  C  CA  . SER A 1 127 ? -6.556  8.896   -14.582 1.00 30.76 ? 125 SER A CA  1 
ATOM   899  C  C   . SER A 1 127 ? -7.803  8.823   -13.717 1.00 32.28 ? 125 SER A C   1 
ATOM   900  O  O   . SER A 1 127 ? -7.730  8.416   -12.560 1.00 32.13 ? 125 SER A O   1 
ATOM   901  C  CB  . SER A 1 127 ? -6.482  7.670   -15.484 1.00 28.52 ? 125 SER A CB  1 
ATOM   902  O  OG  . SER A 1 127 ? -6.526  6.475   -14.727 1.00 28.14 ? 125 SER A OG  1 
ATOM   903  N  N   . GLN A 1 128 ? -8.952  9.202   -14.265 1.00 33.49 ? 126 GLN A N   1 
ATOM   904  C  CA  . GLN A 1 128 ? -10.172 9.202   -13.467 1.00 33.05 ? 126 GLN A CA  1 
ATOM   905  C  C   . GLN A 1 128 ? -10.344 7.846   -12.798 1.00 33.66 ? 126 GLN A C   1 
ATOM   906  O  O   . GLN A 1 128 ? -10.593 7.770   -11.590 1.00 33.77 ? 126 GLN A O   1 
ATOM   907  C  CB  . GLN A 1 128 ? -11.402 9.576   -14.307 1.00 33.77 ? 126 GLN A CB  1 
ATOM   908  C  CG  . GLN A 1 128 ? -12.696 9.729   -13.489 1.00 34.97 ? 126 GLN A CG  1 
ATOM   909  C  CD  . GLN A 1 128 ? -12.631 10.856  -12.459 1.00 37.93 ? 126 GLN A CD  1 
ATOM   910  O  OE1 . GLN A 1 128 ? -12.466 12.021  -12.817 1.00 39.89 ? 126 GLN A OE1 1 
ATOM   911  N  NE2 . GLN A 1 128 ? -12.773 10.512  -11.177 1.00 36.91 ? 126 GLN A NE2 1 
ATOM   912  N  N   . GLY A 1 129 ? -10.180 6.781   -13.584 1.00 31.83 ? 127 GLY A N   1 
ATOM   913  C  CA  . GLY A 1 129 ? -10.268 5.421   -13.077 1.00 30.61 ? 127 GLY A CA  1 
ATOM   914  C  C   . GLY A 1 129 ? -9.375  5.132   -11.880 1.00 32.43 ? 127 GLY A C   1 
ATOM   915  O  O   . GLY A 1 129 ? -9.853  4.697   -10.826 1.00 33.14 ? 127 GLY A O   1 
ATOM   916  N  N   . ALA A 1 130 ? -8.071  5.367   -12.034 1.00 32.62 ? 128 ALA A N   1 
ATOM   917  C  CA  . ALA A 1 130 ? -7.130  5.170   -10.931 1.00 32.49 ? 128 ALA A CA  1 
ATOM   918  C  C   . ALA A 1 130 ? -7.471  6.050   -9.720  1.00 31.39 ? 128 ALA A C   1 
ATOM   919  O  O   . ALA A 1 130 ? -7.387  5.607   -8.586  1.00 31.31 ? 128 ALA A O   1 
ATOM   920  C  CB  . ALA A 1 130 ? -5.703  5.416   -11.392 1.00 30.83 ? 128 ALA A CB  1 
ATOM   921  N  N   . SER A 1 131 ? -7.851  7.293   -9.973  1.00 31.53 ? 129 SER A N   1 
ATOM   922  C  CA  . SER A 1 131 ? -8.326  8.179   -8.910  1.00 32.60 ? 129 SER A CA  1 
ATOM   923  C  C   . SER A 1 131 ? -9.497  7.574   -8.129  1.00 32.38 ? 129 SER A C   1 
ATOM   924  O  O   . SER A 1 131 ? -9.452  7.472   -6.905  1.00 32.36 ? 129 SER A O   1 
ATOM   925  C  CB  . SER A 1 131 ? -8.729  9.530   -9.484  1.00 32.85 ? 129 SER A CB  1 
ATOM   926  O  OG  . SER A 1 131 ? -9.525  10.240  -8.554  1.00 35.73 ? 129 SER A OG  1 
ATOM   927  N  N   . ASP A 1 132 ? -10.543 7.175   -8.836  1.00 32.31 ? 130 ASP A N   1 
ATOM   928  C  CA  . ASP A 1 132 ? -11.656 6.483   -8.203  1.00 32.61 ? 130 ASP A CA  1 
ATOM   929  C  C   . ASP A 1 132 ? -11.157 5.299   -7.379  1.00 32.43 ? 130 ASP A C   1 
ATOM   930  O  O   . ASP A 1 132 ? -11.548 5.124   -6.224  1.00 32.19 ? 130 ASP A O   1 
ATOM   931  C  CB  . ASP A 1 132 ? -12.668 6.003   -9.253  1.00 32.75 ? 130 ASP A CB  1 
ATOM   932  C  CG  . ASP A 1 132 ? -13.392 7.153   -9.957  1.00 35.03 ? 130 ASP A CG  1 
ATOM   933  O  OD1 . ASP A 1 132 ? -13.307 8.318   -9.495  1.00 35.78 ? 130 ASP A OD1 1 
ATOM   934  O  OD2 . ASP A 1 132 ? -14.042 6.888   -10.992 1.00 36.26 ? 130 ASP A OD2 1 
ATOM   935  N  N   . SER A 1 133 ? -10.290 4.493   -7.992  1.00 33.23 ? 131 SER A N   1 
ATOM   936  C  CA  . SER A 1 133 ? -9.687  3.321   -7.352  1.00 31.73 ? 131 SER A CA  1 
ATOM   937  C  C   . SER A 1 133 ? -9.034  3.620   -6.010  1.00 31.72 ? 131 SER A C   1 
ATOM   938  O  O   . SER A 1 133 ? -9.104  2.809   -5.091  1.00 31.55 ? 131 SER A O   1 
ATOM   939  C  CB  . SER A 1 133 ? -8.636  2.703   -8.269  1.00 31.84 ? 131 SER A CB  1 
ATOM   940  O  OG  . SER A 1 133 ? -9.235  2.091   -9.391  1.00 33.22 ? 131 SER A OG  1 
ATOM   941  N  N   . ALA A 1 134 ? -8.370  4.770   -5.911  1.00 31.39 ? 132 ALA A N   1 
ATOM   942  C  CA  . ALA A 1 134 ? -7.714  5.171   -4.671  1.00 31.06 ? 132 ALA A CA  1 
ATOM   943  C  C   . ALA A 1 134 ? -8.740  5.451   -3.568  1.00 31.97 ? 132 ALA A C   1 
ATOM   944  O  O   . ALA A 1 134 ? -8.557  5.049   -2.426  1.00 31.98 ? 132 ALA A O   1 
ATOM   945  C  CB  . ALA A 1 134 ? -6.821  6.373   -4.900  1.00 30.00 ? 132 ALA A CB  1 
ATOM   946  N  N   . PHE A 1 135 ? -9.828  6.126   -3.917  1.00 32.49 ? 133 PHE A N   1 
ATOM   947  C  CA  . PHE A 1 135 ? -10.918 6.333   -2.970  1.00 32.70 ? 133 PHE A CA  1 
ATOM   948  C  C   . PHE A 1 135 ? -11.587 5.043   -2.542  1.00 33.02 ? 133 PHE A C   1 
ATOM   949  O  O   . PHE A 1 135 ? -11.899 4.872   -1.367  1.00 34.80 ? 133 PHE A O   1 
ATOM   950  C  CB  . PHE A 1 135 ? -11.930 7.343   -3.498  1.00 33.28 ? 133 PHE A CB  1 
ATOM   951  C  CG  . PHE A 1 135 ? -11.451 8.759   -3.389  1.00 34.75 ? 133 PHE A CG  1 
ATOM   952  C  CD1 . PHE A 1 135 ? -11.524 9.433   -2.180  1.00 34.41 ? 133 PHE A CD1 1 
ATOM   953  C  CD2 . PHE A 1 135 ? -10.875 9.394   -4.475  1.00 34.48 ? 133 PHE A CD2 1 
ATOM   954  C  CE1 . PHE A 1 135 ? -11.067 10.719  -2.069  1.00 35.89 ? 133 PHE A CE1 1 
ATOM   955  C  CE2 . PHE A 1 135 ? -10.411 10.678  -4.367  1.00 33.89 ? 133 PHE A CE2 1 
ATOM   956  C  CZ  . PHE A 1 135 ? -10.510 11.344  -3.163  1.00 35.40 ? 133 PHE A CZ  1 
ATOM   957  N  N   . VAL A 1 136 ? -11.780 4.129   -3.486  1.00 31.50 ? 134 VAL A N   1 
ATOM   958  C  CA  . VAL A 1 136 ? -12.275 2.796   -3.169  1.00 31.48 ? 134 VAL A CA  1 
ATOM   959  C  C   . VAL A 1 136 ? -11.320 2.057   -2.226  1.00 32.52 ? 134 VAL A C   1 
ATOM   960  O  O   . VAL A 1 136 ? -11.750 1.347   -1.310  1.00 33.52 ? 134 VAL A O   1 
ATOM   961  C  CB  . VAL A 1 136 ? -12.506 1.977   -4.461  1.00 31.69 ? 134 VAL A CB  1 
ATOM   962  C  CG1 . VAL A 1 136 ? -12.687 0.505   -4.150  1.00 30.73 ? 134 VAL A CG1 1 
ATOM   963  C  CG2 . VAL A 1 136 ? -13.692 2.524   -5.234  1.00 28.53 ? 134 VAL A CG2 1 
ATOM   964  N  N   . ALA A 1 137 ? -10.021 2.247   -2.455  1.00 33.33 ? 135 ALA A N   1 
ATOM   965  C  CA  . ALA A 1 137 ? -8.965  1.687   -1.606  1.00 33.38 ? 135 ALA A CA  1 
ATOM   966  C  C   . ALA A 1 137 ? -8.937  2.308   -0.192  1.00 34.14 ? 135 ALA A C   1 
ATOM   967  O  O   . ALA A 1 137 ? -8.661  1.623   0.794   1.00 33.75 ? 135 ALA A O   1 
ATOM   968  C  CB  . ALA A 1 137 ? -7.607  1.835   -2.287  1.00 31.28 ? 135 ALA A CB  1 
ATOM   969  N  N   . LEU A 1 138 ? -9.211  3.606   -0.107  1.00 34.07 ? 136 LEU A N   1 
ATOM   970  C  CA  . LEU A 1 138 ? -9.379  4.272   1.164   1.00 33.95 ? 136 LEU A CA  1 
ATOM   971  C  C   . LEU A 1 138 ? -10.507 3.566   1.906   1.00 36.32 ? 136 LEU A C   1 
ATOM   972  O  O   . LEU A 1 138 ? -10.409 3.271   3.099   1.00 37.40 ? 136 LEU A O   1 
ATOM   973  C  CB  . LEU A 1 138 ? -9.739  5.722   0.918   1.00 34.60 ? 136 LEU A CB  1 
ATOM   974  C  CG  . LEU A 1 138 ? -9.872  6.632   2.135   1.00 36.80 ? 136 LEU A CG  1 
ATOM   975  C  CD1 . LEU A 1 138 ? -8.634  6.592   3.019   1.00 37.00 ? 136 LEU A CD1 1 
ATOM   976  C  CD2 . LEU A 1 138 ? -10.143 8.026   1.639   1.00 37.32 ? 136 LEU A CD2 1 
ATOM   977  N  N   . GLY A 1 139 ? -11.576 3.275   1.176   1.00 35.95 ? 137 GLY A N   1 
ATOM   978  C  CA  . GLY A 1 139 ? -12.710 2.574   1.732   1.00 35.56 ? 137 GLY A CA  1 
ATOM   979  C  C   . GLY A 1 139 ? -12.266 1.352   2.498   1.00 38.43 ? 137 GLY A C   1 
ATOM   980  O  O   . GLY A 1 139 ? -12.637 1.167   3.663   1.00 38.50 ? 137 GLY A O   1 
ATOM   981  N  N   . ARG A 1 140 ? -11.452 0.520   1.849   1.00 37.02 ? 138 ARG A N   1 
ATOM   982  C  CA  . ARG A 1 140 ? -11.037 -0.755  2.434   1.00 36.13 ? 138 ARG A CA  1 
ATOM   983  C  C   . ARG A 1 140 ? -10.100 -0.608  3.631   1.00 35.17 ? 138 ARG A C   1 
ATOM   984  O  O   . ARG A 1 140 ? -10.079 -1.464  4.516   1.00 34.57 ? 138 ARG A O   1 
ATOM   985  C  CB  . ARG A 1 140 ? -10.418 -1.658  1.363   1.00 37.09 ? 138 ARG A CB  1 
ATOM   986  C  CG  . ARG A 1 140 ? -11.171 -1.614  0.039   1.00 37.19 ? 138 ARG A CG  1 
ATOM   987  C  CD  . ARG A 1 140 ? -12.565 -2.220  0.160   1.00 38.49 ? 138 ARG A CD  1 
ATOM   988  N  NE  . ARG A 1 140 ? -12.483 -3.650  0.459   1.00 40.54 ? 138 ARG A NE  1 
ATOM   989  C  CZ  . ARG A 1 140 ? -12.202 -4.594  -0.440  1.00 41.74 ? 138 ARG A CZ  1 
ATOM   990  N  NH1 . ARG A 1 140 ? -11.977 -4.268  -1.717  1.00 38.23 ? 138 ARG A NH1 1 
ATOM   991  N  NH2 . ARG A 1 140 ? -12.148 -5.872  -0.064  1.00 41.31 ? 138 ARG A NH2 1 
ATOM   992  N  N   . ILE A 1 141 ? -9.330  0.475   3.662   1.00 35.42 ? 139 ILE A N   1 
ATOM   993  C  CA  . ILE A 1 141 ? -8.434  0.726   4.794   1.00 36.05 ? 139 ILE A CA  1 
ATOM   994  C  C   . ILE A 1 141 ? -9.291  1.058   5.982   1.00 35.78 ? 139 ILE A C   1 
ATOM   995  O  O   . ILE A 1 141 ? -9.012  0.635   7.095   1.00 35.53 ? 139 ILE A O   1 
ATOM   996  C  CB  . ILE A 1 141 ? -7.426  1.891   4.542   1.00 36.55 ? 139 ILE A CB  1 
ATOM   997  C  CG1 . ILE A 1 141 ? -6.300  1.426   3.628   1.00 33.46 ? 139 ILE A CG1 1 
ATOM   998  C  CG2 . ILE A 1 141 ? -6.801  2.353   5.846   1.00 35.99 ? 139 ILE A CG2 1 
ATOM   999  C  CD1 . ILE A 1 141 ? -5.480  0.320   4.245   1.00 32.90 ? 139 ILE A CD1 1 
ATOM   1000 N  N   . LYS A 1 142 ? -10.347 1.817   5.719   1.00 36.40 ? 140 LYS A N   1 
ATOM   1001 C  CA  . LYS A 1 142 ? -11.314 2.171   6.738   1.00 37.59 ? 140 LYS A CA  1 
ATOM   1002 C  C   . LYS A 1 142 ? -12.039 0.926   7.243   1.00 37.47 ? 140 LYS A C   1 
ATOM   1003 O  O   . LYS A 1 142 ? -12.325 0.820   8.435   1.00 37.91 ? 140 LYS A O   1 
ATOM   1004 C  CB  . LYS A 1 142 ? -12.314 3.181   6.191   1.00 38.06 ? 140 LYS A CB  1 
ATOM   1005 C  CG  . LYS A 1 142 ? -11.743 4.557   5.938   1.00 39.02 ? 140 LYS A CG  1 
ATOM   1006 C  CD  . LYS A 1 142 ? -12.762 5.419   5.222   1.00 40.55 ? 140 LYS A CD  1 
ATOM   1007 C  CE  . LYS A 1 142 ? -12.499 6.906   5.409   1.00 43.24 ? 140 LYS A CE  1 
ATOM   1008 N  NZ  . LYS A 1 142 ? -13.385 7.739   4.526   1.00 42.74 ? 140 LYS A NZ  1 
ATOM   1009 N  N   . GLU A 1 143 ? -12.325 -0.020  6.346   1.00 36.83 ? 141 GLU A N   1 
ATOM   1010 C  CA  . GLU A 1 143 ? -12.991 -1.267  6.746   1.00 36.59 ? 141 GLU A CA  1 
ATOM   1011 C  C   . GLU A 1 143 ? -12.062 -2.089  7.622   1.00 36.28 ? 141 GLU A C   1 
ATOM   1012 O  O   . GLU A 1 143 ? -12.484 -2.656  8.636   1.00 36.81 ? 141 GLU A O   1 
ATOM   1013 C  CB  . GLU A 1 143 ? -13.458 -2.077  5.528   1.00 36.68 ? 141 GLU A CB  1 
ATOM   1014 C  CG  . GLU A 1 143 ? -14.468 -1.339  4.643   1.00 38.27 ? 141 GLU A CG  1 
ATOM   1015 C  CD  . GLU A 1 143 ? -14.610 -1.931  3.237   1.00 40.41 ? 141 GLU A CD  1 
ATOM   1016 O  OE1 . GLU A 1 143 ? -14.429 -3.165  3.081   1.00 38.13 ? 141 GLU A OE1 1 
ATOM   1017 O  OE2 . GLU A 1 143 ? -14.912 -1.149  2.295   1.00 41.42 ? 141 GLU A OE2 1 
ATOM   1018 N  N   . LEU A 1 144 ? -10.789 -2.131  7.238   1.00 35.95 ? 142 LEU A N   1 
ATOM   1019 C  CA  . LEU A 1 144 ? -9.783  -2.866  7.997   1.00 35.83 ? 142 LEU A CA  1 
ATOM   1020 C  C   . LEU A 1 144 ? -9.595  -2.263  9.376   1.00 34.93 ? 142 LEU A C   1 
ATOM   1021 O  O   . LEU A 1 144 ? -9.433  -2.972  10.365  1.00 34.20 ? 142 LEU A O   1 
ATOM   1022 C  CB  . LEU A 1 144 ? -8.455  -2.860  7.258   1.00 35.48 ? 142 LEU A CB  1 
ATOM   1023 C  CG  . LEU A 1 144 ? -7.322  -3.379  8.133   1.00 35.19 ? 142 LEU A CG  1 
ATOM   1024 C  CD1 . LEU A 1 144 ? -7.550  -4.849  8.466   1.00 34.04 ? 142 LEU A CD1 1 
ATOM   1025 C  CD2 . LEU A 1 144 ? -5.978  -3.142  7.466   1.00 35.05 ? 142 LEU A CD2 1 
ATOM   1026 N  N   . ASP A 1 145 ? -9.621  -0.937  9.415   1.00 35.97 ? 143 ASP A N   1 
ATOM   1027 C  CA  . ASP A 1 145 ? -9.486  -0.175  10.644  1.00 36.32 ? 143 ASP A CA  1 
ATOM   1028 C  C   . ASP A 1 145 ? -10.555 -0.549  11.656  1.00 38.68 ? 143 ASP A C   1 
ATOM   1029 O  O   . ASP A 1 145 ? -10.263 -0.764  12.837  1.00 39.42 ? 143 ASP A O   1 
ATOM   1030 C  CB  . ASP A 1 145 ? -9.601  1.301   10.338  1.00 36.44 ? 143 ASP A CB  1 
ATOM   1031 C  CG  . ASP A 1 145 ? -9.054  2.147   11.437  1.00 40.50 ? 143 ASP A CG  1 
ATOM   1032 O  OD1 . ASP A 1 145 ? -8.212  1.653   12.211  1.00 42.31 ? 143 ASP A OD1 1 
ATOM   1033 O  OD2 . ASP A 1 145 ? -9.463  3.311   11.530  1.00 44.48 ? 143 ASP A OD2 1 
ATOM   1034 N  N   . GLY A 1 146 ? -11.796 -0.617  11.172  1.00 38.56 ? 144 GLY A N   1 
ATOM   1035 C  CA  . GLY A 1 146 ? -12.935 -1.037  11.963  1.00 37.24 ? 144 GLY A CA  1 
ATOM   1036 C  C   . GLY A 1 146 ? -12.802 -2.456  12.459  1.00 38.16 ? 144 GLY A C   1 
ATOM   1037 O  O   . GLY A 1 146 ? -13.073 -2.749  13.622  1.00 40.23 ? 144 GLY A O   1 
HETATM 1038 N  N   . MSE A 1 147 ? -12.379 -3.352  11.584  1.00 35.82 ? 145 MSE A N   1 
HETATM 1039 C  CA  . MSE A 1 147 ? -12.166 -4.714  12.023  1.00 36.75 ? 145 MSE A CA  1 
HETATM 1040 C  C   . MSE A 1 147 ? -11.164 -4.780  13.166  1.00 39.37 ? 145 MSE A C   1 
HETATM 1041 O  O   . MSE A 1 147 ? -11.367 -5.511  14.131  1.00 39.64 ? 145 MSE A O   1 
HETATM 1042 C  CB  . MSE A 1 147 ? -11.695 -5.582  10.873  1.00 36.56 ? 145 MSE A CB  1 
HETATM 1043 C  CG  . MSE A 1 147 ? -11.431 -6.995  11.290  1.00 39.13 ? 145 MSE A CG  1 
HETATM 1044 SE SE  . MSE A 1 147 ? -10.241 -7.888  10.045  1.00 55.71 ? 145 MSE A SE  1 
HETATM 1045 C  CE  . MSE A 1 147 ? -8.560  -7.703  11.063  1.00 45.61 ? 145 MSE A CE  1 
ATOM   1046 N  N   . LEU A 1 148 ? -10.081 -4.009  13.055  1.00 40.16 ? 146 LEU A N   1 
ATOM   1047 C  CA  . LEU A 1 148 ? -9.028  -4.004  14.074  1.00 39.61 ? 146 LEU A CA  1 
ATOM   1048 C  C   . LEU A 1 148 ? -9.476  -3.526  15.456  1.00 41.01 ? 146 LEU A C   1 
ATOM   1049 O  O   . LEU A 1 148 ? -8.709  -3.611  16.409  1.00 44.25 ? 146 LEU A O   1 
ATOM   1050 C  CB  . LEU A 1 148 ? -7.805  -3.213  13.607  1.00 39.46 ? 146 LEU A CB  1 
ATOM   1051 C  CG  . LEU A 1 148 ? -6.969  -3.884  12.510  1.00 37.55 ? 146 LEU A CG  1 
ATOM   1052 C  CD1 . LEU A 1 148 ? -6.092  -2.857  11.828  1.00 36.12 ? 146 LEU A CD1 1 
ATOM   1053 C  CD2 . LEU A 1 148 ? -6.147  -5.041  13.043  1.00 35.32 ? 146 LEU A CD2 1 
ATOM   1054 N  N   . LYS A 1 149 ? -10.718 -3.052  15.569  1.00 42.90 ? 147 LYS A N   1 
ATOM   1055 C  CA  . LYS A 1 149 ? -11.309 -2.706  16.866  1.00 40.81 ? 147 LYS A CA  1 
ATOM   1056 C  C   . LYS A 1 149 ? -12.424 -3.681  17.301  1.00 42.43 ? 147 LYS A C   1 
ATOM   1057 O  O   . LYS A 1 149 ? -12.903 -4.536  16.532  1.00 40.97 ? 147 LYS A O   1 
ATOM   1058 C  CB  . LYS A 1 149 ? -11.833 -1.272  16.826  1.00 40.59 ? 147 LYS A CB  1 
ATOM   1059 C  CG  . LYS A 1 149 ? -10.770 -0.240  16.494  1.00 39.78 ? 147 LYS A CG  1 
ATOM   1060 C  CD  . LYS A 1 149 ? -11.356 1.021   15.867  1.00 39.69 ? 147 LYS A CD  1 
ATOM   1061 C  CE  . LYS A 1 149 ? -10.277 2.098   15.781  1.00 46.85 ? 147 LYS A CE  1 
ATOM   1062 N  NZ  . LYS A 1 149 ? -10.750 3.405   15.226  1.00 51.18 ? 147 LYS A NZ  1 
HETATM 1063 O  O   . HOH B 2 .   ? -7.029  1.921   -11.225 1.00 30.31 ? 156 HOH A O   1 
HETATM 1064 O  O   . HOH B 2 .   ? 1.682   2.969   -6.334  1.00 29.37 ? 157 HOH A O   1 
HETATM 1065 O  O   . HOH B 2 .   ? 2.179   6.921   -17.673 1.00 32.40 ? 158 HOH A O   1 
HETATM 1066 O  O   . HOH B 2 .   ? 1.201   10.212  -10.959 1.00 32.82 ? 159 HOH A O   1 
HETATM 1067 O  O   . HOH B 2 .   ? -5.322  2.630   -14.961 1.00 29.24 ? 160 HOH A O   1 
HETATM 1068 O  O   . HOH B 2 .   ? -8.543  10.612  -16.918 1.00 37.93 ? 161 HOH A O   1 
HETATM 1069 O  O   . HOH B 2 .   ? 6.974   9.456   -6.887  1.00 32.68 ? 162 HOH A O   1 
HETATM 1070 O  O   . HOH B 2 .   ? 12.106  5.615   -0.582  1.00 34.60 ? 163 HOH A O   1 
HETATM 1071 O  O   . HOH B 2 .   ? -3.763  -1.520  -20.799 1.00 35.76 ? 164 HOH A O   1 
HETATM 1072 O  O   . HOH B 2 .   ? -14.445 0.408   -0.781  1.00 36.35 ? 165 HOH A O   1 
HETATM 1073 O  O   . HOH B 2 .   ? 0.072   10.533  -8.249  1.00 33.84 ? 166 HOH A O   1 
# 
